data_4I59
#
_entry.id   4I59
#
_cell.length_a   86.518
_cell.length_b   139.457
_cell.length_c   177.206
_cell.angle_alpha   90.00
_cell.angle_beta   90.00
_cell.angle_gamma   90.00
#
_symmetry.space_group_name_H-M   'P 21 21 21'
#
loop_
_entity.id
_entity.type
_entity.pdbx_description
1 polymer 'Cyclohexylamine Oxidase'
2 non-polymer 'FLAVIN-ADENINE DINUCLEOTIDE'
3 non-polymer CYCLOHEXANONE
#
_entity_poly.entity_id   1
_entity_poly.type   'polypeptide(L)'
_entity_poly.pdbx_seq_one_letter_code
;THLNTYESVTPDPDVDVIIIGAGISGSAAAKALHDQGASVLVVEANDRIGGRTWTEQEGAPGGPIDYGGMFIGETHTHLI
ELGTSLGLEMTPSGKPGDDTYIVAGNVLRAPDDQLDPNLPFVPEFLSSLKALDELADSVGWDQPWASPNAAALDSKTVAT
WLAETIESEEVRRLHTVIVNTLLGADPYEVSLLYWAYYVSECEGIQSLMGTRDGAQWAWWFGGAAQVSWRIADAIGRDKF
LLEWPVDRIEHDESGVTLFSGQRSLRARHIVIAMSPLAANQIRFEPALPTSRAQLQARAPMGRYYKVQARYPSSFWVEQG
YSGALLDTEDVGVFLLDGTKPTDTLATLIGFIGGSNYDRWAAHTPQERERAFLDLLVKAFGPQAADPSYFHETDWTQQEW
AKGGPVTYMPPGVLANFGAALRDPVGKVHFAGTEASFQWSGYMEGGVRAGQKAAAAIAEELERTANKGALV
;
_entity_poly.pdbx_strand_id   A,B,C,D
#
loop_
_chem_comp.id
_chem_comp.type
_chem_comp.name
_chem_comp.formula
CYH non-polymer CYCLOHEXANONE 'C6 H10 O'
FAD non-polymer 'FLAVIN-ADENINE DINUCLEOTIDE' 'C27 H33 N9 O15 P2'
#
# COMPACT_ATOMS: atom_id res chain seq x y z
N PRO A 13 25.66 1.92 -51.59
CA PRO A 13 24.99 1.02 -50.61
C PRO A 13 25.28 -0.41 -51.01
N ASP A 14 26.12 -1.07 -50.22
CA ASP A 14 26.52 -2.44 -50.50
C ASP A 14 25.34 -3.38 -50.71
N VAL A 15 24.28 -3.18 -49.96
CA VAL A 15 23.18 -4.10 -50.09
C VAL A 15 21.90 -3.36 -49.69
N ASP A 16 20.76 -3.99 -49.93
CA ASP A 16 19.47 -3.40 -49.62
C ASP A 16 19.27 -3.20 -48.14
N VAL A 17 19.34 -4.31 -47.43
CA VAL A 17 19.14 -4.37 -46.00
C VAL A 17 20.28 -5.11 -45.26
N ILE A 18 20.75 -4.53 -44.17
CA ILE A 18 21.75 -5.20 -43.35
C ILE A 18 21.04 -5.46 -42.03
N ILE A 19 20.99 -6.72 -41.63
CA ILE A 19 20.35 -7.08 -40.37
C ILE A 19 21.43 -7.23 -39.32
N ILE A 20 21.35 -6.44 -38.26
CA ILE A 20 22.32 -6.53 -37.18
C ILE A 20 21.77 -7.53 -36.16
N GLY A 21 22.51 -8.61 -35.93
CA GLY A 21 22.07 -9.62 -34.98
C GLY A 21 21.71 -10.93 -35.65
N ALA A 22 22.43 -12.00 -35.34
CA ALA A 22 22.11 -13.24 -35.99
C ALA A 22 21.35 -14.20 -35.08
N GLY A 23 20.29 -13.74 -34.43
CA GLY A 23 19.50 -14.63 -33.60
C GLY A 23 18.35 -15.15 -34.44
N ILE A 24 17.42 -15.84 -33.81
CA ILE A 24 16.22 -16.37 -34.48
C ILE A 24 15.61 -15.18 -35.24
N SER A 25 15.45 -14.08 -34.51
CA SER A 25 14.83 -12.88 -35.05
C SER A 25 15.57 -12.27 -36.24
N GLY A 26 16.82 -11.91 -36.03
CA GLY A 26 17.57 -11.33 -37.14
C GLY A 26 17.54 -12.29 -38.31
N SER A 27 17.72 -13.57 -38.02
CA SER A 27 17.72 -14.59 -39.05
C SER A 27 16.38 -14.70 -39.76
N ALA A 28 15.30 -14.72 -39.01
CA ALA A 28 13.98 -14.81 -39.61
C ALA A 28 13.80 -13.60 -40.52
N ALA A 29 14.27 -12.45 -40.07
CA ALA A 29 14.15 -11.22 -40.84
C ALA A 29 14.87 -11.33 -42.18
N ALA A 30 16.08 -11.88 -42.14
CA ALA A 30 16.88 -12.03 -43.35
C ALA A 30 16.29 -13.05 -44.29
N LYS A 31 15.67 -14.11 -43.77
CA LYS A 31 15.08 -15.12 -44.65
C LYS A 31 13.96 -14.46 -45.42
N ALA A 32 13.10 -13.76 -44.70
CA ALA A 32 11.97 -13.07 -45.29
C ALA A 32 12.42 -12.06 -46.33
N LEU A 33 13.25 -11.12 -45.93
CA LEU A 33 13.75 -10.13 -46.86
C LEU A 33 14.37 -10.82 -48.08
N HIS A 34 15.20 -11.84 -47.83
CA HIS A 34 15.84 -12.57 -48.90
C HIS A 34 14.84 -13.20 -49.84
N ASP A 35 13.95 -14.02 -49.32
CA ASP A 35 12.94 -14.66 -50.16
C ASP A 35 12.15 -13.63 -50.98
N GLN A 36 11.97 -12.43 -50.46
CA GLN A 36 11.19 -11.44 -51.18
C GLN A 36 12.02 -10.77 -52.28
N GLY A 37 13.29 -11.13 -52.39
CA GLY A 37 14.11 -10.57 -53.44
C GLY A 37 15.12 -9.48 -53.10
N ALA A 38 15.12 -9.00 -51.86
CA ALA A 38 16.05 -7.94 -51.49
C ALA A 38 17.44 -8.49 -51.28
N SER A 39 18.45 -7.66 -51.50
CA SER A 39 19.82 -8.07 -51.25
C SER A 39 20.00 -7.92 -49.73
N VAL A 40 20.58 -8.92 -49.10
CA VAL A 40 20.67 -8.89 -47.66
C VAL A 40 22.01 -9.30 -47.08
N LEU A 41 22.30 -8.73 -45.92
CA LEU A 41 23.53 -9.02 -45.19
C LEU A 41 23.19 -9.10 -43.69
N VAL A 42 23.76 -10.08 -42.99
CA VAL A 42 23.53 -10.22 -41.55
C VAL A 42 24.88 -10.05 -40.87
N VAL A 43 24.98 -9.02 -40.05
CA VAL A 43 26.21 -8.69 -39.38
C VAL A 43 26.08 -9.16 -37.90
N GLU A 44 26.97 -10.05 -37.46
CA GLU A 44 26.90 -10.63 -36.11
C GLU A 44 28.13 -10.44 -35.21
N ALA A 45 27.89 -9.91 -34.01
CA ALA A 45 28.93 -9.61 -33.03
C ALA A 45 29.89 -10.72 -32.64
N ASN A 46 29.39 -11.88 -32.19
CA ASN A 46 30.40 -12.85 -31.87
C ASN A 46 30.57 -13.94 -32.89
N ASP A 47 31.19 -15.05 -32.51
CA ASP A 47 31.49 -16.08 -33.47
C ASP A 47 30.55 -17.26 -33.63
N ARG A 48 29.27 -17.10 -33.30
CA ARG A 48 28.30 -18.19 -33.46
C ARG A 48 26.96 -17.65 -33.93
N ILE A 49 26.29 -18.41 -34.82
CA ILE A 49 25.01 -18.01 -35.39
C ILE A 49 23.86 -18.12 -34.44
N GLY A 50 23.94 -18.95 -33.42
CA GLY A 50 22.76 -18.96 -32.55
C GLY A 50 22.41 -17.61 -31.90
N GLY A 51 21.20 -17.48 -31.36
CA GLY A 51 20.88 -16.24 -30.67
C GLY A 51 21.12 -16.49 -29.17
N ARG A 52 20.01 -16.46 -28.41
CA ARG A 52 19.98 -16.80 -26.99
C ARG A 52 19.50 -18.24 -27.18
N THR A 53 19.66 -18.72 -28.40
CA THR A 53 19.40 -20.09 -28.83
C THR A 53 20.87 -20.45 -29.04
N TRP A 54 21.37 -21.37 -28.23
CA TRP A 54 22.76 -21.74 -28.29
C TRP A 54 22.75 -23.24 -28.22
N THR A 55 23.24 -23.88 -29.27
CA THR A 55 23.22 -25.33 -29.37
C THR A 55 24.58 -25.98 -29.63
N GLU A 56 24.85 -27.09 -28.96
CA GLU A 56 26.05 -27.84 -29.19
C GLU A 56 25.56 -29.26 -29.45
N GLN A 57 25.48 -29.61 -30.73
CA GLN A 57 24.98 -30.91 -31.16
C GLN A 57 25.86 -32.10 -30.75
N GLU A 58 27.18 -31.97 -30.91
CA GLU A 58 28.05 -33.08 -30.53
C GLU A 58 28.84 -32.75 -29.27
N GLY A 59 28.72 -31.52 -28.81
CA GLY A 59 29.41 -31.16 -27.60
C GLY A 59 29.28 -32.21 -26.50
N ALA A 60 28.29 -32.04 -25.63
CA ALA A 60 28.06 -32.93 -24.50
C ALA A 60 27.50 -34.33 -24.78
N PRO A 61 27.65 -35.22 -23.79
CA PRO A 61 27.20 -36.62 -23.81
C PRO A 61 25.73 -36.76 -23.56
N GLY A 62 25.13 -37.75 -24.21
CA GLY A 62 23.70 -38.01 -24.04
C GLY A 62 22.93 -37.54 -25.25
N GLY A 63 23.42 -36.49 -25.87
CA GLY A 63 22.76 -35.96 -27.03
C GLY A 63 23.00 -34.48 -27.13
N PRO A 64 22.41 -33.82 -28.12
CA PRO A 64 22.56 -32.38 -28.34
C PRO A 64 22.10 -31.68 -27.10
N ILE A 65 22.72 -30.55 -26.79
CA ILE A 65 22.35 -29.78 -25.60
C ILE A 65 22.08 -28.32 -26.00
N ASP A 66 21.08 -27.71 -25.37
CA ASP A 66 20.75 -26.30 -25.61
C ASP A 66 21.04 -25.51 -24.35
N TYR A 67 21.83 -24.44 -24.48
CA TYR A 67 22.16 -23.62 -23.33
C TYR A 67 21.19 -22.46 -23.21
N GLY A 68 20.46 -22.20 -24.30
CA GLY A 68 19.51 -21.10 -24.25
C GLY A 68 18.10 -21.60 -24.38
N GLY A 69 17.32 -20.90 -25.19
CA GLY A 69 15.95 -21.24 -25.44
C GLY A 69 15.82 -22.55 -26.15
N MET A 70 14.80 -23.33 -25.82
CA MET A 70 14.60 -24.62 -26.45
C MET A 70 13.15 -25.07 -26.51
N PHE A 71 12.28 -24.46 -25.71
CA PHE A 71 10.89 -24.87 -25.73
C PHE A 71 10.03 -24.15 -26.75
N ILE A 72 9.28 -24.91 -27.56
CA ILE A 72 8.35 -24.34 -28.54
C ILE A 72 6.96 -24.42 -27.94
N GLY A 73 6.23 -23.30 -27.92
CA GLY A 73 4.89 -23.30 -27.36
C GLY A 73 3.85 -23.86 -28.31
N GLU A 74 2.75 -24.43 -27.80
CA GLU A 74 1.76 -25.00 -28.70
C GLU A 74 1.16 -24.00 -29.66
N THR A 75 1.23 -22.72 -29.32
CA THR A 75 0.67 -21.73 -30.23
C THR A 75 1.76 -20.91 -30.92
N HIS A 76 3.01 -21.37 -30.85
CA HIS A 76 4.12 -20.64 -31.48
C HIS A 76 4.15 -20.91 -32.98
N THR A 77 3.05 -20.52 -33.58
CA THR A 77 2.79 -20.69 -34.98
C THR A 77 3.89 -20.30 -35.95
N HIS A 78 4.44 -19.10 -35.84
CA HIS A 78 5.49 -18.74 -36.77
C HIS A 78 6.74 -19.57 -36.58
N LEU A 79 7.07 -19.88 -35.34
CA LEU A 79 8.27 -20.67 -35.09
C LEU A 79 8.09 -22.06 -35.72
N ILE A 80 6.94 -22.67 -35.50
CA ILE A 80 6.65 -23.98 -36.05
C ILE A 80 6.67 -24.01 -37.57
N GLU A 81 6.09 -22.98 -38.18
CA GLU A 81 6.05 -22.92 -39.63
C GLU A 81 7.48 -22.84 -40.20
N LEU A 82 8.22 -21.85 -39.72
CA LEU A 82 9.61 -21.60 -40.13
C LEU A 82 10.49 -22.79 -39.88
N GLY A 83 10.34 -23.39 -38.70
CA GLY A 83 11.16 -24.54 -38.38
C GLY A 83 10.89 -25.63 -39.40
N THR A 84 9.61 -25.90 -39.59
CA THR A 84 9.18 -26.92 -40.51
C THR A 84 9.68 -26.67 -41.92
N SER A 85 9.47 -25.46 -42.42
CA SER A 85 9.90 -25.11 -43.76
C SER A 85 11.39 -25.35 -43.95
N LEU A 86 12.14 -25.29 -42.86
CA LEU A 86 13.58 -25.50 -42.88
C LEU A 86 13.91 -26.99 -42.76
N GLY A 87 12.85 -27.79 -42.66
CA GLY A 87 13.02 -29.22 -42.55
C GLY A 87 13.33 -29.80 -41.18
N LEU A 88 13.17 -29.00 -40.12
CA LEU A 88 13.44 -29.49 -38.78
C LEU A 88 12.21 -30.27 -38.30
N GLU A 89 12.39 -31.16 -37.33
CA GLU A 89 11.28 -31.94 -36.82
C GLU A 89 11.07 -31.68 -35.32
N MET A 90 9.83 -31.69 -34.87
CA MET A 90 9.55 -31.45 -33.46
C MET A 90 9.23 -32.70 -32.68
N THR A 91 9.50 -32.69 -31.38
CA THR A 91 9.15 -33.80 -30.50
C THR A 91 8.56 -33.20 -29.21
N PRO A 92 7.51 -33.83 -28.67
CA PRO A 92 6.82 -33.41 -27.44
C PRO A 92 7.76 -33.19 -26.27
N SER A 93 7.63 -32.04 -25.61
CA SER A 93 8.46 -31.75 -24.45
C SER A 93 7.88 -32.46 -23.22
N GLY A 94 6.56 -32.56 -23.15
CA GLY A 94 5.92 -33.19 -22.00
C GLY A 94 6.35 -34.58 -21.58
N LYS A 95 6.08 -34.93 -20.31
CA LYS A 95 6.37 -36.24 -19.72
C LYS A 95 5.23 -36.61 -18.79
N PRO A 96 4.87 -37.90 -18.74
CA PRO A 96 3.78 -38.35 -17.88
C PRO A 96 4.18 -38.44 -16.43
N GLY A 97 3.26 -38.09 -15.55
CA GLY A 97 3.57 -38.16 -14.14
C GLY A 97 3.08 -36.95 -13.38
N ASP A 98 3.21 -37.00 -12.07
CA ASP A 98 2.78 -35.90 -11.26
C ASP A 98 3.84 -34.83 -11.24
N ASP A 99 3.39 -33.57 -11.16
CA ASP A 99 4.30 -32.44 -11.10
C ASP A 99 4.65 -32.29 -9.63
N THR A 100 5.70 -31.55 -9.34
CA THR A 100 6.13 -31.41 -7.96
C THR A 100 6.32 -29.98 -7.47
N TYR A 101 5.82 -29.68 -6.27
CA TYR A 101 6.03 -28.36 -5.69
C TYR A 101 6.83 -28.55 -4.41
N ILE A 102 7.88 -27.75 -4.22
CA ILE A 102 8.60 -27.81 -2.96
C ILE A 102 8.23 -26.46 -2.32
N VAL A 103 7.31 -26.51 -1.38
CA VAL A 103 6.86 -25.30 -0.69
C VAL A 103 7.27 -25.36 0.78
N ALA A 104 7.83 -24.28 1.30
CA ALA A 104 8.25 -24.27 2.69
C ALA A 104 9.20 -25.43 2.99
N GLY A 105 9.85 -25.97 1.97
CA GLY A 105 10.78 -27.06 2.20
C GLY A 105 10.17 -28.43 2.09
N ASN A 106 8.86 -28.51 2.09
CA ASN A 106 8.18 -29.78 1.99
C ASN A 106 7.86 -30.15 0.57
N VAL A 107 7.97 -31.43 0.27
CA VAL A 107 7.70 -31.90 -1.08
C VAL A 107 6.23 -32.21 -1.23
N LEU A 108 5.59 -31.58 -2.22
CA LEU A 108 4.17 -31.78 -2.52
C LEU A 108 4.04 -32.26 -3.96
N ARG A 109 3.17 -33.24 -4.21
CA ARG A 109 2.99 -33.70 -5.58
C ARG A 109 1.66 -33.20 -6.09
N ALA A 110 1.56 -32.96 -7.39
CA ALA A 110 0.32 -32.45 -7.90
C ALA A 110 -0.10 -33.11 -9.19
N PRO A 111 -1.00 -34.09 -9.10
CA PRO A 111 -1.55 -34.84 -10.23
C PRO A 111 -2.25 -33.89 -11.18
N ASP A 112 -1.59 -33.62 -12.32
CA ASP A 112 -2.10 -32.70 -13.34
C ASP A 112 -2.12 -31.31 -12.77
N ASP A 113 -0.99 -30.91 -12.20
CA ASP A 113 -0.80 -29.60 -11.59
C ASP A 113 -2.00 -29.23 -10.75
N GLN A 114 -2.51 -30.22 -10.03
CA GLN A 114 -3.65 -30.04 -9.13
C GLN A 114 -3.17 -30.35 -7.73
N LEU A 115 -2.81 -29.33 -6.97
CA LEU A 115 -2.35 -29.51 -5.59
C LEU A 115 -3.49 -29.85 -4.64
N ASP A 116 -3.23 -30.63 -3.59
CA ASP A 116 -4.27 -30.96 -2.64
C ASP A 116 -4.98 -29.68 -2.22
N PRO A 117 -6.28 -29.56 -2.51
CA PRO A 117 -7.15 -28.42 -2.21
C PRO A 117 -7.16 -28.06 -0.74
N ASN A 118 -6.90 -29.06 0.10
CA ASN A 118 -6.88 -28.84 1.54
C ASN A 118 -5.59 -28.17 2.01
N LEU A 119 -4.61 -28.07 1.12
CA LEU A 119 -3.39 -27.41 1.51
C LEU A 119 -3.86 -26.00 1.83
N PRO A 120 -3.44 -25.46 2.98
CA PRO A 120 -3.85 -24.11 3.36
C PRO A 120 -3.61 -22.98 2.35
N PHE A 121 -2.46 -22.97 1.68
CA PHE A 121 -2.16 -21.92 0.72
C PHE A 121 -2.86 -22.04 -0.63
N VAL A 122 -3.33 -23.22 -0.99
CA VAL A 122 -3.92 -23.41 -2.30
C VAL A 122 -5.05 -22.48 -2.76
N PRO A 123 -6.15 -22.42 -2.02
CA PRO A 123 -7.19 -21.52 -2.52
C PRO A 123 -6.82 -20.06 -2.80
N GLU A 124 -6.05 -19.42 -1.92
CA GLU A 124 -5.69 -18.03 -2.18
C GLU A 124 -4.69 -17.94 -3.31
N PHE A 125 -3.94 -19.02 -3.52
CA PHE A 125 -2.96 -19.06 -4.61
C PHE A 125 -3.76 -19.03 -5.91
N LEU A 126 -4.75 -19.92 -6.03
CA LEU A 126 -5.59 -19.95 -7.21
C LEU A 126 -6.23 -18.57 -7.41
N SER A 127 -6.82 -18.09 -6.34
CA SER A 127 -7.50 -16.81 -6.33
C SER A 127 -6.54 -15.71 -6.84
N SER A 128 -5.33 -15.64 -6.28
CA SER A 128 -4.37 -14.62 -6.68
C SER A 128 -3.96 -14.80 -8.13
N LEU A 129 -3.86 -16.05 -8.56
CA LEU A 129 -3.51 -16.38 -9.93
C LEU A 129 -4.58 -15.75 -10.88
N LYS A 130 -5.85 -15.95 -10.53
CA LYS A 130 -6.96 -15.41 -11.30
C LYS A 130 -6.90 -13.88 -11.28
N ALA A 131 -6.40 -13.33 -10.17
CA ALA A 131 -6.26 -11.90 -10.02
C ALA A 131 -5.27 -11.41 -11.05
N LEU A 132 -4.10 -12.06 -11.09
CA LEU A 132 -3.06 -11.70 -12.02
C LEU A 132 -3.59 -11.71 -13.46
N ASP A 133 -4.30 -12.77 -13.85
CA ASP A 133 -4.82 -12.83 -15.20
C ASP A 133 -5.76 -11.68 -15.49
N GLU A 134 -6.59 -11.33 -14.52
CA GLU A 134 -7.52 -10.21 -14.71
C GLU A 134 -6.77 -8.89 -14.89
N LEU A 135 -5.72 -8.71 -14.10
CA LEU A 135 -4.93 -7.51 -14.19
C LEU A 135 -4.26 -7.49 -15.57
N ALA A 136 -3.87 -8.67 -16.05
CA ALA A 136 -3.22 -8.76 -17.35
C ALA A 136 -4.21 -8.39 -18.45
N ASP A 137 -5.50 -8.55 -18.22
CA ASP A 137 -6.42 -8.15 -19.25
C ASP A 137 -6.71 -6.65 -19.18
N SER A 138 -6.63 -6.01 -18.02
CA SER A 138 -6.92 -4.58 -17.95
C SER A 138 -5.93 -3.80 -18.82
N VAL A 139 -4.67 -4.19 -18.79
CA VAL A 139 -3.65 -3.57 -19.64
C VAL A 139 -3.60 -4.63 -20.73
N GLY A 140 -3.18 -4.33 -21.94
CA GLY A 140 -3.19 -5.42 -22.92
C GLY A 140 -1.84 -5.86 -23.45
N TRP A 141 -1.78 -6.29 -24.71
CA TRP A 141 -0.48 -6.66 -25.28
C TRP A 141 -0.11 -5.62 -26.33
N ASP A 142 -1.13 -5.04 -26.95
CA ASP A 142 -0.94 -4.08 -28.00
C ASP A 142 -0.52 -2.66 -27.56
N GLN A 143 -1.12 -2.14 -26.52
CA GLN A 143 -0.74 -0.80 -26.07
C GLN A 143 -0.85 -0.65 -24.56
N PRO A 144 -0.13 -1.49 -23.83
CA PRO A 144 -0.14 -1.46 -22.36
C PRO A 144 -0.07 -0.04 -21.83
N TRP A 145 0.79 0.75 -22.44
CA TRP A 145 1.01 2.11 -22.02
C TRP A 145 -0.22 2.99 -22.13
N ALA A 146 -1.10 2.63 -23.05
CA ALA A 146 -2.32 3.40 -23.27
C ALA A 146 -3.48 2.94 -22.40
N SER A 147 -3.27 1.89 -21.61
CA SER A 147 -4.32 1.39 -20.75
C SER A 147 -4.68 2.43 -19.69
N PRO A 148 -5.95 2.43 -19.26
CA PRO A 148 -6.46 3.36 -18.25
C PRO A 148 -5.74 3.26 -16.94
N ASN A 149 -5.30 2.07 -16.58
CA ASN A 149 -4.63 1.97 -15.29
C ASN A 149 -3.11 1.91 -15.42
N ALA A 150 -2.65 2.24 -16.63
CA ALA A 150 -1.23 2.22 -16.92
C ALA A 150 -0.43 3.05 -15.92
N ALA A 151 -0.87 4.28 -15.69
CA ALA A 151 -0.16 5.16 -14.78
C ALA A 151 -0.04 4.56 -13.39
N ALA A 152 -1.13 4.03 -12.86
CA ALA A 152 -1.08 3.46 -11.52
C ALA A 152 -0.26 2.16 -11.48
N LEU A 153 -0.42 1.34 -12.50
CA LEU A 153 0.30 0.08 -12.52
C LEU A 153 1.79 0.24 -12.70
N ASP A 154 2.21 1.07 -13.66
CA ASP A 154 3.63 1.27 -13.96
C ASP A 154 4.36 2.10 -12.90
N SER A 155 3.64 2.57 -11.88
CA SER A 155 4.20 3.38 -10.77
C SER A 155 4.63 2.60 -9.52
N LYS A 156 4.48 1.27 -9.52
CA LYS A 156 4.83 0.46 -8.36
C LYS A 156 5.45 -0.85 -8.82
N THR A 157 6.08 -1.57 -7.90
CA THR A 157 6.71 -2.82 -8.25
C THR A 157 5.75 -3.97 -8.02
N VAL A 158 6.08 -5.15 -8.56
CA VAL A 158 5.27 -6.36 -8.42
C VAL A 158 5.36 -6.79 -6.97
N ALA A 159 6.50 -6.46 -6.38
CA ALA A 159 6.76 -6.75 -4.99
C ALA A 159 5.72 -6.00 -4.14
N THR A 160 5.59 -4.68 -4.34
CA THR A 160 4.63 -4.01 -3.52
C THR A 160 3.20 -4.52 -3.81
N TRP A 161 2.94 -4.97 -5.03
CA TRP A 161 1.61 -5.49 -5.32
C TRP A 161 1.29 -6.80 -4.57
N LEU A 162 2.28 -7.69 -4.46
CA LEU A 162 2.07 -8.95 -3.74
C LEU A 162 1.80 -8.69 -2.23
N ALA A 163 2.52 -7.71 -1.68
CA ALA A 163 2.38 -7.35 -0.27
C ALA A 163 1.01 -6.76 0.05
N GLU A 164 0.47 -5.99 -0.89
CA GLU A 164 -0.83 -5.36 -0.69
C GLU A 164 -2.00 -6.24 -0.97
N THR A 165 -1.80 -7.22 -1.84
CA THR A 165 -2.87 -8.11 -2.30
C THR A 165 -3.02 -9.48 -1.61
N ILE A 166 -1.90 -10.09 -1.30
CA ILE A 166 -1.91 -11.43 -0.75
C ILE A 166 -1.64 -11.60 0.71
N GLU A 167 -2.38 -12.52 1.30
CA GLU A 167 -2.29 -12.79 2.71
C GLU A 167 -1.23 -13.82 3.06
N SER A 168 -1.37 -14.99 2.46
CA SER A 168 -0.47 -16.12 2.67
C SER A 168 1.00 -15.88 2.30
N GLU A 169 1.90 -16.07 3.25
CA GLU A 169 3.31 -15.88 2.96
C GLU A 169 3.68 -16.84 1.83
N GLU A 170 3.13 -18.06 1.87
CA GLU A 170 3.41 -19.05 0.85
C GLU A 170 2.95 -18.66 -0.56
N VAL A 171 1.78 -18.04 -0.67
CA VAL A 171 1.30 -17.60 -1.98
C VAL A 171 2.32 -16.56 -2.51
N ARG A 172 2.69 -15.61 -1.64
CA ARG A 172 3.67 -14.59 -1.97
C ARG A 172 4.96 -15.25 -2.48
N ARG A 173 5.37 -16.31 -1.81
CA ARG A 173 6.60 -16.95 -2.22
C ARG A 173 6.46 -17.67 -3.56
N LEU A 174 5.27 -18.21 -3.84
CA LEU A 174 5.05 -18.88 -5.13
C LEU A 174 5.13 -17.84 -6.27
N HIS A 175 4.40 -16.74 -6.11
CA HIS A 175 4.43 -15.70 -7.11
C HIS A 175 5.86 -15.23 -7.37
N THR A 176 6.60 -14.98 -6.30
CA THR A 176 7.99 -14.54 -6.43
C THR A 176 8.89 -15.47 -7.29
N VAL A 177 8.86 -16.79 -7.08
CA VAL A 177 9.70 -17.66 -7.91
C VAL A 177 9.22 -17.57 -9.36
N ILE A 178 7.90 -17.54 -9.51
CA ILE A 178 7.33 -17.47 -10.83
C ILE A 178 7.86 -16.25 -11.55
N VAL A 179 7.82 -15.08 -10.91
CA VAL A 179 8.34 -13.88 -11.56
C VAL A 179 9.86 -13.95 -11.74
N ASN A 180 10.55 -14.47 -10.71
CA ASN A 180 12.00 -14.56 -10.75
C ASN A 180 12.48 -15.49 -11.86
N THR A 181 11.60 -16.41 -12.24
CA THR A 181 11.97 -17.38 -13.25
C THR A 181 11.52 -17.06 -14.67
N LEU A 182 10.36 -16.44 -14.85
CA LEU A 182 9.89 -16.12 -16.18
C LEU A 182 10.66 -14.93 -16.76
N LEU A 183 11.00 -14.00 -15.89
CA LEU A 183 11.82 -12.83 -16.22
C LEU A 183 13.07 -13.25 -15.46
N GLY A 184 14.16 -12.52 -15.52
CA GLY A 184 15.28 -13.01 -14.72
C GLY A 184 15.40 -12.08 -13.54
N ALA A 185 14.26 -11.52 -13.14
CA ALA A 185 14.22 -10.54 -12.08
C ALA A 185 13.25 -10.85 -10.97
N ASP A 186 13.45 -10.19 -9.83
CA ASP A 186 12.58 -10.35 -8.68
C ASP A 186 11.46 -9.31 -8.68
N PRO A 187 10.31 -9.66 -8.11
CA PRO A 187 9.22 -8.68 -8.08
C PRO A 187 9.66 -7.32 -7.52
N TYR A 188 10.73 -7.30 -6.72
CA TYR A 188 11.20 -6.02 -6.14
C TYR A 188 11.85 -5.06 -7.13
N GLU A 189 12.09 -5.49 -8.36
CA GLU A 189 12.70 -4.60 -9.33
C GLU A 189 11.94 -4.55 -10.64
N VAL A 190 10.73 -5.09 -10.64
CA VAL A 190 9.94 -5.11 -11.85
C VAL A 190 8.67 -4.30 -11.73
N SER A 191 8.36 -3.52 -12.76
CA SER A 191 7.14 -2.74 -12.79
C SER A 191 5.91 -3.66 -12.86
N LEU A 192 4.87 -3.33 -12.09
CA LEU A 192 3.65 -4.12 -12.09
C LEU A 192 3.03 -4.05 -13.48
N LEU A 193 2.94 -2.85 -14.06
CA LEU A 193 2.37 -2.71 -15.39
C LEU A 193 3.11 -3.64 -16.32
N TYR A 194 4.43 -3.64 -16.21
CA TYR A 194 5.24 -4.48 -17.07
C TYR A 194 4.90 -5.95 -16.97
N TRP A 195 4.66 -6.45 -15.76
CA TRP A 195 4.38 -7.87 -15.65
C TRP A 195 2.95 -8.18 -16.11
N ALA A 196 2.01 -7.31 -15.79
CA ALA A 196 0.64 -7.55 -16.23
C ALA A 196 0.71 -7.69 -17.76
N TYR A 197 1.47 -6.78 -18.38
CA TYR A 197 1.68 -6.76 -19.80
C TYR A 197 2.24 -8.11 -20.27
N TYR A 198 3.33 -8.54 -19.64
CA TYR A 198 3.97 -9.79 -20.01
C TYR A 198 3.00 -10.97 -19.97
N VAL A 199 2.25 -11.09 -18.86
CA VAL A 199 1.31 -12.18 -18.72
C VAL A 199 0.28 -12.05 -19.82
N SER A 200 -0.14 -10.83 -20.08
CA SER A 200 -1.10 -10.64 -21.14
C SER A 200 -0.56 -11.04 -22.52
N GLU A 201 0.62 -10.55 -22.85
CA GLU A 201 1.19 -10.82 -24.16
C GLU A 201 1.71 -12.24 -24.42
N CYS A 202 1.66 -13.10 -23.41
CA CYS A 202 2.09 -14.49 -23.59
C CYS A 202 0.91 -15.41 -23.32
N GLU A 203 -0.28 -14.83 -23.33
CA GLU A 203 -1.54 -15.54 -23.14
C GLU A 203 -1.94 -16.06 -21.75
N GLY A 204 -1.48 -15.37 -20.69
CA GLY A 204 -1.84 -15.74 -19.32
C GLY A 204 -0.83 -16.62 -18.61
N ILE A 205 -0.79 -16.61 -17.27
CA ILE A 205 0.18 -17.48 -16.58
C ILE A 205 -0.16 -18.92 -16.83
N GLN A 206 -1.40 -19.22 -17.17
CA GLN A 206 -1.65 -20.63 -17.41
C GLN A 206 -0.76 -21.14 -18.52
N SER A 207 -0.67 -20.44 -19.65
CA SER A 207 0.21 -20.93 -20.71
C SER A 207 1.66 -20.66 -20.35
N LEU A 208 1.91 -19.51 -19.74
CA LEU A 208 3.26 -19.10 -19.34
C LEU A 208 3.89 -20.16 -18.43
N MET A 209 3.05 -20.77 -17.61
CA MET A 209 3.43 -21.79 -16.64
C MET A 209 3.17 -23.25 -17.00
N GLY A 210 2.79 -23.55 -18.24
CA GLY A 210 2.53 -24.93 -18.59
C GLY A 210 3.68 -25.88 -18.32
N THR A 211 3.40 -27.18 -18.20
CA THR A 211 4.46 -28.16 -17.99
C THR A 211 4.47 -29.17 -19.12
N ARG A 212 3.31 -29.39 -19.74
CA ARG A 212 3.28 -30.34 -20.84
C ARG A 212 2.60 -29.73 -22.04
N ASP A 213 2.22 -28.46 -21.91
CA ASP A 213 1.56 -27.69 -22.98
C ASP A 213 1.76 -26.20 -22.75
N GLY A 214 0.98 -25.39 -23.46
CA GLY A 214 1.15 -23.95 -23.34
C GLY A 214 2.48 -23.56 -23.94
N ALA A 215 3.30 -22.83 -23.18
CA ALA A 215 4.59 -22.41 -23.70
C ALA A 215 5.62 -23.51 -23.73
N GLN A 216 5.43 -24.51 -22.89
CA GLN A 216 6.38 -25.60 -22.80
C GLN A 216 5.76 -26.89 -23.31
N TRP A 217 5.69 -27.03 -24.63
CA TRP A 217 5.11 -28.25 -25.17
C TRP A 217 5.94 -29.07 -26.17
N ALA A 218 6.92 -28.44 -26.82
CA ALA A 218 7.72 -29.17 -27.82
C ALA A 218 9.16 -28.68 -28.04
N TRP A 219 9.97 -29.55 -28.65
CA TRP A 219 11.38 -29.27 -28.96
C TRP A 219 11.72 -29.62 -30.41
N TRP A 220 12.84 -29.12 -30.89
CA TRP A 220 13.31 -29.44 -32.24
C TRP A 220 14.36 -30.53 -32.02
N PHE A 221 14.29 -31.67 -32.73
CA PHE A 221 15.36 -32.64 -32.53
C PHE A 221 16.60 -31.91 -33.10
N GLY A 222 17.72 -32.00 -32.40
CA GLY A 222 18.90 -31.34 -32.95
C GLY A 222 19.26 -30.01 -32.34
N GLY A 223 18.34 -29.39 -31.61
CA GLY A 223 18.65 -28.12 -30.99
C GLY A 223 17.95 -26.93 -31.57
N ALA A 224 17.61 -25.97 -30.72
CA ALA A 224 16.90 -24.77 -31.18
C ALA A 224 17.69 -23.86 -32.09
N ALA A 225 19.02 -23.85 -31.96
CA ALA A 225 19.85 -22.99 -32.80
C ALA A 225 19.74 -23.35 -34.28
N GLN A 226 19.16 -24.50 -34.57
CA GLN A 226 19.04 -24.90 -35.95
C GLN A 226 18.26 -24.02 -36.88
N VAL A 227 17.14 -23.49 -36.42
CA VAL A 227 16.37 -22.60 -37.28
C VAL A 227 17.30 -21.55 -37.86
N SER A 228 18.18 -21.02 -37.03
CA SER A 228 19.11 -20.00 -37.49
C SER A 228 20.14 -20.51 -38.50
N TRP A 229 20.87 -21.56 -38.11
CA TRP A 229 21.90 -22.14 -38.96
C TRP A 229 21.38 -22.52 -40.33
N ARG A 230 20.19 -23.13 -40.29
CA ARG A 230 19.50 -23.56 -41.49
C ARG A 230 19.15 -22.37 -42.38
N ILE A 231 18.71 -21.26 -41.78
CA ILE A 231 18.39 -20.05 -42.54
C ILE A 231 19.67 -19.69 -43.26
N ALA A 232 20.73 -19.46 -42.48
CA ALA A 232 22.03 -19.11 -43.03
C ALA A 232 22.37 -20.01 -44.22
N ASP A 233 22.23 -21.33 -44.04
CA ASP A 233 22.51 -22.25 -45.13
C ASP A 233 21.60 -21.95 -46.32
N ALA A 234 20.30 -21.88 -46.05
CA ALA A 234 19.33 -21.58 -47.08
C ALA A 234 19.63 -20.28 -47.80
N ILE A 235 19.84 -19.21 -47.04
CA ILE A 235 20.09 -17.90 -47.60
C ILE A 235 21.49 -17.65 -48.23
N GLY A 236 22.49 -18.42 -47.79
CA GLY A 236 23.85 -18.24 -48.28
C GLY A 236 24.75 -17.93 -47.10
N ARG A 237 25.34 -18.96 -46.49
CA ARG A 237 26.18 -18.78 -45.31
C ARG A 237 27.11 -17.57 -45.50
N ASP A 238 27.58 -17.39 -46.72
CA ASP A 238 28.47 -16.27 -47.04
C ASP A 238 27.88 -14.90 -46.71
N LYS A 239 26.56 -14.84 -46.53
CA LYS A 239 25.85 -13.58 -46.21
C LYS A 239 25.85 -13.19 -44.73
N PHE A 240 26.23 -14.14 -43.88
CA PHE A 240 26.29 -13.88 -42.46
C PHE A 240 27.70 -13.55 -42.08
N LEU A 241 27.97 -12.32 -41.65
CA LEU A 241 29.31 -11.94 -41.24
C LEU A 241 29.54 -12.03 -39.74
N LEU A 242 30.12 -13.14 -39.28
CA LEU A 242 30.38 -13.29 -37.85
C LEU A 242 31.52 -12.39 -37.41
N GLU A 243 31.64 -12.20 -36.10
CA GLU A 243 32.67 -11.35 -35.52
C GLU A 243 32.71 -9.97 -36.15
N TRP A 244 31.54 -9.36 -36.30
CA TRP A 244 31.41 -8.04 -36.89
C TRP A 244 30.49 -7.23 -35.99
N PRO A 245 30.97 -6.89 -34.78
CA PRO A 245 30.20 -6.11 -33.81
C PRO A 245 29.98 -4.71 -34.34
N VAL A 246 28.73 -4.29 -34.47
CA VAL A 246 28.44 -2.95 -34.94
C VAL A 246 28.64 -2.02 -33.74
N ASP A 247 29.43 -0.95 -33.91
CA ASP A 247 29.62 -0.02 -32.80
C ASP A 247 29.10 1.37 -33.04
N ARG A 248 28.84 1.71 -34.30
CA ARG A 248 28.32 3.02 -34.66
C ARG A 248 27.36 2.87 -35.83
N ILE A 249 26.26 3.64 -35.80
CA ILE A 249 25.26 3.59 -36.85
C ILE A 249 24.97 5.00 -37.32
N GLU A 250 25.40 5.34 -38.54
CA GLU A 250 25.14 6.66 -39.09
C GLU A 250 23.96 6.49 -40.01
N HIS A 251 22.89 7.23 -39.75
CA HIS A 251 21.70 7.06 -40.57
C HIS A 251 21.12 8.39 -41.01
N ASP A 252 20.82 8.47 -42.31
CA ASP A 252 20.25 9.68 -42.90
C ASP A 252 19.02 9.29 -43.67
N GLU A 253 18.64 10.14 -44.60
CA GLU A 253 17.46 9.92 -45.40
C GLU A 253 17.71 8.91 -46.50
N SER A 254 18.97 8.82 -46.92
CA SER A 254 19.37 7.91 -47.97
C SER A 254 19.49 6.48 -47.48
N GLY A 255 20.18 6.29 -46.38
CA GLY A 255 20.33 4.94 -45.89
C GLY A 255 21.11 4.88 -44.61
N VAL A 256 21.74 3.75 -44.38
CA VAL A 256 22.49 3.62 -43.17
C VAL A 256 23.88 3.10 -43.42
N THR A 257 24.80 3.50 -42.55
CA THR A 257 26.17 3.08 -42.63
C THR A 257 26.56 2.54 -41.28
N LEU A 258 26.94 1.27 -41.29
CA LEU A 258 27.37 0.58 -40.09
C LEU A 258 28.88 0.59 -39.98
N PHE A 259 29.37 0.65 -38.74
CA PHE A 259 30.80 0.62 -38.49
C PHE A 259 31.14 -0.45 -37.47
N SER A 260 32.20 -1.17 -37.78
CA SER A 260 32.72 -2.19 -36.90
C SER A 260 34.18 -1.76 -36.83
N GLY A 261 34.48 -0.89 -35.87
CA GLY A 261 35.83 -0.41 -35.76
C GLY A 261 36.10 0.34 -37.03
N GLN A 262 37.19 0.02 -37.72
CA GLN A 262 37.48 0.69 -38.98
C GLN A 262 36.59 0.23 -40.12
N ARG A 263 36.26 -1.06 -40.18
CA ARG A 263 35.42 -1.56 -41.26
C ARG A 263 34.04 -0.91 -41.26
N SER A 264 33.35 -0.99 -42.40
CA SER A 264 32.01 -0.40 -42.50
C SER A 264 31.22 -0.91 -43.71
N LEU A 265 29.89 -0.86 -43.61
CA LEU A 265 28.99 -1.28 -44.67
C LEU A 265 27.93 -0.19 -44.86
N ARG A 266 27.22 -0.26 -45.97
CA ARG A 266 26.16 0.71 -46.28
C ARG A 266 24.93 0.00 -46.84
N ALA A 267 23.77 0.39 -46.35
CA ALA A 267 22.54 -0.23 -46.79
C ALA A 267 21.44 0.79 -46.94
N ARG A 268 20.35 0.38 -47.58
CA ARG A 268 19.23 1.25 -47.77
C ARG A 268 18.41 1.30 -46.48
N HIS A 269 18.39 0.17 -45.78
CA HIS A 269 17.68 0.01 -44.52
C HIS A 269 18.46 -0.95 -43.64
N ILE A 270 18.16 -0.94 -42.35
CA ILE A 270 18.75 -1.88 -41.41
C ILE A 270 17.67 -2.32 -40.42
N VAL A 271 17.85 -3.49 -39.85
CA VAL A 271 16.93 -3.95 -38.83
C VAL A 271 17.85 -4.36 -37.71
N ILE A 272 17.75 -3.67 -36.59
CA ILE A 272 18.56 -4.05 -35.47
C ILE A 272 17.69 -5.08 -34.74
N ALA A 273 18.16 -6.33 -34.76
CA ALA A 273 17.44 -7.44 -34.17
C ALA A 273 18.10 -7.99 -32.92
N MET A 274 18.02 -7.22 -31.83
CA MET A 274 18.60 -7.59 -30.54
C MET A 274 17.77 -6.93 -29.45
N SER A 275 18.13 -7.20 -28.20
CA SER A 275 17.42 -6.60 -27.06
C SER A 275 17.68 -5.12 -26.97
N PRO A 276 16.75 -4.36 -26.37
CA PRO A 276 16.94 -2.91 -26.25
C PRO A 276 18.28 -2.65 -25.55
N LEU A 277 18.55 -3.38 -24.47
CA LEU A 277 19.81 -3.21 -23.75
C LEU A 277 21.03 -3.37 -24.64
N ALA A 278 21.00 -4.43 -25.44
CA ALA A 278 22.08 -4.75 -26.35
C ALA A 278 22.29 -3.68 -27.44
N ALA A 279 21.19 -3.10 -27.92
CA ALA A 279 21.22 -2.09 -28.96
C ALA A 279 21.73 -0.78 -28.38
N ASN A 280 21.55 -0.62 -27.09
CA ASN A 280 21.97 0.58 -26.41
C ASN A 280 23.48 0.66 -26.28
N GLN A 281 24.17 -0.39 -26.71
CA GLN A 281 25.61 -0.39 -26.64
C GLN A 281 26.22 0.08 -27.95
N ILE A 282 25.37 0.57 -28.84
CA ILE A 282 25.79 1.06 -30.15
C ILE A 282 25.59 2.58 -30.22
N ARG A 283 26.53 3.31 -30.84
CA ARG A 283 26.40 4.75 -30.97
C ARG A 283 25.60 5.06 -32.24
N PHE A 284 24.68 6.02 -32.12
CA PHE A 284 23.81 6.46 -33.21
C PHE A 284 24.00 7.93 -33.56
N GLU A 285 24.44 8.23 -34.78
CA GLU A 285 24.57 9.61 -35.24
C GLU A 285 23.62 9.70 -36.42
N PRO A 286 22.57 10.52 -36.29
CA PRO A 286 22.24 11.36 -35.13
C PRO A 286 21.71 10.55 -33.97
N ALA A 287 21.73 11.17 -32.79
CA ALA A 287 21.25 10.54 -31.57
C ALA A 287 19.82 10.10 -31.73
N LEU A 288 19.47 8.97 -31.14
CA LEU A 288 18.11 8.45 -31.23
C LEU A 288 17.12 9.36 -30.56
N PRO A 289 15.88 9.39 -31.05
CA PRO A 289 14.89 10.26 -30.42
C PRO A 289 14.85 9.89 -28.93
N THR A 290 14.42 10.81 -28.08
CA THR A 290 14.50 10.53 -26.64
C THR A 290 13.67 9.41 -25.96
N SER A 291 12.58 8.98 -26.56
CA SER A 291 11.78 7.91 -25.96
C SER A 291 12.45 6.55 -26.16
N ARG A 292 13.02 6.36 -27.35
CA ARG A 292 13.68 5.11 -27.65
C ARG A 292 14.99 5.10 -26.88
N ALA A 293 15.58 6.28 -26.76
CA ALA A 293 16.84 6.45 -26.02
C ALA A 293 16.65 5.99 -24.57
N GLN A 294 15.61 6.52 -23.91
CA GLN A 294 15.27 6.13 -22.54
C GLN A 294 14.98 4.61 -22.50
N LEU A 295 14.05 4.17 -23.35
CA LEU A 295 13.68 2.76 -23.40
C LEU A 295 14.90 1.84 -23.38
N GLN A 296 15.84 2.06 -24.31
CA GLN A 296 17.02 1.22 -24.39
C GLN A 296 17.88 1.28 -23.14
N ALA A 297 18.07 2.48 -22.63
CA ALA A 297 18.90 2.67 -21.45
C ALA A 297 18.25 2.17 -20.19
N ARG A 298 16.94 2.01 -20.22
CA ARG A 298 16.29 1.61 -19.00
C ARG A 298 15.59 0.26 -19.00
N ALA A 299 15.82 -0.56 -20.01
CA ALA A 299 15.18 -1.87 -20.03
C ALA A 299 16.26 -2.96 -19.96
N PRO A 300 16.60 -3.36 -18.73
CA PRO A 300 17.60 -4.38 -18.40
C PRO A 300 17.23 -5.82 -18.81
N MET A 301 18.22 -6.72 -18.68
CA MET A 301 18.05 -8.15 -18.98
C MET A 301 18.02 -8.84 -17.61
N GLY A 302 17.44 -10.03 -17.52
CA GLY A 302 17.38 -10.75 -16.25
C GLY A 302 18.73 -11.26 -15.78
N ARG A 303 18.77 -11.91 -14.62
CA ARG A 303 19.99 -12.47 -14.06
C ARG A 303 19.55 -13.94 -14.04
N TYR A 304 20.22 -14.80 -14.82
CA TYR A 304 19.81 -16.21 -15.00
C TYR A 304 20.88 -17.31 -15.06
N TYR A 305 20.51 -18.51 -14.63
CA TYR A 305 21.38 -19.69 -14.67
C TYR A 305 20.57 -20.80 -15.35
N LYS A 306 21.18 -21.55 -16.27
CA LYS A 306 20.45 -22.67 -16.83
C LYS A 306 21.31 -23.87 -16.46
N VAL A 307 20.80 -24.67 -15.53
CA VAL A 307 21.50 -25.85 -15.08
C VAL A 307 20.97 -27.08 -15.78
N GLN A 308 21.86 -28.05 -16.00
CA GLN A 308 21.49 -29.27 -16.68
C GLN A 308 22.18 -30.51 -16.07
N ALA A 309 21.41 -31.54 -15.74
CA ALA A 309 21.99 -32.73 -15.14
C ALA A 309 21.49 -33.97 -15.88
N ARG A 310 22.41 -34.75 -16.44
CA ARG A 310 22.04 -35.96 -17.18
C ARG A 310 22.35 -37.25 -16.45
N TYR A 311 21.47 -38.23 -16.62
CA TYR A 311 21.63 -39.50 -15.95
C TYR A 311 21.36 -40.59 -16.93
N PRO A 312 21.69 -41.83 -16.55
CA PRO A 312 21.48 -42.99 -17.40
C PRO A 312 20.02 -43.37 -17.63
N SER A 313 19.12 -42.92 -16.76
CA SER A 313 17.71 -43.25 -16.95
C SER A 313 16.83 -42.19 -16.36
N SER A 314 15.59 -42.09 -16.84
CA SER A 314 14.64 -41.11 -16.32
C SER A 314 14.07 -41.63 -15.02
N PHE A 315 14.88 -41.81 -13.98
CA PHE A 315 14.32 -42.32 -12.73
C PHE A 315 13.11 -41.52 -12.24
N TRP A 316 13.09 -40.21 -12.48
CA TRP A 316 11.93 -39.41 -12.08
C TRP A 316 10.67 -39.91 -12.77
N VAL A 317 10.70 -40.05 -14.09
CA VAL A 317 9.52 -40.55 -14.78
C VAL A 317 9.24 -41.97 -14.34
N GLU A 318 10.29 -42.80 -14.26
CA GLU A 318 10.12 -44.21 -13.86
C GLU A 318 9.37 -44.31 -12.52
N GLN A 319 9.51 -43.32 -11.64
CA GLN A 319 8.83 -43.33 -10.34
C GLN A 319 7.48 -42.62 -10.34
N GLY A 320 6.94 -42.26 -11.50
CA GLY A 320 5.66 -41.59 -11.52
C GLY A 320 5.66 -40.08 -11.50
N TYR A 321 6.83 -39.48 -11.61
CA TYR A 321 6.97 -38.02 -11.60
C TYR A 321 7.32 -37.55 -12.98
N SER A 322 6.76 -36.40 -13.37
CA SER A 322 7.01 -35.83 -14.69
C SER A 322 8.36 -35.16 -14.79
N GLY A 323 8.99 -34.90 -13.64
CA GLY A 323 10.27 -34.22 -13.66
C GLY A 323 10.05 -32.72 -13.57
N ALA A 324 8.80 -32.28 -13.77
CA ALA A 324 8.48 -30.85 -13.66
C ALA A 324 8.36 -30.53 -12.16
N LEU A 325 9.04 -29.46 -11.74
CA LEU A 325 9.07 -29.08 -10.34
C LEU A 325 9.20 -27.58 -10.07
N LEU A 326 8.58 -27.10 -9.00
CA LEU A 326 8.61 -25.69 -8.61
C LEU A 326 9.02 -25.61 -7.16
N ASP A 327 10.09 -24.88 -6.86
CA ASP A 327 10.60 -24.77 -5.50
C ASP A 327 10.68 -23.33 -5.05
N THR A 328 10.02 -23.00 -3.95
CA THR A 328 10.05 -21.63 -3.50
C THR A 328 11.25 -21.23 -2.64
N GLU A 329 11.93 -22.17 -2.00
CA GLU A 329 13.04 -21.79 -1.12
C GLU A 329 14.30 -22.64 -1.03
N ASP A 330 14.23 -23.92 -1.38
CA ASP A 330 15.45 -24.70 -1.25
C ASP A 330 16.52 -24.05 -2.11
N VAL A 331 16.19 -23.86 -3.39
CA VAL A 331 17.11 -23.20 -4.32
C VAL A 331 16.45 -21.95 -4.90
N GLY A 332 15.19 -22.10 -5.33
CA GLY A 332 14.45 -21.01 -5.94
C GLY A 332 14.54 -21.30 -7.43
N VAL A 333 13.79 -22.30 -7.88
CA VAL A 333 13.88 -22.69 -9.25
C VAL A 333 12.70 -23.46 -9.81
N PHE A 334 12.64 -23.52 -11.15
CA PHE A 334 11.62 -24.23 -11.90
C PHE A 334 12.47 -25.32 -12.56
N LEU A 335 12.05 -26.59 -12.39
CA LEU A 335 12.72 -27.78 -12.97
C LEU A 335 11.84 -28.29 -14.09
N LEU A 336 12.44 -28.98 -15.04
CA LEU A 336 11.66 -29.49 -16.16
C LEU A 336 12.41 -30.63 -16.85
N ASP A 337 11.68 -31.64 -17.31
CA ASP A 337 12.34 -32.76 -17.97
C ASP A 337 12.78 -32.29 -19.34
N GLY A 338 13.99 -32.67 -19.72
CA GLY A 338 14.49 -32.28 -21.01
C GLY A 338 15.03 -33.46 -21.79
N THR A 339 14.30 -34.57 -21.74
CA THR A 339 14.77 -35.75 -22.43
C THR A 339 14.13 -36.05 -23.77
N LYS A 340 14.95 -36.02 -24.82
CA LYS A 340 14.48 -36.33 -26.16
C LYS A 340 14.50 -37.84 -26.34
N PRO A 341 13.57 -38.38 -27.13
CA PRO A 341 13.42 -39.82 -27.43
C PRO A 341 14.75 -40.33 -27.95
N THR A 342 15.36 -39.45 -28.69
CA THR A 342 16.60 -39.63 -29.35
C THR A 342 17.81 -39.65 -28.42
N ASP A 343 17.76 -38.87 -27.33
CA ASP A 343 18.88 -38.82 -26.39
C ASP A 343 19.25 -40.22 -25.88
N THR A 344 20.47 -40.36 -25.35
CA THR A 344 20.94 -41.63 -24.81
C THR A 344 21.28 -41.42 -23.36
N LEU A 345 20.81 -40.30 -22.83
CA LEU A 345 21.01 -39.96 -21.43
C LEU A 345 19.76 -39.17 -21.03
N ALA A 346 19.17 -39.49 -19.89
CA ALA A 346 17.98 -38.75 -19.47
C ALA A 346 18.48 -37.45 -18.86
N THR A 347 17.70 -36.39 -19.07
CA THR A 347 18.16 -35.13 -18.57
C THR A 347 17.08 -34.25 -17.93
N LEU A 348 17.49 -33.64 -16.82
CA LEU A 348 16.66 -32.76 -16.01
C LEU A 348 17.26 -31.37 -16.09
N ILE A 349 16.48 -30.37 -16.48
CA ILE A 349 17.02 -29.03 -16.57
C ILE A 349 16.34 -28.07 -15.60
N GLY A 350 17.10 -27.19 -14.99
CA GLY A 350 16.52 -26.25 -14.05
C GLY A 350 16.87 -24.80 -14.36
N PHE A 351 15.98 -23.87 -14.01
CA PHE A 351 16.24 -22.47 -14.28
C PHE A 351 16.22 -21.65 -13.00
N ILE A 352 17.29 -20.94 -12.74
CA ILE A 352 17.42 -20.12 -11.55
C ILE A 352 17.59 -18.67 -11.99
N GLY A 353 16.69 -17.80 -11.56
CA GLY A 353 16.80 -16.40 -11.98
C GLY A 353 16.59 -15.33 -10.92
N GLY A 354 16.82 -14.10 -11.34
CA GLY A 354 16.64 -12.97 -10.44
C GLY A 354 17.44 -13.08 -9.15
N SER A 355 16.77 -12.75 -8.05
CA SER A 355 17.35 -12.79 -6.73
C SER A 355 17.81 -14.21 -6.40
N ASN A 356 17.17 -15.19 -7.02
CA ASN A 356 17.56 -16.57 -6.82
C ASN A 356 18.91 -16.78 -7.50
N TYR A 357 19.11 -16.13 -8.63
CA TYR A 357 20.40 -16.20 -9.31
C TYR A 357 21.39 -15.49 -8.37
N ASP A 358 21.07 -14.26 -8.02
CA ASP A 358 21.93 -13.50 -7.13
C ASP A 358 22.44 -14.37 -5.99
N ARG A 359 21.52 -15.09 -5.35
CA ARG A 359 21.85 -15.94 -4.21
C ARG A 359 22.99 -16.93 -4.42
N TRP A 360 22.88 -17.69 -5.50
CA TRP A 360 23.84 -18.72 -5.80
C TRP A 360 25.11 -18.30 -6.46
N ALA A 361 25.03 -17.26 -7.27
CA ALA A 361 26.18 -16.75 -7.97
C ALA A 361 27.17 -16.35 -6.89
N ALA A 362 26.64 -16.14 -5.69
CA ALA A 362 27.43 -15.75 -4.54
C ALA A 362 28.11 -16.92 -3.89
N HIS A 363 27.72 -18.12 -4.28
CA HIS A 363 28.34 -19.32 -3.73
C HIS A 363 29.37 -19.78 -4.73
N THR A 364 30.05 -20.87 -4.40
CA THR A 364 31.07 -21.40 -5.28
C THR A 364 30.43 -22.37 -6.25
N PRO A 365 31.09 -22.57 -7.39
CA PRO A 365 30.59 -23.48 -8.41
C PRO A 365 30.12 -24.79 -7.83
N GLN A 366 30.95 -25.40 -6.97
CA GLN A 366 30.63 -26.67 -6.34
C GLN A 366 29.47 -26.52 -5.34
N GLU A 367 29.49 -25.47 -4.52
CA GLU A 367 28.39 -25.27 -3.60
C GLU A 367 27.08 -25.26 -4.39
N ARG A 368 27.06 -24.54 -5.50
CA ARG A 368 25.90 -24.48 -6.38
C ARG A 368 25.48 -25.87 -6.82
N GLU A 369 26.42 -26.57 -7.44
CA GLU A 369 26.10 -27.89 -7.90
C GLU A 369 25.54 -28.78 -6.80
N ARG A 370 26.19 -28.76 -5.63
CA ARG A 370 25.74 -29.57 -4.51
C ARG A 370 24.30 -29.22 -4.16
N ALA A 371 24.04 -27.93 -4.00
CA ALA A 371 22.71 -27.45 -3.66
C ALA A 371 21.67 -27.93 -4.66
N PHE A 372 21.99 -27.83 -5.95
CA PHE A 372 21.09 -28.23 -7.01
C PHE A 372 20.80 -29.71 -6.98
N LEU A 373 21.87 -30.49 -6.83
CA LEU A 373 21.77 -31.94 -6.78
C LEU A 373 21.00 -32.35 -5.52
N ASP A 374 21.27 -31.69 -4.41
CA ASP A 374 20.56 -31.97 -3.17
C ASP A 374 19.06 -31.91 -3.45
N LEU A 375 18.60 -30.80 -4.01
CA LEU A 375 17.20 -30.58 -4.35
C LEU A 375 16.66 -31.71 -5.22
N LEU A 376 17.34 -31.98 -6.32
CA LEU A 376 16.91 -33.05 -7.21
C LEU A 376 16.70 -34.30 -6.38
N VAL A 377 17.61 -34.56 -5.46
CA VAL A 377 17.47 -35.74 -4.61
C VAL A 377 16.24 -35.67 -3.72
N LYS A 378 16.01 -34.53 -3.08
CA LYS A 378 14.86 -34.38 -2.21
C LYS A 378 13.58 -34.64 -2.98
N ALA A 379 13.60 -34.31 -4.27
CA ALA A 379 12.40 -34.47 -5.09
C ALA A 379 12.28 -35.83 -5.74
N PHE A 380 13.40 -36.34 -6.24
CA PHE A 380 13.34 -37.60 -6.97
C PHE A 380 14.12 -38.79 -6.48
N GLY A 381 14.77 -38.65 -5.33
CA GLY A 381 15.50 -39.80 -4.83
C GLY A 381 17.00 -39.73 -4.99
N PRO A 382 17.72 -40.61 -4.30
CA PRO A 382 19.17 -40.69 -4.32
C PRO A 382 19.83 -40.92 -5.67
N GLN A 383 19.09 -41.41 -6.65
CA GLN A 383 19.70 -41.58 -7.96
C GLN A 383 20.15 -40.24 -8.53
N ALA A 384 19.53 -39.16 -8.09
CA ALA A 384 19.90 -37.85 -8.59
C ALA A 384 21.24 -37.44 -8.01
N ALA A 385 21.53 -37.98 -6.83
CA ALA A 385 22.77 -37.68 -6.14
C ALA A 385 24.02 -37.70 -6.99
N ASP A 386 24.06 -38.49 -8.05
CA ASP A 386 25.27 -38.55 -8.84
C ASP A 386 25.10 -38.60 -10.37
N PRO A 387 25.01 -37.43 -11.02
CA PRO A 387 24.83 -37.36 -12.48
C PRO A 387 25.99 -37.79 -13.36
N SER A 388 25.67 -38.21 -14.57
CA SER A 388 26.67 -38.61 -15.56
C SER A 388 27.28 -37.32 -16.12
N TYR A 389 26.49 -36.26 -16.12
CA TYR A 389 26.92 -34.99 -16.66
C TYR A 389 26.18 -33.83 -16.00
N PHE A 390 26.92 -32.77 -15.74
CA PHE A 390 26.34 -31.59 -15.12
C PHE A 390 26.90 -30.38 -15.83
N HIS A 391 26.06 -29.38 -16.06
CA HIS A 391 26.50 -28.15 -16.72
C HIS A 391 25.70 -26.99 -16.23
N GLU A 392 26.36 -25.85 -16.16
CA GLU A 392 25.73 -24.64 -15.70
C GLU A 392 26.10 -23.60 -16.70
N THR A 393 25.17 -22.73 -17.02
CA THR A 393 25.50 -21.69 -17.97
C THR A 393 24.86 -20.41 -17.41
N ASP A 394 25.76 -19.50 -17.02
CA ASP A 394 25.45 -18.21 -16.41
C ASP A 394 25.17 -17.22 -17.52
N TRP A 395 23.90 -16.92 -17.73
CA TRP A 395 23.57 -15.98 -18.77
C TRP A 395 23.78 -14.54 -18.37
N THR A 396 23.70 -14.27 -17.08
CA THR A 396 23.89 -12.90 -16.67
C THR A 396 25.33 -12.48 -17.04
N GLN A 397 26.23 -13.42 -17.22
CA GLN A 397 27.54 -12.99 -17.65
C GLN A 397 28.01 -13.33 -19.05
N GLN A 398 27.08 -13.61 -19.95
CA GLN A 398 27.43 -13.87 -21.33
C GLN A 398 27.71 -12.51 -21.98
N GLU A 399 28.81 -12.43 -22.71
CA GLU A 399 29.20 -11.17 -23.34
C GLU A 399 28.16 -10.43 -24.19
N TRP A 400 27.50 -11.11 -25.11
CA TRP A 400 26.56 -10.40 -25.96
C TRP A 400 25.10 -10.45 -25.59
N ALA A 401 24.73 -11.37 -24.73
CA ALA A 401 23.34 -11.43 -24.35
C ALA A 401 23.19 -10.52 -23.15
N LYS A 402 24.25 -10.45 -22.35
CA LYS A 402 24.28 -9.62 -21.14
C LYS A 402 23.23 -9.97 -20.08
N GLY A 403 22.75 -11.22 -20.05
CA GLY A 403 21.78 -11.53 -19.02
C GLY A 403 20.58 -12.42 -19.31
N GLY A 404 19.77 -12.54 -18.21
CA GLY A 404 18.51 -13.29 -17.99
C GLY A 404 17.92 -13.98 -19.17
N PRO A 405 16.66 -14.43 -19.12
CA PRO A 405 16.18 -15.09 -20.36
C PRO A 405 15.57 -14.01 -21.26
N VAL A 406 14.95 -13.04 -20.61
CA VAL A 406 14.27 -11.96 -21.30
C VAL A 406 14.65 -10.56 -20.80
N THR A 407 13.98 -9.56 -21.36
CA THR A 407 14.16 -8.18 -20.95
C THR A 407 13.09 -7.92 -19.89
N TYR A 408 13.31 -6.97 -18.99
CA TYR A 408 12.28 -6.62 -18.02
C TYR A 408 12.41 -5.11 -17.84
N MET A 409 11.42 -4.50 -17.19
CA MET A 409 11.48 -3.06 -16.98
C MET A 409 11.09 -2.66 -15.57
N PRO A 410 11.74 -1.60 -15.04
CA PRO A 410 11.43 -1.14 -13.69
C PRO A 410 10.24 -0.20 -13.82
N PRO A 411 9.68 0.22 -12.70
CA PRO A 411 8.54 1.13 -12.76
C PRO A 411 9.01 2.39 -13.49
N GLY A 412 8.10 3.06 -14.19
CA GLY A 412 8.45 4.28 -14.88
C GLY A 412 8.78 4.24 -16.35
N VAL A 413 9.04 3.07 -16.94
CA VAL A 413 9.39 3.06 -18.34
C VAL A 413 8.30 2.60 -19.34
N LEU A 414 7.88 1.34 -19.29
CA LEU A 414 6.89 0.84 -20.25
C LEU A 414 5.76 1.81 -20.60
N ALA A 415 5.23 2.49 -19.59
CA ALA A 415 4.11 3.40 -19.79
C ALA A 415 4.48 4.71 -20.43
N ASN A 416 5.77 5.06 -20.40
CA ASN A 416 6.24 6.34 -20.96
C ASN A 416 6.96 6.22 -22.31
N PHE A 417 7.52 5.05 -22.63
CA PHE A 417 8.24 4.90 -23.90
C PHE A 417 7.95 3.57 -24.57
N GLY A 418 7.01 2.83 -24.01
CA GLY A 418 6.67 1.52 -24.55
C GLY A 418 6.67 1.47 -26.06
N ALA A 419 5.96 2.37 -26.70
CA ALA A 419 5.89 2.37 -28.15
C ALA A 419 7.27 2.35 -28.82
N ALA A 420 8.29 2.86 -28.14
CA ALA A 420 9.64 2.90 -28.72
C ALA A 420 10.13 1.51 -29.06
N LEU A 421 9.50 0.51 -28.45
CA LEU A 421 9.87 -0.88 -28.68
C LEU A 421 9.65 -1.29 -30.11
N ARG A 422 8.70 -0.65 -30.77
CA ARG A 422 8.35 -1.04 -32.13
C ARG A 422 8.56 0.00 -33.23
N ASP A 423 8.33 1.26 -32.92
CA ASP A 423 8.47 2.31 -33.91
C ASP A 423 9.86 2.44 -34.47
N PRO A 424 9.97 2.50 -35.80
CA PRO A 424 11.27 2.64 -36.47
C PRO A 424 11.73 4.06 -36.30
N VAL A 425 13.02 4.29 -36.43
CA VAL A 425 13.56 5.64 -36.34
C VAL A 425 14.15 5.85 -37.73
N GLY A 426 13.34 6.43 -38.61
CA GLY A 426 13.78 6.68 -39.96
C GLY A 426 13.95 5.41 -40.77
N LYS A 427 15.17 5.15 -41.21
CA LYS A 427 15.49 3.97 -42.00
C LYS A 427 15.87 2.77 -41.13
N VAL A 428 16.08 3.00 -39.84
CA VAL A 428 16.44 1.90 -38.96
C VAL A 428 15.14 1.34 -38.38
N HIS A 429 15.01 0.02 -38.46
CA HIS A 429 13.83 -0.68 -37.99
C HIS A 429 14.20 -1.62 -36.86
N PHE A 430 13.23 -1.93 -36.01
CA PHE A 430 13.51 -2.81 -34.89
C PHE A 430 12.88 -4.21 -34.89
N ALA A 431 13.75 -5.20 -34.72
CA ALA A 431 13.33 -6.58 -34.64
C ALA A 431 13.77 -7.02 -33.24
N GLY A 432 14.02 -8.30 -33.04
CA GLY A 432 14.35 -8.73 -31.69
C GLY A 432 12.99 -9.01 -31.05
N THR A 433 12.92 -10.08 -30.27
CA THR A 433 11.69 -10.50 -29.66
C THR A 433 10.95 -9.39 -28.94
N GLU A 434 11.71 -8.52 -28.28
CA GLU A 434 11.10 -7.44 -27.53
C GLU A 434 10.17 -6.56 -28.36
N ALA A 435 10.30 -6.63 -29.68
CA ALA A 435 9.48 -5.82 -30.59
C ALA A 435 8.26 -6.54 -31.11
N SER A 436 8.03 -7.77 -30.63
CA SER A 436 6.88 -8.49 -31.10
C SER A 436 5.65 -7.98 -30.36
N PHE A 437 4.48 -8.12 -31.00
CA PHE A 437 3.26 -7.70 -30.35
C PHE A 437 3.02 -8.68 -29.21
N GLN A 438 2.94 -9.96 -29.56
CA GLN A 438 2.76 -11.04 -28.60
C GLN A 438 3.90 -12.02 -28.64
N TRP A 439 4.08 -12.71 -27.53
CA TRP A 439 5.15 -13.69 -27.36
C TRP A 439 6.55 -13.06 -27.37
N SER A 440 6.60 -11.81 -26.93
CA SER A 440 7.83 -11.03 -26.79
C SER A 440 8.48 -11.65 -25.59
N GLY A 441 9.72 -12.11 -25.73
CA GLY A 441 10.43 -12.75 -24.64
C GLY A 441 10.69 -14.20 -25.00
N TYR A 442 10.13 -14.60 -26.12
CA TYR A 442 10.26 -15.97 -26.60
C TYR A 442 10.73 -16.02 -28.05
N MET A 443 11.16 -17.20 -28.50
CA MET A 443 11.61 -17.37 -29.87
C MET A 443 10.47 -17.00 -30.80
N GLU A 444 9.26 -17.43 -30.47
CA GLU A 444 8.11 -17.09 -31.31
C GLU A 444 8.12 -15.60 -31.59
N GLY A 445 8.24 -14.82 -30.52
CA GLY A 445 8.26 -13.38 -30.66
C GLY A 445 9.41 -12.97 -31.55
N GLY A 446 10.58 -13.53 -31.31
CA GLY A 446 11.72 -13.19 -32.15
C GLY A 446 11.38 -13.39 -33.61
N VAL A 447 10.85 -14.56 -33.94
CA VAL A 447 10.49 -14.85 -35.31
C VAL A 447 9.48 -13.83 -35.84
N ARG A 448 8.44 -13.55 -35.08
CA ARG A 448 7.44 -12.61 -35.53
C ARG A 448 7.97 -11.18 -35.74
N ALA A 449 8.77 -10.71 -34.79
CA ALA A 449 9.33 -9.37 -34.86
C ALA A 449 10.18 -9.24 -36.12
N GLY A 450 10.93 -10.29 -36.41
CA GLY A 450 11.79 -10.29 -37.57
C GLY A 450 11.00 -10.20 -38.85
N GLN A 451 10.00 -11.07 -39.00
CA GLN A 451 9.18 -11.06 -40.20
C GLN A 451 8.42 -9.74 -40.37
N LYS A 452 7.94 -9.15 -39.27
CA LYS A 452 7.20 -7.93 -39.44
C LYS A 452 8.14 -6.83 -39.84
N ALA A 453 9.35 -6.85 -39.28
CA ALA A 453 10.32 -5.81 -39.63
C ALA A 453 10.61 -5.94 -41.13
N ALA A 454 10.80 -7.18 -41.56
CA ALA A 454 11.11 -7.48 -42.95
C ALA A 454 10.04 -6.95 -43.88
N ALA A 455 8.78 -7.23 -43.55
CA ALA A 455 7.65 -6.76 -44.36
C ALA A 455 7.63 -5.24 -44.44
N ALA A 456 7.73 -4.58 -43.28
CA ALA A 456 7.79 -3.13 -43.25
C ALA A 456 8.83 -2.65 -44.28
N ILE A 457 10.05 -3.14 -44.13
CA ILE A 457 11.11 -2.75 -45.04
C ILE A 457 10.78 -3.12 -46.48
N ALA A 458 10.24 -4.32 -46.69
CA ALA A 458 9.90 -4.75 -48.04
C ALA A 458 9.03 -3.69 -48.68
N GLU A 459 8.00 -3.30 -47.94
CA GLU A 459 7.05 -2.29 -48.39
C GLU A 459 7.68 -0.93 -48.70
N GLU A 460 8.81 -0.62 -48.09
CA GLU A 460 9.46 0.65 -48.33
C GLU A 460 10.27 0.62 -49.61
N LEU A 461 10.26 -0.50 -50.31
CA LEU A 461 11.01 -0.61 -51.55
C LEU A 461 10.11 -0.89 -52.77
N PRO B 13 -47.81 -19.15 26.32
CA PRO B 13 -47.29 -18.40 25.16
C PRO B 13 -48.46 -17.68 24.52
N ASP B 14 -48.48 -16.37 24.67
CA ASP B 14 -49.55 -15.53 24.13
C ASP B 14 -49.82 -15.77 22.67
N VAL B 15 -48.77 -16.00 21.90
CA VAL B 15 -48.99 -16.16 20.48
C VAL B 15 -47.88 -17.03 19.92
N ASP B 16 -48.01 -17.44 18.66
CA ASP B 16 -47.04 -18.28 18.02
C ASP B 16 -45.71 -17.60 17.85
N VAL B 17 -45.76 -16.49 17.12
CA VAL B 17 -44.60 -15.68 16.79
C VAL B 17 -44.80 -14.20 17.13
N ILE B 18 -43.79 -13.59 17.74
CA ILE B 18 -43.84 -12.17 18.01
C ILE B 18 -42.72 -11.59 17.17
N ILE B 19 -43.04 -10.64 16.30
CA ILE B 19 -42.04 -10.02 15.45
C ILE B 19 -41.67 -8.70 16.09
N ILE B 20 -40.37 -8.54 16.41
CA ILE B 20 -39.91 -7.29 17.00
C ILE B 20 -39.45 -6.40 15.85
N GLY B 21 -40.08 -5.24 15.71
CA GLY B 21 -39.73 -4.32 14.65
C GLY B 21 -40.83 -4.19 13.61
N ALA B 22 -41.39 -3.00 13.45
CA ALA B 22 -42.46 -2.86 12.48
C ALA B 22 -42.00 -2.17 11.20
N GLY B 23 -40.89 -2.61 10.62
CA GLY B 23 -40.46 -2.01 9.37
C GLY B 23 -41.01 -2.87 8.24
N ILE B 24 -40.57 -2.60 7.02
CA ILE B 24 -40.98 -3.37 5.83
C ILE B 24 -40.74 -4.84 6.19
N SER B 25 -39.53 -5.11 6.68
CA SER B 25 -39.12 -6.46 7.01
C SER B 25 -39.97 -7.13 8.08
N GLY B 26 -40.04 -6.53 9.26
CA GLY B 26 -40.84 -7.13 10.31
C GLY B 26 -42.25 -7.32 9.80
N SER B 27 -42.76 -6.31 9.10
CA SER B 27 -44.11 -6.37 8.57
C SER B 27 -44.28 -7.47 7.54
N ALA B 28 -43.35 -7.59 6.61
CA ALA B 28 -43.43 -8.63 5.60
C ALA B 28 -43.44 -9.98 6.31
N ALA B 29 -42.62 -10.10 7.35
CA ALA B 29 -42.55 -11.34 8.12
C ALA B 29 -43.89 -11.70 8.73
N ALA B 30 -44.56 -10.71 9.31
CA ALA B 30 -45.83 -10.94 9.96
C ALA B 30 -46.92 -11.25 8.96
N LYS B 31 -46.86 -10.67 7.77
CA LYS B 31 -47.89 -10.95 6.76
C LYS B 31 -47.77 -12.42 6.38
N ALA B 32 -46.56 -12.84 6.09
CA ALA B 32 -46.28 -14.21 5.71
C ALA B 32 -46.71 -15.18 6.79
N LEU B 33 -46.17 -15.01 8.00
CA LEU B 33 -46.54 -15.88 9.10
C LEU B 33 -48.07 -15.90 9.27
N HIS B 34 -48.68 -14.72 9.23
CA HIS B 34 -50.12 -14.60 9.38
C HIS B 34 -50.86 -15.38 8.30
N ASP B 35 -50.59 -15.07 7.04
CA ASP B 35 -51.25 -15.78 5.95
C ASP B 35 -51.07 -17.30 6.07
N GLN B 36 -49.98 -17.76 6.65
CA GLN B 36 -49.76 -19.19 6.74
C GLN B 36 -50.55 -19.80 7.90
N GLY B 37 -51.24 -18.96 8.66
CA GLY B 37 -52.04 -19.48 9.76
C GLY B 37 -51.52 -19.33 11.18
N ALA B 38 -50.30 -18.85 11.37
CA ALA B 38 -49.76 -18.72 12.71
C ALA B 38 -50.34 -17.52 13.41
N SER B 39 -50.42 -17.59 14.74
CA SER B 39 -50.89 -16.44 15.52
C SER B 39 -49.68 -15.50 15.59
N VAL B 40 -49.92 -14.23 15.34
CA VAL B 40 -48.81 -13.31 15.29
C VAL B 40 -49.00 -11.98 16.00
N LEU B 41 -47.90 -11.43 16.48
CA LEU B 41 -47.88 -10.15 17.16
C LEU B 41 -46.65 -9.37 16.70
N VAL B 42 -46.81 -8.07 16.45
CA VAL B 42 -45.67 -7.23 16.04
C VAL B 42 -45.50 -6.17 17.12
N VAL B 43 -44.34 -6.20 17.77
CA VAL B 43 -44.06 -5.29 18.85
C VAL B 43 -43.10 -4.20 18.31
N GLU B 44 -43.53 -2.93 18.39
CA GLU B 44 -42.76 -1.80 17.84
C GLU B 44 -42.35 -0.68 18.81
N ALA B 45 -41.06 -0.38 18.84
CA ALA B 45 -40.47 0.62 19.74
C ALA B 45 -41.08 2.01 19.73
N ASN B 46 -41.18 2.68 18.58
CA ASN B 46 -41.78 3.97 18.71
C ASN B 46 -43.20 4.06 18.26
N ASP B 47 -43.69 5.26 18.00
CA ASP B 47 -45.08 5.43 17.67
C ASP B 47 -45.52 5.49 16.22
N ARG B 48 -44.75 4.89 15.30
CA ARG B 48 -45.13 4.89 13.89
C ARG B 48 -44.78 3.56 13.23
N ILE B 49 -45.65 3.09 12.34
CA ILE B 49 -45.47 1.81 11.65
C ILE B 49 -44.40 1.83 10.60
N GLY B 50 -44.06 2.97 10.04
CA GLY B 50 -43.00 2.86 9.04
C GLY B 50 -41.67 2.31 9.55
N GLY B 51 -40.77 1.90 8.65
CA GLY B 51 -39.46 1.45 9.12
C GLY B 51 -38.51 2.64 8.99
N ARG B 52 -37.54 2.49 8.09
CA ARG B 52 -36.60 3.54 7.71
C ARG B 52 -37.34 3.99 6.44
N THR B 53 -38.61 3.59 6.39
CA THR B 53 -39.58 3.97 5.37
C THR B 53 -40.43 4.84 6.30
N TRP B 54 -40.43 6.14 6.02
CA TRP B 54 -41.14 7.08 6.87
C TRP B 54 -41.87 7.97 5.90
N THR B 55 -43.20 7.94 5.99
CA THR B 55 -44.03 8.70 5.07
C THR B 55 -45.04 9.65 5.73
N GLU B 56 -45.18 10.83 5.17
CA GLU B 56 -46.16 11.78 5.65
C GLU B 56 -46.95 12.15 4.41
N GLN B 57 -48.11 11.52 4.24
CA GLN B 57 -48.96 11.72 3.08
C GLN B 57 -49.57 13.14 2.97
N GLU B 58 -50.06 13.69 4.08
CA GLU B 58 -50.64 15.03 4.02
C GLU B 58 -49.73 16.05 4.70
N GLY B 59 -48.68 15.56 5.34
CA GLY B 59 -47.77 16.48 5.98
C GLY B 59 -47.43 17.69 5.11
N ALA B 60 -46.33 17.58 4.36
CA ALA B 60 -45.84 18.66 3.51
C ALA B 60 -46.61 18.98 2.24
N PRO B 61 -46.36 20.18 1.68
CA PRO B 61 -46.97 20.71 0.46
C PRO B 61 -46.37 20.15 -0.80
N GLY B 62 -47.20 19.98 -1.82
CA GLY B 62 -46.74 19.46 -3.09
C GLY B 62 -47.17 18.03 -3.26
N GLY B 63 -47.26 17.31 -2.15
CA GLY B 63 -47.68 15.93 -2.23
C GLY B 63 -47.06 15.16 -1.09
N PRO B 64 -47.28 13.85 -1.04
CA PRO B 64 -46.74 12.98 0.01
C PRO B 64 -45.24 13.09 -0.02
N ILE B 65 -44.61 12.98 1.13
CA ILE B 65 -43.16 13.07 1.22
C ILE B 65 -42.60 11.86 1.97
N ASP B 66 -41.46 11.35 1.52
CA ASP B 66 -40.80 10.21 2.17
C ASP B 66 -39.48 10.70 2.77
N TYR B 67 -39.28 10.44 4.06
CA TYR B 67 -38.07 10.87 4.72
C TYR B 67 -37.03 9.75 4.69
N GLY B 68 -37.49 8.53 4.40
CA GLY B 68 -36.58 7.43 4.35
C GLY B 68 -36.46 6.85 2.97
N GLY B 69 -36.47 5.53 2.90
CA GLY B 69 -36.40 4.82 1.64
C GLY B 69 -37.61 5.06 0.79
N MET B 70 -37.40 5.15 -0.52
CA MET B 70 -38.52 5.39 -1.42
C MET B 70 -38.33 4.81 -2.81
N PHE B 71 -37.09 4.49 -3.18
CA PHE B 71 -36.86 3.95 -4.51
C PHE B 71 -36.99 2.44 -4.62
N ILE B 72 -37.78 1.97 -5.59
CA ILE B 72 -37.95 0.53 -5.84
C ILE B 72 -37.05 0.19 -7.02
N GLY B 73 -36.21 -0.83 -6.89
CA GLY B 73 -35.32 -1.21 -7.98
C GLY B 73 -36.03 -2.05 -9.03
N GLU B 74 -35.56 -2.02 -10.28
CA GLU B 74 -36.24 -2.78 -11.32
C GLU B 74 -36.25 -4.27 -11.06
N THR B 75 -35.34 -4.75 -10.24
CA THR B 75 -35.35 -6.19 -9.94
C THR B 75 -35.81 -6.48 -8.52
N HIS B 76 -36.41 -5.49 -7.86
CA HIS B 76 -36.88 -5.70 -6.48
C HIS B 76 -38.21 -6.44 -6.48
N THR B 77 -38.11 -7.63 -7.03
CA THR B 77 -39.20 -8.55 -7.19
C THR B 77 -40.13 -8.76 -5.99
N HIS B 78 -39.58 -9.08 -4.83
CA HIS B 78 -40.47 -9.29 -3.69
C HIS B 78 -41.18 -8.00 -3.29
N LEU B 79 -40.47 -6.88 -3.34
CA LEU B 79 -41.09 -5.63 -2.95
C LEU B 79 -42.26 -5.32 -3.89
N ILE B 80 -42.02 -5.47 -5.19
CA ILE B 80 -43.06 -5.22 -6.18
C ILE B 80 -44.27 -6.13 -6.03
N GLU B 81 -44.01 -7.41 -5.77
CA GLU B 81 -45.10 -8.36 -5.61
C GLU B 81 -45.98 -7.97 -4.40
N LEU B 82 -45.32 -7.83 -3.25
CA LEU B 82 -45.96 -7.48 -2.00
C LEU B 82 -46.69 -6.16 -2.09
N GLY B 83 -46.04 -5.18 -2.70
CA GLY B 83 -46.67 -3.89 -2.82
C GLY B 83 -47.95 -4.03 -3.61
N THR B 84 -47.82 -4.70 -4.75
CA THR B 84 -48.94 -4.92 -5.64
C THR B 84 -50.07 -5.65 -4.96
N SER B 85 -49.75 -6.76 -4.30
CA SER B 85 -50.76 -7.55 -3.62
C SER B 85 -51.53 -6.73 -2.61
N LEU B 86 -50.89 -5.67 -2.11
CA LEU B 86 -51.50 -4.78 -1.12
C LEU B 86 -52.29 -3.69 -1.82
N GLY B 87 -52.29 -3.73 -3.15
CA GLY B 87 -53.02 -2.76 -3.93
C GLY B 87 -52.34 -1.43 -4.19
N LEU B 88 -51.05 -1.32 -3.91
CA LEU B 88 -50.35 -0.07 -4.15
C LEU B 88 -49.98 0.00 -5.64
N GLU B 89 -49.75 1.20 -6.15
CA GLU B 89 -49.40 1.35 -7.55
C GLU B 89 -48.02 2.02 -7.70
N MET B 90 -47.26 1.63 -8.71
CA MET B 90 -45.94 2.20 -8.91
C MET B 90 -45.89 3.23 -10.03
N THR B 91 -44.94 4.17 -9.94
CA THR B 91 -44.74 5.15 -11.00
C THR B 91 -43.22 5.28 -11.20
N PRO B 92 -42.78 5.39 -12.47
CA PRO B 92 -41.37 5.53 -12.85
C PRO B 92 -40.64 6.65 -12.10
N SER B 93 -39.48 6.32 -11.54
CA SER B 93 -38.70 7.32 -10.83
C SER B 93 -37.92 8.17 -11.85
N GLY B 94 -37.48 7.55 -12.94
CA GLY B 94 -36.70 8.28 -13.94
C GLY B 94 -37.25 9.57 -14.54
N LYS B 95 -36.35 10.39 -15.08
CA LYS B 95 -36.69 11.65 -15.76
C LYS B 95 -35.76 11.80 -16.96
N PRO B 96 -36.29 12.38 -18.04
CA PRO B 96 -35.50 12.57 -19.26
C PRO B 96 -34.54 13.73 -19.16
N GLY B 97 -33.36 13.56 -19.73
CA GLY B 97 -32.41 14.65 -19.67
C GLY B 97 -31.01 14.17 -19.36
N ASP B 98 -30.06 15.08 -19.42
CA ASP B 98 -28.71 14.71 -19.14
C ASP B 98 -28.46 14.69 -17.65
N ASP B 99 -27.60 13.78 -17.22
CA ASP B 99 -27.25 13.67 -15.81
C ASP B 99 -26.14 14.68 -15.60
N THR B 100 -25.86 15.01 -14.35
CA THR B 100 -24.85 16.01 -14.07
C THR B 100 -23.77 15.61 -13.06
N TYR B 101 -22.52 15.90 -13.38
CA TYR B 101 -21.44 15.62 -12.45
C TYR B 101 -20.80 16.96 -12.08
N ILE B 102 -20.57 17.19 -10.79
CA ILE B 102 -19.85 18.39 -10.39
C ILE B 102 -18.52 17.82 -9.89
N VAL B 103 -17.51 17.92 -10.73
CA VAL B 103 -16.19 17.42 -10.39
C VAL B 103 -15.21 18.58 -10.26
N ALA B 104 -14.41 18.58 -9.19
CA ALA B 104 -13.46 19.67 -8.99
C ALA B 104 -14.16 21.03 -9.02
N GLY B 105 -15.45 21.06 -8.76
CA GLY B 105 -16.15 22.33 -8.76
C GLY B 105 -16.77 22.71 -10.09
N ASN B 106 -16.37 22.04 -11.15
CA ASN B 106 -16.89 22.34 -12.46
C ASN B 106 -18.10 21.50 -12.78
N VAL B 107 -19.04 22.09 -13.48
CA VAL B 107 -20.25 21.39 -13.85
C VAL B 107 -20.06 20.66 -15.17
N LEU B 108 -20.28 19.34 -15.17
CA LEU B 108 -20.15 18.51 -16.35
C LEU B 108 -21.49 17.81 -16.61
N ARG B 109 -21.91 17.74 -17.87
CA ARG B 109 -23.16 17.07 -18.17
C ARG B 109 -22.86 15.74 -18.82
N ALA B 110 -23.72 14.76 -18.62
CA ALA B 110 -23.43 13.47 -19.20
C ALA B 110 -24.65 12.82 -19.82
N PRO B 111 -24.79 12.95 -21.14
CA PRO B 111 -25.90 12.38 -21.92
C PRO B 111 -25.92 10.87 -21.75
N ASP B 112 -26.87 10.38 -20.97
CA ASP B 112 -27.02 8.95 -20.68
C ASP B 112 -25.83 8.49 -19.88
N ASP B 113 -25.55 9.23 -18.81
CA ASP B 113 -24.44 8.97 -17.90
C ASP B 113 -23.19 8.63 -18.68
N GLN B 114 -22.98 9.35 -19.77
CA GLN B 114 -21.81 9.18 -20.62
C GLN B 114 -21.04 10.48 -20.59
N LEU B 115 -20.02 10.57 -19.73
CA LEU B 115 -19.19 11.77 -19.64
C LEU B 115 -18.25 11.91 -20.83
N ASP B 116 -17.93 13.15 -21.22
CA ASP B 116 -17.02 13.36 -22.32
C ASP B 116 -15.77 12.50 -22.10
N PRO B 117 -15.51 11.54 -23.01
CA PRO B 117 -14.38 10.61 -22.98
C PRO B 117 -13.03 11.31 -22.91
N ASN B 118 -13.00 12.53 -23.42
CA ASN B 118 -11.76 13.30 -23.40
C ASN B 118 -11.46 13.91 -22.05
N LEU B 119 -12.44 13.85 -21.14
CA LEU B 119 -12.19 14.38 -19.82
C LEU B 119 -11.03 13.51 -19.32
N PRO B 120 -9.99 14.14 -18.78
CA PRO B 120 -8.84 13.38 -18.28
C PRO B 120 -9.11 12.25 -17.28
N PHE B 121 -10.01 12.47 -16.32
CA PHE B 121 -10.30 11.44 -15.34
C PHE B 121 -11.20 10.29 -15.81
N VAL B 122 -11.95 10.49 -16.89
CA VAL B 122 -12.87 9.46 -17.32
C VAL B 122 -12.38 8.03 -17.57
N PRO B 123 -11.39 7.85 -18.45
CA PRO B 123 -10.96 6.47 -18.64
C PRO B 123 -10.54 5.67 -17.41
N GLU B 124 -9.76 6.27 -16.49
CA GLU B 124 -9.35 5.51 -15.32
C GLU B 124 -10.52 5.31 -14.38
N PHE B 125 -11.50 6.21 -14.46
CA PHE B 125 -12.70 6.10 -13.63
C PHE B 125 -13.44 4.83 -14.09
N LEU B 126 -13.67 4.74 -15.39
CA LEU B 126 -14.33 3.56 -15.94
C LEU B 126 -13.55 2.31 -15.55
N SER B 127 -12.26 2.36 -15.81
CA SER B 127 -11.35 1.28 -15.52
C SER B 127 -11.49 0.86 -14.04
N SER B 128 -11.42 1.83 -13.12
CA SER B 128 -11.51 1.52 -11.70
C SER B 128 -12.86 0.96 -11.35
N LEU B 129 -13.89 1.46 -12.01
CA LEU B 129 -15.27 0.99 -11.82
C LEU B 129 -15.31 -0.52 -12.16
N LYS B 130 -14.73 -0.88 -13.30
CA LYS B 130 -14.67 -2.28 -13.73
C LYS B 130 -13.87 -3.11 -12.73
N ALA B 131 -12.88 -2.46 -12.11
CA ALA B 131 -12.04 -3.11 -11.11
C ALA B 131 -12.93 -3.48 -9.94
N LEU B 132 -13.68 -2.50 -9.44
CA LEU B 132 -14.57 -2.71 -8.32
C LEU B 132 -15.53 -3.88 -8.59
N ASP B 133 -16.16 -3.90 -9.76
CA ASP B 133 -17.07 -4.98 -10.07
C ASP B 133 -16.37 -6.33 -10.03
N GLU B 134 -15.15 -6.39 -10.55
CA GLU B 134 -14.41 -7.65 -10.53
C GLU B 134 -14.09 -8.09 -9.12
N LEU B 135 -13.74 -7.15 -8.27
CA LEU B 135 -13.43 -7.45 -6.90
C LEU B 135 -14.71 -7.94 -6.23
N ALA B 136 -15.85 -7.36 -6.64
CA ALA B 136 -17.13 -7.75 -6.06
C ALA B 136 -17.47 -9.19 -6.47
N ASP B 137 -16.94 -9.65 -7.59
CA ASP B 137 -17.23 -11.01 -7.94
C ASP B 137 -16.29 -11.98 -7.23
N SER B 138 -15.07 -11.58 -6.88
CA SER B 138 -14.16 -12.51 -6.21
C SER B 138 -14.76 -12.95 -4.87
N VAL B 139 -15.37 -12.03 -4.14
CA VAL B 139 -16.03 -12.34 -2.89
C VAL B 139 -17.46 -12.38 -3.41
N GLY B 140 -18.39 -13.08 -2.77
CA GLY B 140 -19.73 -13.06 -3.38
C GLY B 140 -20.82 -12.40 -2.56
N TRP B 141 -22.05 -12.89 -2.65
CA TRP B 141 -23.12 -12.33 -1.83
C TRP B 141 -23.51 -13.37 -0.78
N ASP B 142 -23.36 -14.63 -1.14
CA ASP B 142 -23.74 -15.73 -0.28
C ASP B 142 -22.79 -16.03 0.89
N GLN B 143 -21.49 -16.01 0.66
CA GLN B 143 -20.56 -16.29 1.74
C GLN B 143 -19.26 -15.51 1.60
N PRO B 144 -19.37 -14.19 1.55
CA PRO B 144 -18.21 -13.30 1.41
C PRO B 144 -17.07 -13.75 2.31
N TRP B 145 -17.41 -14.11 3.53
CA TRP B 145 -16.43 -14.50 4.51
C TRP B 145 -15.65 -15.73 4.14
N ALA B 146 -16.27 -16.59 3.33
CA ALA B 146 -15.62 -17.82 2.89
C ALA B 146 -14.81 -17.65 1.62
N SER B 147 -14.82 -16.46 1.05
CA SER B 147 -14.05 -16.21 -0.16
C SER B 147 -12.57 -16.34 0.11
N PRO B 148 -11.81 -16.78 -0.91
CA PRO B 148 -10.36 -16.97 -0.82
C PRO B 148 -9.62 -15.71 -0.46
N ASN B 149 -10.11 -14.57 -0.90
CA ASN B 149 -9.38 -13.36 -0.58
C ASN B 149 -10.02 -12.58 0.56
N ALA B 150 -10.94 -13.25 1.25
CA ALA B 150 -11.65 -12.65 2.35
C ALA B 150 -10.70 -12.07 3.39
N ALA B 151 -9.72 -12.87 3.81
CA ALA B 151 -8.78 -12.40 4.82
C ALA B 151 -8.04 -11.15 4.39
N ALA B 152 -7.55 -11.12 3.16
CA ALA B 152 -6.82 -9.94 2.71
C ALA B 152 -7.75 -8.74 2.53
N LEU B 153 -8.93 -8.97 1.98
CA LEU B 153 -9.85 -7.89 1.74
C LEU B 153 -10.40 -7.27 3.01
N ASP B 154 -10.85 -8.11 3.95
CA ASP B 154 -11.44 -7.63 5.20
C ASP B 154 -10.43 -7.05 6.19
N SER B 155 -9.14 -7.09 5.82
CA SER B 155 -8.03 -6.55 6.64
C SER B 155 -7.61 -5.11 6.36
N LYS B 156 -8.26 -4.45 5.41
CA LYS B 156 -7.89 -3.08 5.05
C LYS B 156 -9.15 -2.27 4.75
N THR B 157 -9.02 -0.95 4.69
CA THR B 157 -10.17 -0.11 4.41
C THR B 157 -10.27 0.17 2.93
N VAL B 158 -11.43 0.68 2.51
CA VAL B 158 -11.69 1.01 1.11
C VAL B 158 -10.81 2.19 0.76
N ALA B 159 -10.55 2.99 1.78
CA ALA B 159 -9.71 4.16 1.65
C ALA B 159 -8.30 3.70 1.26
N THR B 160 -7.73 2.75 2.00
CA THR B 160 -6.41 2.35 1.60
C THR B 160 -6.42 1.67 0.22
N TRP B 161 -7.53 1.04 -0.16
CA TRP B 161 -7.59 0.43 -1.48
C TRP B 161 -7.60 1.45 -2.62
N LEU B 162 -8.31 2.57 -2.43
CA LEU B 162 -8.34 3.62 -3.46
C LEU B 162 -6.94 4.25 -3.65
N ALA B 163 -6.22 4.44 -2.55
CA ALA B 163 -4.89 5.01 -2.56
C ALA B 163 -3.87 4.14 -3.28
N GLU B 164 -4.01 2.82 -3.12
CA GLU B 164 -3.10 1.89 -3.73
C GLU B 164 -3.41 1.57 -5.17
N THR B 165 -4.67 1.70 -5.55
CA THR B 165 -5.14 1.34 -6.88
C THR B 165 -5.27 2.45 -7.92
N ILE B 166 -5.72 3.61 -7.48
CA ILE B 166 -6.00 4.70 -8.39
C ILE B 166 -5.03 5.84 -8.43
N GLU B 167 -4.81 6.33 -9.64
CA GLU B 167 -3.88 7.40 -9.88
C GLU B 167 -4.50 8.77 -9.75
N SER B 168 -5.55 9.00 -10.53
CA SER B 168 -6.28 10.27 -10.57
C SER B 168 -6.93 10.69 -9.26
N GLU B 169 -6.58 11.88 -8.77
CA GLU B 169 -7.18 12.36 -7.55
C GLU B 169 -8.68 12.42 -7.75
N GLU B 170 -9.12 12.83 -8.94
CA GLU B 170 -10.54 12.93 -9.25
C GLU B 170 -11.28 11.58 -9.23
N VAL B 171 -10.64 10.52 -9.73
CA VAL B 171 -11.28 9.21 -9.68
C VAL B 171 -11.49 8.84 -8.19
N ARG B 172 -10.43 9.04 -7.39
CA ARG B 172 -10.47 8.78 -5.96
C ARG B 172 -11.64 9.56 -5.33
N ARG B 173 -11.82 10.80 -5.75
CA ARG B 173 -12.87 11.58 -5.17
C ARG B 173 -14.26 11.09 -5.60
N LEU B 174 -14.38 10.57 -6.82
CA LEU B 174 -15.67 10.04 -7.29
C LEU B 174 -16.03 8.79 -6.46
N HIS B 175 -15.09 7.87 -6.34
CA HIS B 175 -15.33 6.67 -5.56
C HIS B 175 -15.75 7.04 -4.14
N THR B 176 -15.03 7.95 -3.52
CA THR B 176 -15.36 8.37 -2.16
C THR B 176 -16.82 8.86 -1.96
N VAL B 177 -17.33 9.73 -2.84
CA VAL B 177 -18.73 10.16 -2.67
C VAL B 177 -19.66 8.97 -2.83
N ILE B 178 -19.32 8.13 -3.81
CA ILE B 178 -20.13 6.98 -4.07
C ILE B 178 -20.23 6.12 -2.82
N VAL B 179 -19.09 5.84 -2.18
CA VAL B 179 -19.14 5.03 -0.96
C VAL B 179 -19.81 5.80 0.19
N ASN B 180 -19.51 7.09 0.29
CA ASN B 180 -20.08 7.91 1.34
C ASN B 180 -21.58 8.01 1.24
N THR B 181 -22.08 7.84 0.03
CA THR B 181 -23.51 7.97 -0.20
C THR B 181 -24.30 6.66 -0.21
N LEU B 182 -23.73 5.58 -0.69
CA LEU B 182 -24.45 4.30 -0.72
C LEU B 182 -24.53 3.69 0.69
N LEU B 183 -23.47 3.89 1.45
CA LEU B 183 -23.37 3.45 2.85
C LEU B 183 -23.42 4.85 3.47
N GLY B 184 -23.44 4.99 4.78
CA GLY B 184 -23.45 6.37 5.24
C GLY B 184 -22.07 6.64 5.82
N ALA B 185 -21.08 5.95 5.25
CA ALA B 185 -19.72 6.01 5.72
C ALA B 185 -18.69 6.35 4.67
N ASP B 186 -17.53 6.78 5.13
CA ASP B 186 -16.42 7.12 4.25
C ASP B 186 -15.50 5.91 4.04
N PRO B 187 -14.86 5.82 2.87
CA PRO B 187 -13.96 4.69 2.65
C PRO B 187 -12.96 4.50 3.79
N TYR B 188 -12.66 5.57 4.54
CA TYR B 188 -11.70 5.46 5.65
C TYR B 188 -12.17 4.65 6.87
N GLU B 189 -13.44 4.27 6.89
CA GLU B 189 -13.92 3.51 8.03
C GLU B 189 -14.67 2.26 7.60
N VAL B 190 -14.56 1.90 6.33
CA VAL B 190 -15.27 0.73 5.82
C VAL B 190 -14.31 -0.34 5.35
N SER B 191 -14.61 -1.59 5.71
CA SER B 191 -13.81 -2.72 5.26
C SER B 191 -13.94 -2.91 3.74
N LEU B 192 -12.82 -3.19 3.08
CA LEU B 192 -12.84 -3.40 1.64
C LEU B 192 -13.69 -4.64 1.33
N LEU B 193 -13.46 -5.72 2.08
CA LEU B 193 -14.24 -6.93 1.86
C LEU B 193 -15.71 -6.57 1.94
N TYR B 194 -16.06 -5.78 2.95
CA TYR B 194 -17.44 -5.39 3.13
C TYR B 194 -18.04 -4.68 1.92
N TRP B 195 -17.27 -3.78 1.32
CA TRP B 195 -17.84 -3.07 0.20
C TRP B 195 -17.90 -3.94 -1.06
N ALA B 196 -16.88 -4.76 -1.27
CA ALA B 196 -16.89 -5.65 -2.42
C ALA B 196 -18.18 -6.46 -2.31
N TYR B 197 -18.44 -6.95 -1.09
CA TYR B 197 -19.62 -7.72 -0.77
C TYR B 197 -20.88 -6.94 -1.15
N TYR B 198 -20.97 -5.72 -0.64
CA TYR B 198 -22.13 -4.88 -0.90
C TYR B 198 -22.40 -4.72 -2.39
N VAL B 199 -21.36 -4.37 -3.16
CA VAL B 199 -21.50 -4.19 -4.59
C VAL B 199 -21.95 -5.49 -5.19
N SER B 200 -21.37 -6.58 -4.71
CA SER B 200 -21.79 -7.86 -5.23
C SER B 200 -23.25 -8.18 -4.93
N GLU B 201 -23.64 -8.02 -3.68
CA GLU B 201 -25.01 -8.36 -3.27
C GLU B 201 -26.12 -7.43 -3.75
N CYS B 202 -25.77 -6.35 -4.43
CA CYS B 202 -26.79 -5.44 -4.95
C CYS B 202 -26.69 -5.39 -6.47
N GLU B 203 -25.98 -6.38 -7.02
CA GLU B 203 -25.80 -6.54 -8.45
C GLU B 203 -24.85 -5.61 -9.22
N GLY B 204 -23.81 -5.11 -8.55
CA GLY B 204 -22.81 -4.24 -9.19
C GLY B 204 -23.06 -2.76 -9.04
N ILE B 205 -22.02 -1.91 -9.15
CA ILE B 205 -22.26 -0.46 -9.00
C ILE B 205 -23.11 0.02 -10.16
N GLN B 206 -23.13 -0.70 -11.27
CA GLN B 206 -23.97 -0.18 -12.32
C GLN B 206 -25.41 -0.08 -11.84
N SER B 207 -25.95 -1.13 -11.23
CA SER B 207 -27.33 -1.02 -10.76
C SER B 207 -27.38 -0.17 -9.49
N LEU B 208 -26.37 -0.31 -8.64
CA LEU B 208 -26.29 0.45 -7.38
C LEU B 208 -26.36 1.94 -7.65
N MET B 209 -25.77 2.33 -8.77
CA MET B 209 -25.67 3.72 -9.21
C MET B 209 -26.63 4.19 -10.30
N GLY B 210 -27.63 3.39 -10.66
CA GLY B 210 -28.55 3.82 -11.70
C GLY B 210 -29.22 5.16 -11.44
N THR B 211 -29.72 5.81 -12.49
CA THR B 211 -30.42 7.09 -12.31
C THR B 211 -31.84 6.96 -12.82
N ARG B 212 -32.06 6.08 -13.79
CA ARG B 212 -33.41 5.92 -14.30
C ARG B 212 -33.80 4.46 -14.32
N ASP B 213 -32.91 3.61 -13.82
CA ASP B 213 -33.12 2.17 -13.74
C ASP B 213 -32.22 1.57 -12.67
N GLY B 214 -32.08 0.25 -12.68
CA GLY B 214 -31.29 -0.42 -11.67
C GLY B 214 -31.99 -0.27 -10.33
N ALA B 215 -31.29 0.22 -9.32
CA ALA B 215 -31.88 0.36 -8.01
C ALA B 215 -32.84 1.53 -7.91
N GLN B 216 -32.64 2.51 -8.77
CA GLN B 216 -33.47 3.70 -8.73
C GLN B 216 -34.34 3.79 -9.96
N TRP B 217 -35.43 3.02 -9.99
CA TRP B 217 -36.30 3.06 -11.15
C TRP B 217 -37.79 3.37 -10.91
N ALA B 218 -38.30 3.14 -9.71
CA ALA B 218 -39.72 3.38 -9.44
C ALA B 218 -40.11 3.76 -8.01
N TRP B 219 -41.32 4.32 -7.87
CA TRP B 219 -41.87 4.74 -6.58
C TRP B 219 -43.30 4.23 -6.40
N TRP B 220 -43.79 4.25 -5.17
CA TRP B 220 -45.17 3.86 -4.87
C TRP B 220 -45.93 5.20 -4.77
N PHE B 221 -47.05 5.37 -5.47
CA PHE B 221 -47.77 6.61 -5.28
C PHE B 221 -48.24 6.53 -3.81
N GLY B 222 -48.12 7.62 -3.07
CA GLY B 222 -48.57 7.56 -1.70
C GLY B 222 -47.52 7.37 -0.64
N GLY B 223 -46.32 6.96 -1.04
CA GLY B 223 -45.26 6.80 -0.06
C GLY B 223 -44.86 5.38 0.21
N ALA B 224 -43.58 5.17 0.48
CA ALA B 224 -43.07 3.82 0.73
C ALA B 224 -43.56 3.17 2.01
N ALA B 225 -43.89 3.97 3.02
CA ALA B 225 -44.36 3.42 4.29
C ALA B 225 -45.67 2.65 4.12
N GLN B 226 -46.31 2.81 2.98
CA GLN B 226 -47.57 2.12 2.77
C GLN B 226 -47.57 0.62 2.83
N VAL B 227 -46.56 -0.01 2.25
CA VAL B 227 -46.52 -1.47 2.29
C VAL B 227 -46.72 -1.90 3.73
N SER B 228 -46.08 -1.22 4.66
CA SER B 228 -46.21 -1.57 6.06
C SER B 228 -47.60 -1.34 6.64
N TRP B 229 -48.10 -0.12 6.51
CA TRP B 229 -49.41 0.26 7.01
C TRP B 229 -50.51 -0.65 6.50
N ARG B 230 -50.41 -0.93 5.21
CA ARG B 230 -51.34 -1.79 4.53
C ARG B 230 -51.29 -3.22 5.10
N ILE B 231 -50.08 -3.71 5.41
CA ILE B 231 -49.94 -5.05 5.98
C ILE B 231 -50.73 -4.99 7.27
N ALA B 232 -50.35 -4.07 8.14
CA ALA B 232 -51.03 -3.90 9.43
C ALA B 232 -52.55 -3.92 9.24
N ASP B 233 -53.06 -3.15 8.29
CA ASP B 233 -54.50 -3.14 8.04
C ASP B 233 -54.95 -4.55 7.64
N ALA B 234 -54.28 -5.13 6.65
CA ALA B 234 -54.62 -6.45 6.19
C ALA B 234 -54.58 -7.48 7.32
N ILE B 235 -53.50 -7.50 8.08
CA ILE B 235 -53.32 -8.46 9.16
C ILE B 235 -54.15 -8.22 10.45
N GLY B 236 -54.54 -6.97 10.69
CA GLY B 236 -55.28 -6.63 11.90
C GLY B 236 -54.49 -5.59 12.68
N ARG B 237 -54.75 -4.32 12.41
CA ARG B 237 -54.02 -3.23 13.06
C ARG B 237 -53.84 -3.53 14.56
N ASP B 238 -54.85 -4.12 15.16
CA ASP B 238 -54.80 -4.47 16.58
C ASP B 238 -53.62 -5.36 16.95
N LYS B 239 -53.01 -6.02 15.96
CA LYS B 239 -51.87 -6.92 16.18
C LYS B 239 -50.50 -6.22 16.27
N PHE B 240 -50.46 -4.95 15.89
CA PHE B 240 -49.24 -4.20 15.95
C PHE B 240 -49.24 -3.38 17.20
N LEU B 241 -48.33 -3.67 18.14
CA LEU B 241 -48.26 -2.90 19.38
C LEU B 241 -47.20 -1.80 19.34
N LEU B 242 -47.62 -0.57 19.06
CA LEU B 242 -46.68 0.53 19.01
C LEU B 242 -46.23 0.91 20.41
N GLU B 243 -45.14 1.69 20.49
CA GLU B 243 -44.58 2.12 21.77
C GLU B 243 -44.36 0.96 22.73
N TRP B 244 -43.77 -0.12 22.23
CA TRP B 244 -43.49 -1.29 23.03
C TRP B 244 -42.04 -1.70 22.73
N PRO B 245 -41.09 -0.90 23.20
CA PRO B 245 -39.67 -1.16 22.99
C PRO B 245 -39.26 -2.40 23.77
N VAL B 246 -38.73 -3.40 23.07
CA VAL B 246 -38.29 -4.61 23.74
C VAL B 246 -36.93 -4.30 24.37
N ASP B 247 -36.75 -4.58 25.66
CA ASP B 247 -35.46 -4.31 26.28
C ASP B 247 -34.74 -5.55 26.80
N ARG B 248 -35.46 -6.65 26.93
CA ARG B 248 -34.88 -7.91 27.39
C ARG B 248 -35.55 -9.07 26.66
N ILE B 249 -34.76 -10.07 26.31
CA ILE B 249 -35.27 -11.25 25.61
C ILE B 249 -34.80 -12.50 26.32
N GLU B 250 -35.72 -13.20 26.98
CA GLU B 250 -35.36 -14.43 27.67
C GLU B 250 -35.78 -15.55 26.75
N HIS B 251 -34.83 -16.40 26.37
CA HIS B 251 -35.16 -17.46 25.43
C HIS B 251 -34.63 -18.79 25.85
N ASP B 252 -35.49 -19.80 25.81
CA ASP B 252 -35.13 -21.16 26.19
C ASP B 252 -35.53 -22.08 25.08
N GLU B 253 -35.67 -23.35 25.42
CA GLU B 253 -36.03 -24.36 24.44
C GLU B 253 -37.51 -24.33 24.12
N SER B 254 -38.29 -23.85 25.06
CA SER B 254 -39.73 -23.76 24.91
C SER B 254 -40.14 -22.58 24.05
N GLY B 255 -39.62 -21.41 24.36
CA GLY B 255 -39.99 -20.27 23.55
C GLY B 255 -39.29 -19.02 24.00
N VAL B 256 -39.92 -17.89 23.75
CA VAL B 256 -39.27 -16.66 24.13
C VAL B 256 -40.22 -15.77 24.90
N THR B 257 -39.62 -14.95 25.77
CA THR B 257 -40.35 -14.02 26.57
C THR B 257 -39.72 -12.67 26.40
N LEU B 258 -40.53 -11.74 25.89
CA LEU B 258 -40.09 -10.38 25.65
C LEU B 258 -40.51 -9.48 26.82
N PHE B 259 -39.67 -8.50 27.11
CA PHE B 259 -39.96 -7.54 28.17
C PHE B 259 -39.85 -6.12 27.66
N SER B 260 -40.82 -5.32 28.05
CA SER B 260 -40.84 -3.91 27.72
C SER B 260 -41.04 -3.32 29.09
N GLY B 261 -39.93 -3.06 29.79
CA GLY B 261 -40.04 -2.53 31.12
C GLY B 261 -40.72 -3.60 31.93
N GLN B 262 -41.79 -3.24 32.63
CA GLN B 262 -42.52 -4.24 33.41
C GLN B 262 -43.35 -5.17 32.53
N ARG B 263 -43.97 -4.66 31.48
CA ARG B 263 -44.81 -5.49 30.63
C ARG B 263 -44.01 -6.61 29.97
N SER B 264 -44.71 -7.64 29.50
CA SER B 264 -44.04 -8.77 28.86
C SER B 264 -44.99 -9.65 28.05
N LEU B 265 -44.44 -10.34 27.04
CA LEU B 265 -45.20 -11.25 26.19
C LEU B 265 -44.42 -12.56 26.08
N ARG B 266 -45.09 -13.60 25.59
CA ARG B 266 -44.47 -14.93 25.43
C ARG B 266 -44.87 -15.53 24.09
N ALA B 267 -43.89 -16.09 23.39
CA ALA B 267 -44.17 -16.67 22.10
C ALA B 267 -43.38 -17.94 21.91
N ARG B 268 -43.73 -18.69 20.88
CA ARG B 268 -43.05 -19.92 20.58
C ARG B 268 -41.75 -19.62 19.85
N HIS B 269 -41.80 -18.54 19.05
CA HIS B 269 -40.65 -18.06 18.28
C HIS B 269 -40.73 -16.55 18.19
N ILE B 270 -39.61 -15.93 17.83
CA ILE B 270 -39.57 -14.48 17.60
C ILE B 270 -38.67 -14.22 16.40
N VAL B 271 -38.91 -13.10 15.74
CA VAL B 271 -38.05 -12.72 14.64
C VAL B 271 -37.70 -11.30 14.98
N ILE B 272 -36.42 -11.05 15.22
CA ILE B 272 -36.01 -9.70 15.50
C ILE B 272 -35.70 -9.15 14.10
N ALA B 273 -36.52 -8.19 13.68
CA ALA B 273 -36.42 -7.59 12.35
C ALA B 273 -35.95 -6.15 12.41
N MET B 274 -34.66 -5.96 12.72
CA MET B 274 -34.05 -4.64 12.80
C MET B 274 -32.57 -4.78 12.47
N SER B 275 -31.85 -3.68 12.45
CA SER B 275 -30.42 -3.69 12.16
C SER B 275 -29.65 -4.35 13.29
N PRO B 276 -28.47 -4.92 13.00
CA PRO B 276 -27.67 -5.55 14.05
C PRO B 276 -27.43 -4.55 15.17
N LEU B 277 -27.06 -3.32 14.82
CA LEU B 277 -26.82 -2.28 15.82
C LEU B 277 -28.02 -2.08 16.74
N ALA B 278 -29.18 -1.99 16.13
CA ALA B 278 -30.42 -1.77 16.85
C ALA B 278 -30.77 -2.94 17.80
N ALA B 279 -30.48 -4.16 17.35
CA ALA B 279 -30.78 -5.36 18.12
C ALA B 279 -29.80 -5.47 19.29
N ASN B 280 -28.65 -4.85 19.12
CA ASN B 280 -27.61 -4.90 20.13
C ASN B 280 -27.97 -4.05 21.33
N GLN B 281 -29.08 -3.33 21.24
CA GLN B 281 -29.50 -2.50 22.35
C GLN B 281 -30.49 -3.25 23.24
N ILE B 282 -30.64 -4.53 22.99
CA ILE B 282 -31.55 -5.38 23.75
C ILE B 282 -30.73 -6.40 24.56
N ARG B 283 -31.15 -6.70 25.80
CA ARG B 283 -30.45 -7.67 26.63
C ARG B 283 -30.99 -9.06 26.33
N PHE B 284 -30.09 -10.04 26.21
CA PHE B 284 -30.43 -11.42 25.93
C PHE B 284 -29.99 -12.38 27.05
N GLU B 285 -30.94 -13.06 27.69
CA GLU B 285 -30.61 -14.05 28.71
C GLU B 285 -31.16 -15.35 28.16
N PRO B 286 -30.28 -16.30 27.85
CA PRO B 286 -28.83 -16.25 28.00
C PRO B 286 -28.17 -15.36 26.96
N ALA B 287 -26.93 -14.98 27.26
CA ALA B 287 -26.15 -14.13 26.37
C ALA B 287 -26.02 -14.77 25.00
N LEU B 288 -26.05 -13.94 23.96
CA LEU B 288 -25.95 -14.45 22.59
C LEU B 288 -24.61 -15.10 22.35
N PRO B 289 -24.57 -16.09 21.46
CA PRO B 289 -23.29 -16.73 21.19
C PRO B 289 -22.31 -15.63 20.77
N THR B 290 -21.01 -15.86 20.93
CA THR B 290 -20.07 -14.78 20.67
C THR B 290 -19.85 -14.17 19.27
N SER B 291 -20.19 -14.89 18.21
CA SER B 291 -20.01 -14.35 16.86
C SER B 291 -21.12 -13.34 16.54
N ARG B 292 -22.33 -13.65 16.98
CA ARG B 292 -23.45 -12.76 16.73
C ARG B 292 -23.29 -11.56 17.64
N ALA B 293 -22.75 -11.84 18.84
CA ALA B 293 -22.51 -10.81 19.84
C ALA B 293 -21.55 -9.75 19.26
N GLN B 294 -20.41 -10.21 18.74
CA GLN B 294 -19.44 -9.33 18.08
C GLN B 294 -20.11 -8.59 16.89
N LEU B 295 -20.70 -9.37 15.99
CA LEU B 295 -21.37 -8.82 14.84
C LEU B 295 -22.25 -7.61 15.18
N GLN B 296 -23.17 -7.80 16.13
CA GLN B 296 -24.06 -6.72 16.52
C GLN B 296 -23.34 -5.52 17.10
N ALA B 297 -22.35 -5.78 17.96
CA ALA B 297 -21.63 -4.71 18.59
C ALA B 297 -20.67 -4.00 17.65
N ARG B 298 -20.35 -4.64 16.54
CA ARG B 298 -19.39 -4.02 15.67
C ARG B 298 -19.88 -3.64 14.28
N ALA B 299 -21.18 -3.67 14.04
CA ALA B 299 -21.67 -3.28 12.72
C ALA B 299 -22.56 -2.03 12.85
N PRO B 300 -21.92 -0.85 12.75
CA PRO B 300 -22.53 0.47 12.84
C PRO B 300 -23.49 0.84 11.68
N MET B 301 -24.20 1.96 11.87
CA MET B 301 -25.13 2.50 10.88
C MET B 301 -24.41 3.72 10.28
N GLY B 302 -24.77 4.14 9.07
CA GLY B 302 -24.13 5.29 8.44
C GLY B 302 -24.49 6.61 9.11
N ARG B 303 -23.94 7.72 8.63
CA ARG B 303 -24.20 9.05 9.16
C ARG B 303 -24.81 9.65 7.88
N TYR B 304 -26.10 10.03 7.93
CA TYR B 304 -26.84 10.50 6.74
C TYR B 304 -27.83 11.67 6.88
N TYR B 305 -28.01 12.41 5.80
CA TYR B 305 -28.95 13.54 5.73
C TYR B 305 -29.80 13.31 4.48
N LYS B 306 -31.11 13.49 4.57
CA LYS B 306 -31.91 13.40 3.35
C LYS B 306 -32.55 14.77 3.21
N VAL B 307 -32.07 15.53 2.23
CA VAL B 307 -32.57 16.86 1.99
C VAL B 307 -33.59 16.84 0.88
N GLN B 308 -34.57 17.72 0.97
CA GLN B 308 -35.62 17.81 -0.02
C GLN B 308 -36.02 19.27 -0.32
N ALA B 309 -36.05 19.63 -1.61
CA ALA B 309 -36.41 21.00 -1.97
C ALA B 309 -37.49 20.97 -3.06
N ARG B 310 -38.64 21.57 -2.78
CA ARG B 310 -39.73 21.59 -3.77
C ARG B 310 -39.95 22.96 -4.41
N TYR B 311 -40.30 22.94 -5.69
CA TYR B 311 -40.51 24.15 -6.43
C TYR B 311 -41.76 24.02 -7.23
N PRO B 312 -42.23 25.15 -7.79
CA PRO B 312 -43.44 25.17 -8.60
C PRO B 312 -43.33 24.44 -9.93
N SER B 313 -42.13 24.24 -10.44
CA SER B 313 -41.98 23.53 -11.71
C SER B 313 -40.65 22.81 -11.79
N SER B 314 -40.58 21.78 -12.63
CA SER B 314 -39.33 21.04 -12.79
C SER B 314 -38.40 21.80 -13.70
N PHE B 315 -37.96 23.00 -13.28
CA PHE B 315 -37.07 23.75 -14.16
C PHE B 315 -35.85 22.93 -14.64
N TRP B 316 -35.34 22.03 -13.81
CA TRP B 316 -34.22 21.19 -14.23
C TRP B 316 -34.62 20.36 -15.45
N VAL B 317 -35.73 19.64 -15.38
CA VAL B 317 -36.14 18.86 -16.54
C VAL B 317 -36.45 19.79 -17.69
N GLU B 318 -37.17 20.88 -17.42
CA GLU B 318 -37.55 21.84 -18.46
C GLU B 318 -36.30 22.32 -19.25
N GLN B 319 -35.14 22.38 -18.60
CA GLN B 319 -33.91 22.80 -19.27
C GLN B 319 -33.09 21.66 -19.87
N GLY B 320 -33.63 20.45 -19.92
CA GLY B 320 -32.86 19.36 -20.49
C GLY B 320 -32.04 18.50 -19.54
N TYR B 321 -32.19 18.73 -18.24
CA TYR B 321 -31.48 17.99 -17.23
C TYR B 321 -32.42 17.05 -16.52
N SER B 322 -31.93 15.86 -16.19
CA SER B 322 -32.75 14.86 -15.51
C SER B 322 -32.91 15.16 -14.03
N GLY B 323 -32.09 16.06 -13.50
CA GLY B 323 -32.17 16.37 -12.08
C GLY B 323 -31.23 15.44 -11.31
N ALA B 324 -30.74 14.39 -11.97
CA ALA B 324 -29.79 13.46 -11.34
C ALA B 324 -28.41 14.14 -11.38
N LEU B 325 -27.75 14.16 -10.22
CA LEU B 325 -26.46 14.82 -10.10
C LEU B 325 -25.49 14.21 -9.07
N LEU B 326 -24.19 14.26 -9.36
CA LEU B 326 -23.16 13.72 -8.48
C LEU B 326 -22.11 14.79 -8.27
N ASP B 327 -21.86 15.14 -7.01
CA ASP B 327 -20.91 16.19 -6.68
C ASP B 327 -19.82 15.69 -5.76
N THR B 328 -18.56 15.82 -6.17
CA THR B 328 -17.50 15.33 -5.33
C THR B 328 -17.00 16.29 -4.24
N GLU B 329 -17.22 17.59 -4.38
CA GLU B 329 -16.71 18.52 -3.36
C GLU B 329 -17.51 19.76 -2.94
N ASP B 330 -18.43 20.22 -3.75
CA ASP B 330 -19.15 21.41 -3.34
C ASP B 330 -19.83 21.10 -2.02
N VAL B 331 -20.62 20.03 -2.01
CA VAL B 331 -21.31 19.58 -0.80
C VAL B 331 -20.88 18.15 -0.46
N GLY B 332 -20.88 17.28 -1.49
CA GLY B 332 -20.53 15.88 -1.30
C GLY B 332 -21.88 15.17 -1.28
N VAL B 333 -22.50 15.06 -2.44
CA VAL B 333 -23.83 14.49 -2.48
C VAL B 333 -24.28 13.93 -3.81
N PHE B 334 -25.33 13.12 -3.76
CA PHE B 334 -25.95 12.49 -4.91
C PHE B 334 -27.33 13.18 -4.90
N LEU B 335 -27.73 13.78 -6.03
CA LEU B 335 -29.03 14.46 -6.20
C LEU B 335 -29.88 13.59 -7.09
N LEU B 336 -31.19 13.72 -6.98
CA LEU B 336 -32.08 12.89 -7.78
C LEU B 336 -33.47 13.53 -7.85
N ASP B 337 -34.13 13.42 -9.00
CA ASP B 337 -35.45 14.00 -9.14
C ASP B 337 -36.42 13.14 -8.37
N GLY B 338 -37.31 13.78 -7.63
CA GLY B 338 -38.29 13.03 -6.87
C GLY B 338 -39.69 13.51 -7.13
N THR B 339 -40.00 13.78 -8.40
CA THR B 339 -41.31 14.30 -8.71
C THR B 339 -42.31 13.29 -9.25
N LYS B 340 -43.39 13.07 -8.51
CA LYS B 340 -44.45 12.16 -8.92
C LYS B 340 -45.39 12.93 -9.84
N PRO B 341 -45.99 12.22 -10.82
CA PRO B 341 -46.93 12.80 -11.81
C PRO B 341 -48.04 13.48 -11.06
N THR B 342 -48.36 12.85 -9.96
CA THR B 342 -49.39 13.23 -9.05
C THR B 342 -49.06 14.47 -8.22
N ASP B 343 -47.79 14.67 -7.89
CA ASP B 343 -47.39 15.82 -7.08
C ASP B 343 -47.86 17.15 -7.73
N THR B 344 -47.92 18.22 -6.93
CA THR B 344 -48.33 19.52 -7.42
C THR B 344 -47.19 20.49 -7.18
N LEU B 345 -46.04 19.93 -6.88
CA LEU B 345 -44.83 20.69 -6.66
C LEU B 345 -43.69 19.80 -7.15
N ALA B 346 -42.77 20.37 -7.93
CA ALA B 346 -41.65 19.57 -8.41
C ALA B 346 -40.66 19.47 -7.28
N THR B 347 -40.00 18.32 -7.18
CA THR B 347 -39.10 18.16 -6.09
C THR B 347 -37.77 17.47 -6.42
N LEU B 348 -36.72 18.04 -5.85
CA LEU B 348 -35.35 17.57 -6.01
C LEU B 348 -34.87 17.06 -4.66
N ILE B 349 -34.39 15.81 -4.60
CA ILE B 349 -33.93 15.30 -3.32
C ILE B 349 -32.45 14.97 -3.34
N GLY B 350 -31.75 15.27 -2.26
CA GLY B 350 -30.33 15.00 -2.21
C GLY B 350 -29.92 14.18 -1.00
N PHE B 351 -28.87 13.38 -1.13
CA PHE B 351 -28.41 12.56 -0.02
C PHE B 351 -26.98 12.86 0.35
N ILE B 352 -26.75 13.21 1.61
CA ILE B 352 -25.42 13.53 2.10
C ILE B 352 -25.07 12.53 3.19
N GLY B 353 -23.97 11.81 3.01
CA GLY B 353 -23.60 10.83 4.01
C GLY B 353 -22.14 10.75 4.41
N GLY B 354 -21.88 9.91 5.42
CA GLY B 354 -20.53 9.73 5.90
C GLY B 354 -19.85 11.02 6.32
N SER B 355 -18.59 11.15 5.90
CA SER B 355 -17.77 12.30 6.18
C SER B 355 -18.41 13.56 5.62
N ASN B 356 -19.21 13.38 4.56
CA ASN B 356 -19.90 14.51 3.97
C ASN B 356 -20.99 14.95 4.95
N TYR B 357 -21.60 13.99 5.63
CA TYR B 357 -22.59 14.32 6.64
C TYR B 357 -21.82 15.02 7.76
N ASP B 358 -20.78 14.37 8.24
CA ASP B 358 -19.97 14.96 9.30
C ASP B 358 -19.71 16.43 9.03
N ARG B 359 -19.29 16.74 7.81
CA ARG B 359 -18.96 18.10 7.41
C ARG B 359 -20.02 19.15 7.69
N TRP B 360 -21.22 18.86 7.24
CA TRP B 360 -22.32 19.79 7.35
C TRP B 360 -23.04 19.83 8.66
N ALA B 361 -23.09 18.70 9.33
CA ALA B 361 -23.75 18.61 10.62
C ALA B 361 -23.03 19.59 11.52
N ALA B 362 -21.79 19.91 11.11
CA ALA B 362 -20.95 20.83 11.86
C ALA B 362 -21.29 22.27 11.58
N HIS B 363 -22.11 22.49 10.57
CA HIS B 363 -22.51 23.85 10.23
C HIS B 363 -23.88 24.06 10.84
N THR B 364 -24.41 25.25 10.63
CA THR B 364 -25.72 25.57 11.18
C THR B 364 -26.79 25.18 10.17
N PRO B 365 -28.00 24.95 10.67
CA PRO B 365 -29.12 24.57 9.81
C PRO B 365 -29.19 25.42 8.56
N GLN B 366 -29.12 26.73 8.74
CA GLN B 366 -29.19 27.67 7.62
C GLN B 366 -27.95 27.58 6.72
N GLU B 367 -26.77 27.49 7.32
CA GLU B 367 -25.57 27.34 6.51
C GLU B 367 -25.75 26.15 5.58
N ARG B 368 -26.24 25.04 6.13
CA ARG B 368 -26.49 23.82 5.36
C ARG B 368 -27.44 24.12 4.22
N GLU B 369 -28.61 24.65 4.55
CA GLU B 369 -29.56 24.94 3.52
C GLU B 369 -28.98 25.82 2.42
N ARG B 370 -28.27 26.88 2.82
CA ARG B 370 -27.68 27.79 1.85
C ARG B 370 -26.74 27.02 0.92
N ALA B 371 -25.85 26.23 1.53
CA ALA B 371 -24.88 25.46 0.76
C ALA B 371 -25.58 24.53 -0.24
N PHE B 372 -26.64 23.87 0.21
CA PHE B 372 -27.38 22.95 -0.65
C PHE B 372 -28.05 23.66 -1.81
N LEU B 373 -28.70 24.77 -1.49
CA LEU B 373 -29.39 25.56 -2.48
C LEU B 373 -28.37 26.17 -3.46
N ASP B 374 -27.24 26.62 -2.94
CA ASP B 374 -26.18 27.16 -3.78
C ASP B 374 -25.87 26.13 -4.88
N LEU B 375 -25.58 24.90 -4.46
CA LEU B 375 -25.26 23.81 -5.38
C LEU B 375 -26.35 23.62 -6.44
N LEU B 376 -27.59 23.46 -5.96
CA LEU B 376 -28.70 23.28 -6.87
C LEU B 376 -28.65 24.39 -7.91
N VAL B 377 -28.37 25.60 -7.46
CA VAL B 377 -28.29 26.73 -8.39
C VAL B 377 -27.14 26.57 -9.39
N LYS B 378 -25.96 26.19 -8.91
CA LYS B 378 -24.82 26.01 -9.79
C LYS B 378 -25.13 24.97 -10.86
N ALA B 379 -25.97 24.00 -10.52
CA ALA B 379 -26.30 22.95 -11.46
C ALA B 379 -27.48 23.25 -12.34
N PHE B 380 -28.52 23.84 -11.76
CA PHE B 380 -29.74 24.08 -12.52
C PHE B 380 -30.24 25.48 -12.71
N GLY B 381 -29.49 26.48 -12.25
CA GLY B 381 -29.94 27.83 -12.44
C GLY B 381 -30.52 28.50 -11.23
N PRO B 382 -30.69 29.83 -11.31
CA PRO B 382 -31.24 30.65 -10.23
C PRO B 382 -32.62 30.31 -9.73
N GLN B 383 -33.40 29.58 -10.52
CA GLN B 383 -34.72 29.21 -10.03
C GLN B 383 -34.61 28.33 -8.78
N ALA B 384 -33.48 27.65 -8.61
CA ALA B 384 -33.31 26.80 -7.45
C ALA B 384 -33.08 27.65 -6.23
N ALA B 385 -32.55 28.84 -6.46
CA ALA B 385 -32.25 29.77 -5.40
C ALA B 385 -33.34 29.96 -4.36
N ASP B 386 -34.60 29.76 -4.72
CA ASP B 386 -35.65 29.97 -3.75
C ASP B 386 -36.82 28.97 -3.75
N PRO B 387 -36.68 27.86 -3.01
CA PRO B 387 -37.72 26.82 -2.96
C PRO B 387 -39.02 27.15 -2.24
N SER B 388 -40.09 26.48 -2.64
CA SER B 388 -41.40 26.63 -2.03
C SER B 388 -41.36 25.90 -0.70
N TYR B 389 -40.54 24.85 -0.64
CA TYR B 389 -40.43 24.03 0.55
C TYR B 389 -39.05 23.39 0.64
N PHE B 390 -38.53 23.33 1.86
CA PHE B 390 -37.24 22.74 2.09
C PHE B 390 -37.33 21.91 3.36
N HIS B 391 -36.71 20.75 3.37
CA HIS B 391 -36.73 19.88 4.54
C HIS B 391 -35.47 19.08 4.61
N GLU B 392 -35.03 18.83 5.83
CA GLU B 392 -33.81 18.09 6.06
C GLU B 392 -34.18 17.09 7.11
N THR B 393 -33.65 15.88 6.97
CA THR B 393 -33.94 14.89 7.96
C THR B 393 -32.63 14.16 8.24
N ASP B 394 -32.15 14.37 9.46
CA ASP B 394 -30.89 13.84 9.97
C ASP B 394 -31.13 12.45 10.49
N TRP B 395 -30.71 11.45 9.73
CA TRP B 395 -30.92 10.09 10.16
C TRP B 395 -29.92 9.64 11.18
N THR B 396 -28.74 10.23 11.17
CA THR B 396 -27.76 9.82 12.14
C THR B 396 -28.30 10.12 13.55
N GLN B 397 -29.24 11.04 13.67
CA GLN B 397 -29.78 11.25 15.00
C GLN B 397 -31.21 10.83 15.29
N GLN B 398 -31.76 9.93 14.48
CA GLN B 398 -33.09 9.42 14.72
C GLN B 398 -32.97 8.39 15.86
N GLU B 399 -33.85 8.51 16.84
CA GLU B 399 -33.81 7.61 17.99
C GLU B 399 -33.75 6.10 17.74
N TRP B 400 -34.61 5.56 16.90
CA TRP B 400 -34.58 4.13 16.71
C TRP B 400 -33.84 3.59 15.51
N ALA B 401 -33.52 4.44 14.55
CA ALA B 401 -32.81 3.95 13.41
C ALA B 401 -31.34 4.09 13.75
N LYS B 402 -31.02 5.12 14.53
CA LYS B 402 -29.66 5.39 14.96
C LYS B 402 -28.67 5.69 13.82
N GLY B 403 -29.14 6.14 12.67
CA GLY B 403 -28.18 6.44 11.62
C GLY B 403 -28.47 6.11 10.17
N GLY B 404 -27.41 6.41 9.36
CA GLY B 404 -27.22 6.29 7.90
C GLY B 404 -28.31 5.63 7.12
N PRO B 405 -28.09 5.23 5.86
CA PRO B 405 -29.25 4.58 5.20
C PRO B 405 -29.18 3.09 5.49
N VAL B 406 -27.95 2.59 5.58
CA VAL B 406 -27.71 1.18 5.80
C VAL B 406 -26.70 0.90 6.92
N THR B 407 -26.38 -0.38 7.09
CA THR B 407 -25.39 -0.81 8.06
C THR B 407 -24.07 -0.90 7.29
N TYR B 408 -22.94 -0.77 7.97
CA TYR B 408 -21.66 -0.92 7.30
C TYR B 408 -20.75 -1.60 8.32
N MET B 409 -19.60 -2.09 7.89
CA MET B 409 -18.69 -2.75 8.81
C MET B 409 -17.25 -2.32 8.63
N PRO B 410 -16.50 -2.24 9.74
CA PRO B 410 -15.10 -1.84 9.67
C PRO B 410 -14.31 -3.11 9.35
N PRO B 411 -13.02 -2.95 9.07
CA PRO B 411 -12.21 -4.13 8.77
C PRO B 411 -12.26 -5.04 10.01
N GLY B 412 -12.16 -6.35 9.80
CA GLY B 412 -12.17 -7.28 10.90
C GLY B 412 -13.46 -7.99 11.27
N VAL B 413 -14.60 -7.53 10.79
CA VAL B 413 -15.83 -8.21 11.20
C VAL B 413 -16.50 -9.15 10.18
N LEU B 414 -16.98 -8.63 9.06
CA LEU B 414 -17.67 -9.48 8.07
C LEU B 414 -17.05 -10.86 7.85
N ALA B 415 -15.73 -10.92 7.76
CA ALA B 415 -15.05 -12.18 7.49
C ALA B 415 -14.97 -13.11 8.67
N ASN B 416 -15.19 -12.59 9.87
CA ASN B 416 -15.10 -13.40 11.10
C ASN B 416 -16.46 -13.76 11.72
N PHE B 417 -17.52 -12.99 11.45
CA PHE B 417 -18.82 -13.29 12.04
C PHE B 417 -19.95 -13.11 11.04
N GLY B 418 -19.60 -12.85 9.79
CA GLY B 418 -20.60 -12.63 8.76
C GLY B 418 -21.82 -13.53 8.88
N ALA B 419 -21.60 -14.83 8.97
CA ALA B 419 -22.70 -15.76 9.05
C ALA B 419 -23.70 -15.42 10.17
N ALA B 420 -23.23 -14.72 11.21
CA ALA B 420 -24.11 -14.37 12.32
C ALA B 420 -25.27 -13.51 11.87
N LEU B 421 -25.13 -12.92 10.69
CA LEU B 421 -26.16 -12.06 10.12
C LEU B 421 -27.42 -12.83 9.83
N ARG B 422 -27.28 -14.13 9.57
CA ARG B 422 -28.43 -14.93 9.19
C ARG B 422 -28.82 -16.08 10.13
N ASP B 423 -27.83 -16.73 10.71
CA ASP B 423 -28.09 -17.87 11.57
C ASP B 423 -28.92 -17.51 12.79
N PRO B 424 -29.97 -18.31 13.05
CA PRO B 424 -30.85 -18.10 14.20
C PRO B 424 -30.12 -18.56 15.43
N VAL B 425 -30.52 -18.06 16.58
CA VAL B 425 -29.93 -18.47 17.84
C VAL B 425 -31.08 -19.14 18.57
N GLY B 426 -31.21 -20.44 18.38
CA GLY B 426 -32.29 -21.18 19.02
C GLY B 426 -33.63 -20.85 18.43
N LYS B 427 -34.53 -20.32 19.26
CA LYS B 427 -35.86 -19.96 18.83
C LYS B 427 -35.94 -18.54 18.28
N VAL B 428 -34.88 -17.76 18.47
CA VAL B 428 -34.89 -16.39 17.96
C VAL B 428 -34.31 -16.43 16.55
N HIS B 429 -35.02 -15.79 15.63
CA HIS B 429 -34.64 -15.74 14.23
C HIS B 429 -34.38 -14.32 13.80
N PHE B 430 -33.55 -14.14 12.78
CA PHE B 430 -33.23 -12.80 12.34
C PHE B 430 -33.77 -12.35 10.97
N ALA B 431 -34.44 -11.20 11.00
CA ALA B 431 -34.97 -10.61 9.78
C ALA B 431 -34.26 -9.26 9.72
N GLY B 432 -34.86 -8.26 9.07
CA GLY B 432 -34.15 -7.01 8.93
C GLY B 432 -33.35 -7.20 7.63
N THR B 433 -33.27 -6.15 6.83
CA THR B 433 -32.60 -6.20 5.56
C THR B 433 -31.21 -6.79 5.62
N GLU B 434 -30.49 -6.47 6.68
CA GLU B 434 -29.13 -6.95 6.82
C GLU B 434 -29.00 -8.48 6.73
N ALA B 435 -30.11 -9.18 6.92
CA ALA B 435 -30.13 -10.65 6.91
C ALA B 435 -30.52 -11.22 5.56
N SER B 436 -30.72 -10.36 4.57
CA SER B 436 -31.08 -10.86 3.27
C SER B 436 -29.82 -11.37 2.57
N PHE B 437 -30.02 -12.31 1.65
CA PHE B 437 -28.88 -12.81 0.91
C PHE B 437 -28.42 -11.70 -0.02
N GLN B 438 -29.35 -11.23 -0.84
CA GLN B 438 -29.11 -10.12 -1.77
C GLN B 438 -30.04 -8.96 -1.50
N TRP B 439 -29.59 -7.79 -1.91
CA TRP B 439 -30.33 -6.55 -1.72
C TRP B 439 -30.47 -6.14 -0.24
N SER B 440 -29.48 -6.56 0.55
CA SER B 440 -29.37 -6.24 1.97
C SER B 440 -28.97 -4.79 1.95
N GLY B 441 -29.73 -3.95 2.64
CA GLY B 441 -29.45 -2.52 2.67
C GLY B 441 -30.59 -1.78 2.00
N TYR B 442 -31.49 -2.54 1.42
CA TYR B 442 -32.63 -1.99 0.70
C TYR B 442 -33.95 -2.60 1.18
N MET B 443 -35.06 -1.97 0.81
CA MET B 443 -36.37 -2.46 1.19
C MET B 443 -36.53 -3.88 0.63
N GLU B 444 -36.10 -4.09 -0.59
CA GLU B 444 -36.20 -5.41 -1.19
C GLU B 444 -35.63 -6.43 -0.21
N GLY B 445 -34.42 -6.16 0.26
CA GLY B 445 -33.78 -7.06 1.21
C GLY B 445 -34.63 -7.21 2.45
N GLY B 446 -35.13 -6.10 2.95
CA GLY B 446 -35.98 -6.19 4.12
C GLY B 446 -37.13 -7.16 3.90
N VAL B 447 -37.82 -6.99 2.78
CA VAL B 447 -38.92 -7.87 2.46
C VAL B 447 -38.48 -9.32 2.38
N ARG B 448 -37.38 -9.57 1.67
CA ARG B 448 -36.90 -10.94 1.55
C ARG B 448 -36.49 -11.58 2.88
N ALA B 449 -35.75 -10.84 3.69
CA ALA B 449 -35.29 -11.33 4.98
C ALA B 449 -36.49 -11.73 5.84
N GLY B 450 -37.53 -10.89 5.78
CA GLY B 450 -38.72 -11.15 6.56
C GLY B 450 -39.41 -12.42 6.14
N GLN B 451 -39.66 -12.54 4.83
CA GLN B 451 -40.32 -13.75 4.33
C GLN B 451 -39.50 -15.01 4.59
N LYS B 452 -38.17 -14.93 4.48
CA LYS B 452 -37.42 -16.14 4.70
C LYS B 452 -37.44 -16.49 6.15
N ALA B 453 -37.42 -15.48 7.02
CA ALA B 453 -37.47 -15.75 8.46
C ALA B 453 -38.81 -16.45 8.75
N ALA B 454 -39.87 -15.90 8.15
CA ALA B 454 -41.20 -16.42 8.35
C ALA B 454 -41.30 -17.88 7.95
N ALA B 455 -40.78 -18.21 6.77
CA ALA B 455 -40.78 -19.59 6.27
C ALA B 455 -40.03 -20.51 7.23
N ALA B 456 -38.81 -20.12 7.61
CA ALA B 456 -38.04 -20.89 8.56
C ALA B 456 -38.93 -21.22 9.76
N ILE B 457 -39.48 -20.19 10.39
CA ILE B 457 -40.34 -20.39 11.53
C ILE B 457 -41.55 -21.25 11.19
N ALA B 458 -42.18 -21.00 10.04
CA ALA B 458 -43.34 -21.77 9.63
C ALA B 458 -42.99 -23.23 9.70
N GLU B 459 -41.87 -23.56 9.08
CA GLU B 459 -41.37 -24.93 9.03
C GLU B 459 -41.11 -25.55 10.40
N GLU B 460 -40.83 -24.73 11.40
CA GLU B 460 -40.58 -25.25 12.73
C GLU B 460 -41.86 -25.59 13.47
N LEU B 461 -42.99 -25.38 12.82
CA LEU B 461 -44.27 -25.67 13.46
C LEU B 461 -45.08 -26.76 12.71
N PRO C 13 -32.22 14.80 45.75
CA PRO C 13 -30.96 14.14 45.32
C PRO C 13 -30.41 13.39 46.51
N ASP C 14 -30.48 12.07 46.44
CA ASP C 14 -30.01 11.20 47.50
C ASP C 14 -28.60 11.50 47.95
N VAL C 15 -27.74 11.83 47.01
CA VAL C 15 -26.37 12.05 47.38
C VAL C 15 -25.74 13.01 46.39
N ASP C 16 -24.53 13.48 46.69
CA ASP C 16 -23.84 14.42 45.83
C ASP C 16 -23.49 13.83 44.49
N VAL C 17 -22.71 12.76 44.56
CA VAL C 17 -22.22 12.04 43.40
C VAL C 17 -22.48 10.54 43.48
N ILE C 18 -22.95 9.96 42.38
CA ILE C 18 -23.13 8.52 42.32
C ILE C 18 -22.14 8.06 41.26
N ILE C 19 -21.25 7.15 41.63
CA ILE C 19 -20.28 6.63 40.69
C ILE C 19 -20.79 5.31 40.17
N ILE C 20 -20.97 5.21 38.86
CA ILE C 20 -21.43 3.96 38.26
C ILE C 20 -20.18 3.15 37.88
N GLY C 21 -20.04 1.97 38.46
CA GLY C 21 -18.89 1.14 38.17
C GLY C 21 -17.97 0.99 39.37
N ALA C 22 -17.82 -0.23 39.88
CA ALA C 22 -16.95 -0.38 41.03
C ALA C 22 -15.59 -0.97 40.68
N GLY C 23 -14.93 -0.43 39.67
CA GLY C 23 -13.60 -0.93 39.34
C GLY C 23 -12.59 -0.05 40.06
N ILE C 24 -11.31 -0.24 39.74
CA ILE C 24 -10.23 0.57 40.31
C ILE C 24 -10.64 2.03 40.12
N SER C 25 -11.02 2.35 38.89
CA SER C 25 -11.38 3.70 38.51
C SER C 25 -12.57 4.27 39.28
N GLY C 26 -13.71 3.60 39.19
CA GLY C 26 -14.88 4.10 39.90
C GLY C 26 -14.53 4.22 41.37
N SER C 27 -13.82 3.23 41.89
CA SER C 27 -13.44 3.23 43.28
C SER C 27 -12.52 4.37 43.64
N ALA C 28 -11.49 4.59 42.81
CA ALA C 28 -10.56 5.67 43.07
C ALA C 28 -11.35 6.98 43.07
N ALA C 29 -12.30 7.10 42.16
CA ALA C 29 -13.12 8.30 42.06
C ALA C 29 -13.90 8.55 43.35
N ALA C 30 -14.50 7.49 43.89
CA ALA C 30 -15.28 7.60 45.11
C ALA C 30 -14.42 7.90 46.31
N LYS C 31 -13.20 7.37 46.35
CA LYS C 31 -12.32 7.65 47.49
C LYS C 31 -12.03 9.15 47.50
N ALA C 32 -11.63 9.66 46.35
CA ALA C 32 -11.30 11.06 46.19
C ALA C 32 -12.49 11.94 46.56
N LEU C 33 -13.61 11.74 45.88
CA LEU C 33 -14.79 12.52 46.18
C LEU C 33 -15.13 12.44 47.68
N HIS C 34 -15.09 11.23 48.22
CA HIS C 34 -15.36 11.01 49.63
C HIS C 34 -14.43 11.81 50.52
N ASP C 35 -13.13 11.59 50.37
CA ASP C 35 -12.16 12.30 51.19
C ASP C 35 -12.35 13.82 51.10
N GLN C 36 -12.83 14.32 49.96
CA GLN C 36 -12.98 15.75 49.81
C GLN C 36 -14.25 16.24 50.50
N GLY C 37 -15.03 15.33 51.06
CA GLY C 37 -16.24 15.74 51.76
C GLY C 37 -17.59 15.55 51.08
N ALA C 38 -17.61 15.14 49.83
CA ALA C 38 -18.88 14.97 49.15
C ALA C 38 -19.57 13.69 49.57
N SER C 39 -20.90 13.69 49.51
CA SER C 39 -21.65 12.48 49.83
C SER C 39 -21.54 11.60 48.57
N VAL C 40 -21.24 10.34 48.76
CA VAL C 40 -21.01 9.49 47.61
C VAL C 40 -21.67 8.12 47.66
N LEU C 41 -21.98 7.62 46.47
CA LEU C 41 -22.60 6.31 46.31
C LEU C 41 -21.96 5.62 45.09
N VAL C 42 -21.66 4.33 45.20
CA VAL C 42 -21.08 3.59 44.08
C VAL C 42 -22.08 2.49 43.73
N VAL C 43 -22.59 2.56 42.52
CA VAL C 43 -23.59 1.61 42.06
C VAL C 43 -22.89 0.61 41.11
N GLU C 44 -22.93 -0.69 41.45
CA GLU C 44 -22.23 -1.73 40.69
C GLU C 44 -23.09 -2.87 40.12
N ALA C 45 -22.97 -3.09 38.81
CA ALA C 45 -23.73 -4.10 38.08
C ALA C 45 -23.71 -5.53 38.61
N ASN C 46 -22.54 -6.14 38.79
CA ASN C 46 -22.65 -7.48 39.29
C ASN C 46 -22.35 -7.64 40.76
N ASP C 47 -22.07 -8.84 41.20
CA ASP C 47 -21.90 -9.07 42.61
C ASP C 47 -20.49 -9.09 43.21
N ARG C 48 -19.54 -8.40 42.57
CA ARG C 48 -18.18 -8.35 43.11
C ARG C 48 -17.56 -6.96 42.90
N ILE C 49 -16.79 -6.50 43.89
CA ILE C 49 -16.17 -5.18 43.85
C ILE C 49 -15.01 -5.07 42.90
N GLY C 50 -14.35 -6.16 42.56
CA GLY C 50 -13.26 -5.94 41.63
C GLY C 50 -13.66 -5.32 40.27
N GLY C 51 -12.69 -4.82 39.51
CA GLY C 51 -13.05 -4.32 38.19
C GLY C 51 -12.75 -5.44 37.20
N ARG C 52 -11.75 -5.17 36.33
CA ARG C 52 -11.21 -6.14 35.37
C ARG C 52 -10.02 -6.56 36.23
N THR C 53 -10.13 -6.25 37.52
CA THR C 53 -9.18 -6.63 38.57
C THR C 53 -10.14 -7.61 39.26
N TRP C 54 -9.79 -8.88 39.23
CA TRP C 54 -10.65 -9.90 39.78
C TRP C 54 -9.72 -10.78 40.57
N THR C 55 -9.95 -10.85 41.88
CA THR C 55 -9.08 -11.60 42.76
C THR C 55 -9.78 -12.64 43.62
N GLU C 56 -9.17 -13.81 43.77
CA GLU C 56 -9.70 -14.84 44.64
C GLU C 56 -8.52 -15.19 45.53
N GLN C 57 -8.52 -14.62 46.74
CA GLN C 57 -7.44 -14.82 47.69
C GLN C 57 -7.32 -16.26 48.23
N GLU C 58 -8.44 -16.90 48.57
CA GLU C 58 -8.36 -18.27 49.07
C GLU C 58 -8.88 -19.26 48.05
N GLY C 59 -9.44 -18.75 46.96
CA GLY C 59 -9.92 -19.64 45.94
C GLY C 59 -8.95 -20.78 45.62
N ALA C 60 -8.09 -20.56 44.62
CA ALA C 60 -7.13 -21.56 44.16
C ALA C 60 -5.93 -21.86 45.06
N PRO C 61 -5.28 -23.01 44.80
CA PRO C 61 -4.11 -23.52 45.51
C PRO C 61 -2.83 -22.85 45.07
N GLY C 62 -1.92 -22.68 46.02
CA GLY C 62 -0.64 -22.07 45.73
C GLY C 62 -0.58 -20.66 46.26
N GLY C 63 -1.74 -20.00 46.27
CA GLY C 63 -1.79 -18.65 46.77
C GLY C 63 -2.89 -17.92 46.07
N PRO C 64 -3.05 -16.62 46.36
CA PRO C 64 -4.09 -15.78 45.76
C PRO C 64 -3.89 -15.79 44.27
N ILE C 65 -4.98 -15.70 43.52
CA ILE C 65 -4.90 -15.71 42.06
C ILE C 65 -5.66 -14.50 41.50
N ASP C 66 -5.13 -13.89 40.44
CA ASP C 66 -5.77 -12.76 39.78
C ASP C 66 -6.20 -13.19 38.38
N TYR C 67 -7.47 -13.00 38.06
CA TYR C 67 -7.97 -13.38 36.75
C TYR C 67 -7.90 -12.20 35.80
N GLY C 68 -7.73 -11.00 36.35
CA GLY C 68 -7.67 -9.84 35.51
C GLY C 68 -6.31 -9.19 35.58
N GLY C 69 -6.31 -7.86 35.67
CA GLY C 69 -5.10 -7.09 35.77
C GLY C 69 -4.37 -7.36 37.05
N MET C 70 -3.03 -7.36 36.98
CA MET C 70 -2.25 -7.62 38.18
C MET C 70 -0.88 -6.96 38.17
N PHE C 71 -0.40 -6.55 37.00
CA PHE C 71 0.91 -5.92 36.96
C PHE C 71 0.91 -4.42 37.17
N ILE C 72 1.76 -3.95 38.08
CA ILE C 72 1.92 -2.51 38.36
C ILE C 72 3.16 -2.05 37.62
N GLY C 73 3.06 -0.99 36.83
CA GLY C 73 4.21 -0.50 36.09
C GLY C 73 5.13 0.35 36.95
N GLU C 74 6.42 0.40 36.63
CA GLU C 74 7.34 1.18 37.44
C GLU C 74 6.99 2.64 37.52
N THR C 75 6.24 3.15 36.55
CA THR C 75 5.86 4.56 36.60
C THR C 75 4.38 4.75 36.93
N HIS C 76 3.72 3.69 37.39
CA HIS C 76 2.29 3.79 37.71
C HIS C 76 2.11 4.45 39.08
N THR C 77 2.59 5.68 39.11
CA THR C 77 2.58 6.53 40.25
C THR C 77 1.28 6.63 41.06
N HIS C 78 0.17 6.91 40.41
CA HIS C 78 -1.06 7.00 41.18
C HIS C 78 -1.47 5.66 41.76
N LEU C 79 -1.28 4.58 41.01
CA LEU C 79 -1.65 3.28 41.51
C LEU C 79 -0.82 2.95 42.76
N ILE C 80 0.48 3.18 42.67
CA ILE C 80 1.37 2.92 43.79
C ILE C 80 1.05 3.75 45.03
N GLU C 81 0.73 5.02 44.82
CA GLU C 81 0.40 5.89 45.93
C GLU C 81 -0.87 5.39 46.64
N LEU C 82 -1.93 5.23 45.87
CA LEU C 82 -3.22 4.77 46.35
C LEU C 82 -3.13 3.42 47.01
N GLY C 83 -2.39 2.51 46.37
CA GLY C 83 -2.27 1.19 46.94
C GLY C 83 -1.62 1.30 48.31
N THR C 84 -0.51 2.03 48.33
CA THR C 84 0.23 2.23 49.55
C THR C 84 -0.61 2.85 50.64
N SER C 85 -1.29 3.94 50.31
CA SER C 85 -2.12 4.63 51.28
C SER C 85 -3.16 3.71 51.89
N LEU C 86 -3.53 2.67 51.15
CA LEU C 86 -4.52 1.69 51.59
C LEU C 86 -3.85 0.59 52.40
N GLY C 87 -2.53 0.72 52.54
CA GLY C 87 -1.78 -0.27 53.29
C GLY C 87 -1.37 -1.54 52.58
N LEU C 88 -1.49 -1.59 51.26
CA LEU C 88 -1.11 -2.78 50.51
C LEU C 88 0.40 -2.74 50.31
N GLU C 89 1.02 -3.90 50.07
CA GLU C 89 2.45 -3.95 49.87
C GLU C 89 2.78 -4.53 48.48
N MET C 90 3.84 -4.03 47.86
CA MET C 90 4.21 -4.51 46.54
C MET C 90 5.39 -5.47 46.55
N THR C 91 5.45 -6.36 45.55
CA THR C 91 6.59 -7.27 45.41
C THR C 91 6.96 -7.30 43.92
N PRO C 92 8.26 -7.31 43.61
CA PRO C 92 8.80 -7.34 42.24
C PRO C 92 8.20 -8.44 41.38
N SER C 93 7.75 -8.08 40.18
CA SER C 93 7.19 -9.07 39.27
C SER C 93 8.33 -9.82 38.56
N GLY C 94 9.43 -9.11 38.28
CA GLY C 94 10.55 -9.73 37.57
C GLY C 94 11.15 -11.02 38.11
N LYS C 95 11.84 -11.76 37.24
CA LYS C 95 12.54 -13.00 37.56
C LYS C 95 13.84 -13.03 36.78
N PRO C 96 14.90 -13.58 37.39
CA PRO C 96 16.20 -13.66 36.73
C PRO C 96 16.27 -14.77 35.70
N GLY C 97 16.94 -14.50 34.60
CA GLY C 97 17.06 -15.52 33.58
C GLY C 97 16.87 -14.97 32.20
N ASP C 98 17.09 -15.81 31.20
CA ASP C 98 16.93 -15.37 29.84
C ASP C 98 15.48 -15.42 29.44
N ASP C 99 15.08 -14.48 28.59
CA ASP C 99 13.72 -14.42 28.10
C ASP C 99 13.67 -15.37 26.92
N THR C 100 12.49 -15.75 26.48
CA THR C 100 12.38 -16.71 25.39
C THR C 100 11.47 -16.28 24.24
N TYR C 101 11.93 -16.49 23.02
CA TYR C 101 11.10 -16.19 21.86
C TYR C 101 10.88 -17.49 21.10
N ILE C 102 9.65 -17.79 20.73
CA ILE C 102 9.40 -18.96 19.90
C ILE C 102 9.01 -18.34 18.56
N VAL C 103 9.95 -18.32 17.63
CA VAL C 103 9.72 -17.76 16.32
C VAL C 103 9.76 -18.86 15.27
N ALA C 104 8.79 -18.88 14.36
CA ALA C 104 8.77 -19.91 13.33
C ALA C 104 8.79 -21.31 13.95
N GLY C 105 8.40 -21.43 15.21
CA GLY C 105 8.40 -22.74 15.83
C GLY C 105 9.67 -23.09 16.56
N ASN C 106 10.73 -22.33 16.32
CA ASN C 106 12.00 -22.60 16.98
C ASN C 106 12.14 -21.81 18.25
N VAL C 107 12.76 -22.43 19.23
CA VAL C 107 12.96 -21.78 20.51
C VAL C 107 14.25 -20.97 20.49
N LEU C 108 14.14 -19.68 20.79
CA LEU C 108 15.29 -18.78 20.85
C LEU C 108 15.36 -18.16 22.23
N ARG C 109 16.56 -18.04 22.79
CA ARG C 109 16.69 -17.44 24.11
C ARG C 109 17.29 -16.06 23.96
N ALA C 110 16.93 -15.14 24.83
CA ALA C 110 17.46 -13.81 24.69
C ALA C 110 17.91 -13.20 26.00
N PRO C 111 19.21 -13.27 26.28
CA PRO C 111 19.85 -12.73 27.50
C PRO C 111 19.60 -11.24 27.58
N ASP C 112 18.68 -10.85 28.46
CA ASP C 112 18.28 -9.46 28.66
C ASP C 112 17.59 -8.96 27.42
N ASP C 113 16.61 -9.75 26.98
CA ASP C 113 15.81 -9.46 25.80
C ASP C 113 16.68 -8.99 24.67
N GLN C 114 17.84 -9.64 24.54
CA GLN C 114 18.79 -9.36 23.48
C GLN C 114 18.92 -10.61 22.63
N LEU C 115 18.19 -10.68 21.51
CA LEU C 115 18.25 -11.84 20.62
C LEU C 115 19.55 -11.85 19.81
N ASP C 116 20.03 -13.05 19.47
CA ASP C 116 21.24 -13.14 18.67
C ASP C 116 21.11 -12.22 17.46
N PRO C 117 21.97 -11.20 17.35
CA PRO C 117 22.01 -10.20 16.28
C PRO C 117 22.12 -10.81 14.90
N ASN C 118 22.71 -12.01 14.84
CA ASN C 118 22.87 -12.70 13.57
C ASN C 118 21.59 -13.37 13.10
N LEU C 119 20.58 -13.41 13.96
CA LEU C 119 19.33 -13.99 13.54
C LEU C 119 18.90 -13.09 12.39
N PRO C 120 18.50 -13.68 11.26
CA PRO C 120 18.09 -12.87 10.12
C PRO C 120 17.01 -11.81 10.35
N PHE C 121 15.98 -12.13 11.11
CA PHE C 121 14.91 -11.17 11.35
C PHE C 121 15.22 -10.07 12.36
N VAL C 122 16.21 -10.26 13.20
CA VAL C 122 16.49 -9.26 14.23
C VAL C 122 16.70 -7.79 13.84
N PRO C 123 17.67 -7.51 12.97
CA PRO C 123 17.82 -6.09 12.65
C PRO C 123 16.59 -5.33 12.14
N GLU C 124 15.79 -5.93 11.24
CA GLU C 124 14.64 -5.21 10.74
C GLU C 124 13.56 -5.13 11.81
N PHE C 125 13.58 -6.08 12.74
CA PHE C 125 12.63 -6.09 13.84
C PHE C 125 12.95 -4.86 14.69
N LEU C 126 14.20 -4.70 15.08
CA LEU C 126 14.61 -3.55 15.86
C LEU C 126 14.24 -2.27 15.11
N SER C 127 14.63 -2.23 13.85
CA SER C 127 14.37 -1.10 12.98
C SER C 127 12.86 -0.78 12.97
N SER C 128 12.02 -1.78 12.76
CA SER C 128 10.58 -1.56 12.71
C SER C 128 10.05 -1.09 14.05
N LEU C 129 10.64 -1.63 15.11
CA LEU C 129 10.26 -1.26 16.48
C LEU C 129 10.50 0.27 16.65
N LYS C 130 11.68 0.73 16.21
CA LYS C 130 12.04 2.14 16.28
C LYS C 130 11.07 2.96 15.42
N ALA C 131 10.60 2.35 14.34
CA ALA C 131 9.66 2.98 13.43
C ALA C 131 8.39 3.25 14.20
N LEU C 132 7.86 2.19 14.83
CA LEU C 132 6.66 2.30 15.61
C LEU C 132 6.75 3.41 16.66
N ASP C 133 7.84 3.46 17.41
CA ASP C 133 7.99 4.49 18.41
C ASP C 133 7.95 5.88 17.78
N GLU C 134 8.58 6.04 16.64
CA GLU C 134 8.58 7.35 15.97
C GLU C 134 7.18 7.74 15.53
N LEU C 135 6.43 6.76 15.03
CA LEU C 135 5.08 7.02 14.59
C LEU C 135 4.26 7.39 15.82
N ALA C 136 4.57 6.76 16.96
CA ALA C 136 3.84 7.04 18.19
C ALA C 136 4.13 8.46 18.65
N ASP C 137 5.26 9.02 18.27
CA ASP C 137 5.51 10.38 18.67
C ASP C 137 4.84 11.37 17.72
N SER C 138 4.65 11.03 16.45
CA SER C 138 4.03 11.97 15.52
C SER C 138 2.61 12.31 15.99
N VAL C 139 1.87 11.31 16.46
CA VAL C 139 0.54 11.52 17.01
C VAL C 139 0.90 11.50 18.49
N GLY C 140 0.13 12.10 19.38
CA GLY C 140 0.59 12.02 20.77
C GLY C 140 -0.30 11.26 21.72
N TRP C 141 -0.37 11.69 22.99
CA TRP C 141 -1.26 11.02 23.93
C TRP C 141 -2.41 11.97 24.27
N ASP C 142 -2.10 13.25 24.22
CA ASP C 142 -3.07 14.28 24.56
C ASP C 142 -4.14 14.59 23.51
N GLN C 143 -3.77 14.66 22.24
CA GLN C 143 -4.77 14.94 21.22
C GLN C 143 -4.45 14.25 19.90
N PRO C 144 -4.34 12.91 19.94
CA PRO C 144 -4.02 12.11 18.75
C PRO C 144 -4.82 12.58 17.55
N TRP C 145 -6.08 12.86 17.78
CA TRP C 145 -6.97 13.25 16.72
C TRP C 145 -6.60 14.55 16.05
N ALA C 146 -5.90 15.41 16.80
CA ALA C 146 -5.49 16.69 16.29
C ALA C 146 -4.12 16.65 15.60
N SER C 147 -3.48 15.50 15.60
CA SER C 147 -2.18 15.36 14.97
C SER C 147 -2.30 15.56 13.46
N PRO C 148 -1.25 16.11 12.84
CA PRO C 148 -1.19 16.36 11.42
C PRO C 148 -1.39 15.14 10.57
N ASN C 149 -0.94 13.99 11.04
CA ASN C 149 -1.12 12.82 10.22
C ASN C 149 -2.26 11.94 10.68
N ALA C 150 -3.08 12.52 11.55
CA ALA C 150 -4.22 11.82 12.10
C ALA C 150 -5.12 11.25 11.01
N ALA C 151 -5.48 12.07 10.04
CA ALA C 151 -6.35 11.63 8.97
C ALA C 151 -5.78 10.44 8.22
N ALA C 152 -4.49 10.51 7.86
CA ALA C 152 -3.90 9.40 7.13
C ALA C 152 -3.75 8.15 7.99
N LEU C 153 -3.34 8.34 9.24
CA LEU C 153 -3.14 7.22 10.12
C LEU C 153 -4.43 6.50 10.48
N ASP C 154 -5.45 7.26 10.89
CA ASP C 154 -6.73 6.68 11.31
C ASP C 154 -7.56 6.11 10.16
N SER C 155 -7.06 6.26 8.92
CA SER C 155 -7.73 5.74 7.70
C SER C 155 -7.33 4.34 7.23
N LYS C 156 -6.41 3.69 7.94
CA LYS C 156 -5.93 2.37 7.55
C LYS C 156 -5.72 1.51 8.78
N THR C 157 -5.58 0.20 8.58
CA THR C 157 -5.37 -0.70 9.71
C THR C 157 -3.89 -0.90 9.96
N VAL C 158 -3.57 -1.46 11.12
CA VAL C 158 -2.19 -1.73 11.52
C VAL C 158 -1.68 -2.84 10.62
N ALA C 159 -2.62 -3.68 10.21
CA ALA C 159 -2.34 -4.78 9.31
C ALA C 159 -1.82 -4.20 7.99
N THR C 160 -2.55 -3.26 7.39
CA THR C 160 -2.04 -2.76 6.14
C THR C 160 -0.71 -2.02 6.35
N TRP C 161 -0.49 -1.44 7.53
CA TRP C 161 0.79 -0.77 7.76
C TRP C 161 1.98 -1.73 7.84
N LEU C 162 1.78 -2.90 8.46
CA LEU C 162 2.87 -3.88 8.54
C LEU C 162 3.24 -4.42 7.14
N ALA C 163 2.22 -4.62 6.29
CA ALA C 163 2.41 -5.11 4.94
C ALA C 163 3.18 -4.13 4.06
N GLU C 164 2.93 -2.84 4.26
CA GLU C 164 3.58 -1.82 3.46
C GLU C 164 4.96 -1.45 3.95
N THR C 165 5.21 -1.63 5.24
CA THR C 165 6.46 -1.23 5.87
C THR C 165 7.54 -2.30 6.06
N ILE C 166 7.12 -3.51 6.38
CA ILE C 166 8.06 -4.56 6.69
C ILE C 166 8.28 -5.64 5.68
N GLU C 167 9.53 -6.04 5.57
CA GLU C 167 9.93 -7.04 4.61
C GLU C 167 9.81 -8.46 5.14
N SER C 168 10.49 -8.70 6.24
CA SER C 168 10.52 -10.01 6.91
C SER C 168 9.18 -10.55 7.37
N GLU C 169 8.81 -11.73 6.92
CA GLU C 169 7.56 -12.32 7.35
C GLU C 169 7.61 -12.45 8.87
N GLU C 170 8.77 -12.83 9.40
CA GLU C 170 8.92 -12.99 10.84
C GLU C 170 8.74 -11.70 11.65
N VAL C 171 9.24 -10.58 11.13
CA VAL C 171 9.05 -9.30 11.83
C VAL C 171 7.53 -9.04 11.89
N ARG C 172 6.86 -9.21 10.75
CA ARG C 172 5.42 -9.04 10.64
C ARG C 172 4.72 -9.92 11.68
N ARG C 173 5.19 -11.13 11.85
CA ARG C 173 4.54 -12.00 12.79
C ARG C 173 4.79 -11.58 14.24
N LEU C 174 5.97 -11.02 14.52
CA LEU C 174 6.26 -10.53 15.88
C LEU C 174 5.33 -9.36 16.21
N HIS C 175 5.25 -8.38 15.32
CA HIS C 175 4.38 -7.24 15.54
C HIS C 175 2.95 -7.72 15.78
N THR C 176 2.47 -8.61 14.95
CA THR C 176 1.11 -9.12 15.11
C THR C 176 0.78 -9.72 16.50
N VAL C 177 1.66 -10.58 17.07
CA VAL C 177 1.36 -11.09 18.41
C VAL C 177 1.35 -9.96 19.40
N ILE C 178 2.31 -9.05 19.23
CA ILE C 178 2.42 -7.92 20.12
C ILE C 178 1.11 -7.15 20.13
N VAL C 179 0.58 -6.84 18.96
CA VAL C 179 -0.68 -6.09 18.91
C VAL C 179 -1.84 -6.95 19.42
N ASN C 180 -1.83 -8.23 19.04
CA ASN C 180 -2.90 -9.14 19.43
C ASN C 180 -2.94 -9.34 20.93
N THR C 181 -1.80 -9.12 21.57
CA THR C 181 -1.72 -9.33 23.00
C THR C 181 -1.88 -8.08 23.87
N LEU C 182 -1.40 -6.93 23.41
CA LEU C 182 -1.53 -5.71 24.19
C LEU C 182 -2.96 -5.18 24.16
N LEU C 183 -3.60 -5.34 23.01
CA LEU C 183 -5.00 -4.99 22.78
C LEU C 183 -5.54 -6.41 22.68
N GLY C 184 -6.83 -6.62 22.56
CA GLY C 184 -7.21 -8.02 22.43
C GLY C 184 -7.61 -8.23 20.99
N ALA C 185 -6.99 -7.46 20.12
CA ALA C 185 -7.32 -7.46 18.71
C ALA C 185 -6.14 -7.67 17.79
N ASP C 186 -6.45 -8.06 16.55
CA ASP C 186 -5.44 -8.28 15.53
C ASP C 186 -5.21 -7.01 14.71
N PRO C 187 -3.98 -6.81 14.20
CA PRO C 187 -3.74 -5.63 13.40
C PRO C 187 -4.77 -5.43 12.29
N TYR C 188 -5.43 -6.52 11.85
CA TYR C 188 -6.43 -6.41 10.78
C TYR C 188 -7.73 -5.70 11.17
N GLU C 189 -7.92 -5.40 12.44
CA GLU C 189 -9.13 -4.72 12.85
C GLU C 189 -8.86 -3.50 13.70
N VAL C 190 -7.62 -3.08 13.76
CA VAL C 190 -7.26 -1.92 14.57
C VAL C 190 -6.75 -0.77 13.74
N SER C 191 -7.21 0.43 14.05
CA SER C 191 -6.74 1.63 13.38
C SER C 191 -5.26 1.89 13.68
N LEU C 192 -4.50 2.28 12.66
CA LEU C 192 -3.09 2.56 12.85
C LEU C 192 -2.95 3.76 13.79
N LEU C 193 -3.73 4.82 13.55
CA LEU C 193 -3.66 5.99 14.42
C LEU C 193 -3.89 5.53 15.85
N TYR C 194 -4.88 4.67 16.04
CA TYR C 194 -5.17 4.19 17.37
C TYR C 194 -4.00 3.51 18.05
N TRP C 195 -3.26 2.68 17.30
CA TRP C 195 -2.17 2.00 17.96
C TRP C 195 -0.98 2.93 18.20
N ALA C 196 -0.70 3.82 17.25
CA ALA C 196 0.38 4.76 17.44
C ALA C 196 0.09 5.50 18.75
N TYR C 197 -1.17 5.89 18.89
CA TYR C 197 -1.67 6.58 20.08
C TYR C 197 -1.38 5.74 21.32
N TYR C 198 -1.82 4.49 21.30
CA TYR C 198 -1.64 3.60 22.42
C TYR C 198 -0.17 3.49 22.85
N VAL C 199 0.71 3.26 21.88
CA VAL C 199 2.13 3.14 22.17
C VAL C 199 2.59 4.44 22.76
N SER C 200 2.13 5.53 22.19
CA SER C 200 2.52 6.82 22.72
C SER C 200 2.05 7.03 24.16
N GLU C 201 0.76 6.78 24.40
CA GLU C 201 0.21 7.02 25.73
C GLU C 201 0.61 6.05 26.84
N CYS C 202 1.39 5.01 26.51
CA CYS C 202 1.86 4.08 27.53
C CYS C 202 3.38 4.11 27.58
N GLU C 203 3.93 5.17 27.00
CA GLU C 203 5.37 5.43 26.98
C GLU C 203 6.28 4.60 26.07
N GLY C 204 5.76 4.12 24.94
CA GLY C 204 6.55 3.36 23.98
C GLY C 204 6.47 1.85 24.11
N ILE C 205 6.73 1.08 23.05
CA ILE C 205 6.66 -0.39 23.19
C ILE C 205 7.73 -0.86 24.13
N GLN C 206 8.79 -0.08 24.31
CA GLN C 206 9.78 -0.60 25.23
C GLN C 206 9.16 -0.81 26.61
N SER C 207 8.42 0.18 27.13
CA SER C 207 7.82 -0.05 28.43
C SER C 207 6.62 -0.97 28.31
N LEU C 208 5.86 -0.81 27.23
CA LEU C 208 4.67 -1.62 26.96
C LEU C 208 5.03 -3.10 26.98
N MET C 209 6.22 -3.41 26.48
CA MET C 209 6.74 -4.76 26.36
C MET C 209 7.75 -5.23 27.41
N GLY C 210 7.95 -4.47 28.48
CA GLY C 210 8.91 -4.91 29.49
C GLY C 210 8.66 -6.30 30.05
N THR C 211 9.70 -6.92 30.63
CA THR C 211 9.50 -8.24 31.24
C THR C 211 9.87 -8.17 32.70
N ARG C 212 10.74 -7.26 33.08
CA ARG C 212 11.10 -7.17 34.48
C ARG C 212 11.00 -5.73 34.96
N ASP C 213 10.55 -4.86 34.06
CA ASP C 213 10.36 -3.42 34.34
C ASP C 213 9.36 -2.83 33.36
N GLY C 214 9.31 -1.51 33.30
CA GLY C 214 8.35 -0.86 32.44
C GLY C 214 6.95 -1.11 32.98
N ALA C 215 6.06 -1.60 32.14
CA ALA C 215 4.69 -1.86 32.60
C ALA C 215 4.56 -3.09 33.47
N GLN C 216 5.50 -4.02 33.31
CA GLN C 216 5.45 -5.25 34.06
C GLN C 216 6.58 -5.33 35.05
N TRP C 217 6.44 -4.63 36.18
CA TRP C 217 7.50 -4.66 37.17
C TRP C 217 7.13 -5.06 38.60
N ALA C 218 5.86 -4.94 38.98
CA ALA C 218 5.47 -5.28 40.35
C ALA C 218 4.02 -5.75 40.56
N TRP C 219 3.80 -6.39 41.71
CA TRP C 219 2.48 -6.91 42.11
C TRP C 219 2.12 -6.50 43.53
N TRP C 220 0.84 -6.62 43.88
CA TRP C 220 0.39 -6.33 45.24
C TRP C 220 0.28 -7.71 45.90
N PHE C 221 0.87 -7.91 47.09
CA PHE C 221 0.67 -9.21 47.71
C PHE C 221 -0.83 -9.25 48.01
N GLY C 222 -1.49 -10.36 47.75
CA GLY C 222 -2.91 -10.40 48.07
C GLY C 222 -3.86 -10.20 46.92
N GLY C 223 -3.37 -9.70 45.79
CA GLY C 223 -4.23 -9.51 44.64
C GLY C 223 -4.54 -8.09 44.29
N ALA C 224 -4.68 -7.81 43.00
CA ALA C 224 -4.95 -6.45 42.53
C ALA C 224 -6.31 -5.90 42.93
N ALA C 225 -7.30 -6.77 43.10
CA ALA C 225 -8.65 -6.32 43.46
C ALA C 225 -8.67 -5.64 44.82
N GLN C 226 -7.59 -5.77 45.58
CA GLN C 226 -7.55 -5.15 46.88
C GLN C 226 -7.70 -3.65 46.96
N VAL C 227 -7.06 -2.93 46.07
CA VAL C 227 -7.18 -1.48 46.09
C VAL C 227 -8.66 -1.14 46.16
N SER C 228 -9.47 -1.83 45.38
CA SER C 228 -10.90 -1.56 45.39
C SER C 228 -11.61 -1.90 46.69
N TRP C 229 -11.45 -3.14 47.13
CA TRP C 229 -12.08 -3.63 48.36
C TRP C 229 -11.73 -2.76 49.55
N ARG C 230 -10.46 -2.41 49.61
CA ARG C 230 -9.93 -1.57 50.65
C ARG C 230 -10.58 -0.18 50.62
N ILE C 231 -10.78 0.38 49.42
CA ILE C 231 -11.42 1.68 49.29
C ILE C 231 -12.79 1.51 49.93
N ALA C 232 -13.56 0.57 49.41
CA ALA C 232 -14.89 0.29 49.94
C ALA C 232 -14.86 0.23 51.46
N ASP C 233 -13.92 -0.52 52.02
CA ASP C 233 -13.82 -0.61 53.49
C ASP C 233 -13.56 0.79 54.06
N ALA C 234 -12.55 1.46 53.53
CA ALA C 234 -12.20 2.78 53.98
C ALA C 234 -13.38 3.75 53.89
N ILE C 235 -14.02 3.79 52.74
CA ILE C 235 -15.13 4.71 52.49
C ILE C 235 -16.49 4.35 53.15
N GLY C 236 -16.70 3.06 53.45
CA GLY C 236 -17.95 2.62 54.03
C GLY C 236 -18.58 1.60 53.11
N ARG C 237 -18.27 0.32 53.32
CA ARG C 237 -18.77 -0.76 52.45
C ARG C 237 -20.25 -0.53 52.14
N ASP C 238 -21.00 -0.02 53.11
CA ASP C 238 -22.42 0.25 52.93
C ASP C 238 -22.71 1.19 51.76
N LYS C 239 -21.70 1.94 51.30
CA LYS C 239 -21.86 2.90 50.19
C LYS C 239 -21.75 2.27 48.79
N PHE C 240 -21.30 1.03 48.72
CA PHE C 240 -21.18 0.36 47.46
C PHE C 240 -22.39 -0.53 47.27
N LEU C 241 -23.24 -0.23 46.29
CA LEU C 241 -24.41 -1.06 46.03
C LEU C 241 -24.20 -2.09 44.93
N LEU C 242 -23.89 -3.32 45.31
CA LEU C 242 -23.67 -4.36 44.31
C LEU C 242 -24.99 -4.79 43.70
N GLU C 243 -24.91 -5.50 42.58
CA GLU C 243 -26.09 -5.95 41.85
C GLU C 243 -27.10 -4.84 41.59
N TRP C 244 -26.60 -3.71 41.12
CA TRP C 244 -27.43 -2.55 40.82
C TRP C 244 -27.01 -2.04 39.45
N PRO C 245 -27.33 -2.82 38.39
CA PRO C 245 -26.98 -2.45 37.02
C PRO C 245 -27.78 -1.23 36.60
N VAL C 246 -27.09 -0.17 36.21
CA VAL C 246 -27.79 1.04 35.77
C VAL C 246 -28.25 0.77 34.33
N ASP C 247 -29.53 1.00 34.03
CA ASP C 247 -30.00 0.78 32.66
C ASP C 247 -30.49 2.03 31.96
N ARG C 248 -30.77 3.08 32.73
CA ARG C 248 -31.24 4.34 32.17
C ARG C 248 -30.66 5.49 32.98
N ILE C 249 -30.28 6.56 32.29
CA ILE C 249 -29.72 7.73 32.94
C ILE C 249 -30.44 8.98 32.46
N GLU C 250 -31.24 9.59 33.34
CA GLU C 250 -31.95 10.80 32.99
C GLU C 250 -31.15 11.94 33.56
N HIS C 251 -30.72 12.86 32.71
CA HIS C 251 -29.89 13.94 33.19
C HIS C 251 -30.34 15.28 32.68
N ASP C 252 -30.44 16.24 33.60
CA ASP C 252 -30.86 17.59 33.29
C ASP C 252 -29.85 18.54 33.85
N GLU C 253 -30.27 19.78 34.03
CA GLU C 253 -29.41 20.82 34.54
C GLU C 253 -29.24 20.72 36.04
N SER C 254 -30.23 20.14 36.69
CA SER C 254 -30.23 19.97 38.14
C SER C 254 -29.35 18.82 38.58
N GLY C 255 -29.53 17.67 37.96
CA GLY C 255 -28.71 16.55 38.35
C GLY C 255 -29.00 15.32 37.54
N VAL C 256 -28.75 14.17 38.12
CA VAL C 256 -28.99 12.96 37.37
C VAL C 256 -29.80 11.97 38.17
N THR C 257 -30.54 11.16 37.44
CA THR C 257 -31.37 10.13 38.03
C THR C 257 -31.05 8.84 37.35
N LEU C 258 -30.57 7.89 38.15
CA LEU C 258 -30.23 6.57 37.67
C LEU C 258 -31.36 5.59 37.90
N PHE C 259 -31.50 4.64 36.98
CA PHE C 259 -32.53 3.62 37.10
C PHE C 259 -31.92 2.24 36.97
N SER C 260 -32.37 1.36 37.84
CA SER C 260 -31.96 -0.02 37.82
C SER C 260 -33.31 -0.70 37.84
N GLY C 261 -33.87 -0.93 36.65
CA GLY C 261 -35.17 -1.53 36.59
C GLY C 261 -36.12 -0.55 37.23
N GLN C 262 -36.90 -1.01 38.19
CA GLN C 262 -37.81 -0.11 38.89
C GLN C 262 -37.09 0.81 39.87
N ARG C 263 -36.07 0.32 40.57
CA ARG C 263 -35.36 1.15 41.53
C ARG C 263 -34.69 2.35 40.88
N SER C 264 -34.36 3.35 41.69
CA SER C 264 -33.72 4.56 41.15
C SER C 264 -33.07 5.42 42.22
N LEU C 265 -32.06 6.19 41.83
CA LEU C 265 -31.34 7.10 42.72
C LEU C 265 -31.23 8.46 42.04
N ARG C 266 -30.88 9.49 42.81
CA ARG C 266 -30.73 10.85 42.29
C ARG C 266 -29.48 11.49 42.87
N ALA C 267 -28.70 12.14 42.01
CA ALA C 267 -27.48 12.78 42.45
C ALA C 267 -27.30 14.10 41.76
N ARG C 268 -26.34 14.88 42.27
CA ARG C 268 -26.06 16.17 41.69
C ARG C 268 -25.18 15.97 40.46
N HIS C 269 -24.33 14.96 40.53
CA HIS C 269 -23.42 14.57 39.45
C HIS C 269 -23.24 13.07 39.46
N ILE C 270 -22.73 12.55 38.35
CA ILE C 270 -22.41 11.12 38.26
C ILE C 270 -21.11 10.98 37.48
N VAL C 271 -20.41 9.88 37.73
CA VAL C 271 -19.21 9.60 36.97
C VAL C 271 -19.43 8.19 36.50
N ILE C 272 -19.50 8.02 35.20
CA ILE C 272 -19.67 6.68 34.69
C ILE C 272 -18.22 6.22 34.50
N ALA C 273 -17.82 5.24 35.31
CA ALA C 273 -16.47 4.72 35.31
C ALA C 273 -16.39 3.30 34.77
N MET C 274 -16.54 3.18 33.45
CA MET C 274 -16.48 1.90 32.75
C MET C 274 -16.01 2.16 31.33
N SER C 275 -15.85 1.09 30.56
CA SER C 275 -15.41 1.22 29.16
C SER C 275 -16.49 1.85 28.30
N PRO C 276 -16.11 2.51 27.21
CA PRO C 276 -17.09 3.14 26.33
C PRO C 276 -18.14 2.10 25.92
N LEU C 277 -17.67 0.91 25.51
CA LEU C 277 -18.58 -0.16 25.11
C LEU C 277 -19.60 -0.49 26.19
N ALA C 278 -19.11 -0.62 27.40
CA ALA C 278 -19.95 -0.94 28.54
C ALA C 278 -21.00 0.15 28.86
N ALA C 279 -20.60 1.40 28.68
CA ALA C 279 -21.46 2.54 28.96
C ALA C 279 -22.52 2.65 27.87
N ASN C 280 -22.20 2.12 26.71
CA ASN C 280 -23.09 2.17 25.57
C ASN C 280 -24.28 1.24 25.76
N GLN C 281 -24.26 0.47 26.83
CA GLN C 281 -25.35 -0.46 27.08
C GLN C 281 -26.38 0.18 28.01
N ILE C 282 -26.23 1.47 28.26
CA ILE C 282 -27.13 2.22 29.12
C ILE C 282 -27.91 3.25 28.27
N ARG C 283 -29.20 3.45 28.57
CA ARG C 283 -30.01 4.42 27.84
C ARG C 283 -29.85 5.78 28.50
N PHE C 284 -29.70 6.82 27.67
CA PHE C 284 -29.53 8.19 28.11
C PHE C 284 -30.65 9.11 27.60
N GLU C 285 -31.43 9.70 28.51
CA GLU C 285 -32.47 10.66 28.13
C GLU C 285 -32.05 11.94 28.81
N PRO C 286 -31.71 12.97 28.02
CA PRO C 286 -31.71 13.00 26.56
C PRO C 286 -30.56 12.20 25.97
N ALA C 287 -30.69 11.88 24.69
CA ALA C 287 -29.68 11.14 23.96
C ALA C 287 -28.35 11.84 24.02
N LEU C 288 -27.27 11.09 24.11
CA LEU C 288 -25.93 11.67 24.19
C LEU C 288 -25.59 12.41 22.93
N PRO C 289 -24.75 13.44 23.04
CA PRO C 289 -24.38 14.18 21.83
C PRO C 289 -23.79 13.15 20.84
N THR C 290 -23.83 13.46 19.55
CA THR C 290 -23.42 12.46 18.59
C THR C 290 -21.97 11.95 18.48
N SER C 291 -20.99 12.69 18.97
CA SER C 291 -19.60 12.22 18.92
C SER C 291 -19.34 11.18 19.98
N ARG C 292 -19.92 11.38 21.16
CA ARG C 292 -19.74 10.45 22.26
C ARG C 292 -20.57 9.21 21.92
N ALA C 293 -21.71 9.46 21.29
CA ALA C 293 -22.61 8.39 20.88
C ALA C 293 -21.88 7.43 19.93
N GLN C 294 -21.26 7.98 18.88
CA GLN C 294 -20.46 7.20 17.93
C GLN C 294 -19.30 6.49 18.68
N LEU C 295 -18.52 7.27 19.42
CA LEU C 295 -17.41 6.74 20.18
C LEU C 295 -17.77 5.47 20.95
N GLN C 296 -18.82 5.55 21.76
CA GLN C 296 -19.24 4.39 22.55
C GLN C 296 -19.67 3.22 21.70
N ALA C 297 -20.44 3.49 20.65
CA ALA C 297 -20.92 2.43 19.79
C ALA C 297 -19.85 1.84 18.91
N ARG C 298 -18.74 2.55 18.75
CA ARG C 298 -17.74 2.04 17.86
C ARG C 298 -16.40 1.70 18.47
N ALA C 299 -16.30 1.66 19.79
CA ALA C 299 -15.01 1.32 20.40
C ALA C 299 -15.17 0.01 21.19
N PRO C 300 -14.93 -1.11 20.50
CA PRO C 300 -15.00 -2.49 21.03
C PRO C 300 -13.94 -2.84 22.08
N MET C 301 -14.13 -4.01 22.70
CA MET C 301 -13.21 -4.56 23.71
C MET C 301 -12.47 -5.70 22.99
N GLY C 302 -11.28 -6.08 23.47
CA GLY C 302 -10.53 -7.16 22.84
C GLY C 302 -11.15 -8.53 23.04
N ARG C 303 -10.53 -9.57 22.48
CA ARG C 303 -11.01 -10.94 22.61
C ARG C 303 -9.79 -11.51 23.32
N TYR C 304 -9.95 -11.97 24.58
CA TYR C 304 -8.82 -12.43 25.42
C TYR C 304 -8.99 -13.66 26.32
N TYR C 305 -7.89 -14.35 26.57
CA TYR C 305 -7.85 -15.53 27.45
C TYR C 305 -6.72 -15.29 28.44
N LYS C 306 -6.94 -15.55 29.73
CA LYS C 306 -5.81 -15.44 30.65
C LYS C 306 -5.67 -16.85 31.22
N VAL C 307 -4.60 -17.52 30.82
CA VAL C 307 -4.34 -18.86 31.27
C VAL C 307 -3.33 -18.85 32.40
N GLN C 308 -3.47 -19.80 33.31
CA GLN C 308 -2.60 -19.90 34.46
C GLN C 308 -2.25 -21.36 34.80
N ALA C 309 -0.97 -21.66 34.96
CA ALA C 309 -0.56 -23.02 35.28
C ALA C 309 0.41 -23.01 36.46
N ARG C 310 0.04 -23.69 37.55
CA ARG C 310 0.91 -23.72 38.73
C ARG C 310 1.60 -25.07 38.95
N TYR C 311 2.83 -24.99 39.44
CA TYR C 311 3.62 -26.18 39.65
C TYR C 311 4.27 -26.09 40.99
N PRO C 312 4.84 -27.21 41.45
CA PRO C 312 5.52 -27.26 42.75
C PRO C 312 6.82 -26.47 42.81
N SER C 313 7.43 -26.16 41.69
CA SER C 313 8.67 -25.38 41.72
C SER C 313 8.84 -24.58 40.45
N SER C 314 9.63 -23.51 40.52
CA SER C 314 9.88 -22.67 39.35
C SER C 314 10.91 -23.33 38.47
N PHE C 315 10.62 -24.52 37.93
CA PHE C 315 11.64 -25.17 37.10
C PHE C 315 12.18 -24.25 35.99
N TRP C 316 11.36 -23.36 35.45
CA TRP C 316 11.85 -22.44 34.43
C TRP C 316 12.97 -21.56 34.99
N VAL C 317 12.74 -20.93 36.14
CA VAL C 317 13.79 -20.11 36.72
C VAL C 317 14.97 -20.99 37.09
N GLU C 318 14.68 -22.14 37.72
CA GLU C 318 15.75 -23.07 38.16
C GLU C 318 16.68 -23.43 36.98
N GLN C 319 16.16 -23.44 35.75
CA GLN C 319 16.98 -23.75 34.58
C GLN C 319 17.59 -22.54 33.89
N GLY C 320 17.51 -21.37 34.50
CA GLY C 320 18.10 -20.19 33.86
C GLY C 320 17.20 -19.34 32.99
N TYR C 321 15.91 -19.66 32.99
CA TYR C 321 14.93 -18.92 32.21
C TYR C 321 14.06 -18.08 33.11
N SER C 322 13.72 -16.88 32.66
CA SER C 322 12.90 -15.97 33.45
C SER C 322 11.43 -16.36 33.44
N GLY C 323 11.05 -17.23 32.51
CA GLY C 323 9.65 -17.62 32.42
C GLY C 323 8.94 -16.68 31.46
N ALA C 324 9.58 -15.55 31.11
CA ALA C 324 8.99 -14.62 30.15
C ALA C 324 9.22 -15.21 28.74
N LEU C 325 8.14 -15.25 27.95
CA LEU C 325 8.19 -15.83 26.62
C LEU C 325 7.24 -15.21 25.59
N LEU C 326 7.67 -15.16 24.33
CA LEU C 326 6.87 -14.60 23.24
C LEU C 326 6.83 -15.63 22.12
N ASP C 327 5.64 -16.01 21.70
CA ASP C 327 5.47 -17.03 20.67
C ASP C 327 4.64 -16.51 19.51
N THR C 328 5.19 -16.54 18.31
CA THR C 328 4.44 -16.04 17.18
C THR C 328 3.46 -17.01 16.53
N GLU C 329 3.65 -18.32 16.69
CA GLU C 329 2.76 -19.27 16.01
C GLU C 329 2.33 -20.56 16.68
N ASP C 330 3.06 -21.05 17.66
CA ASP C 330 2.64 -22.29 18.27
C ASP C 330 1.24 -22.09 18.82
N VAL C 331 1.09 -21.07 19.66
CA VAL C 331 -0.21 -20.74 20.24
C VAL C 331 -0.58 -19.30 19.85
N GLY C 332 0.38 -18.38 20.01
CA GLY C 332 0.16 -16.98 19.73
C GLY C 332 -0.07 -16.36 21.10
N VAL C 333 1.03 -16.23 21.85
CA VAL C 333 0.88 -15.74 23.20
C VAL C 333 2.13 -15.13 23.82
N PHE C 334 1.92 -14.39 24.91
CA PHE C 334 2.97 -13.74 25.70
C PHE C 334 2.84 -14.52 27.02
N LEU C 335 3.96 -15.07 27.50
CA LEU C 335 4.03 -15.83 28.78
C LEU C 335 4.78 -14.97 29.76
N LEU C 336 4.53 -15.18 31.04
CA LEU C 336 5.19 -14.37 32.06
C LEU C 336 5.15 -15.09 33.42
N ASP C 337 6.21 -14.96 34.20
CA ASP C 337 6.24 -15.62 35.49
C ASP C 337 5.32 -14.85 36.41
N GLY C 338 4.54 -15.59 37.19
CA GLY C 338 3.64 -14.94 38.11
C GLY C 338 3.78 -15.50 39.50
N THR C 339 5.01 -15.71 39.93
CA THR C 339 5.21 -16.29 41.25
C THR C 339 5.59 -15.32 42.35
N LYS C 340 4.72 -15.21 43.35
CA LYS C 340 4.97 -14.35 44.50
C LYS C 340 5.83 -15.11 45.50
N PRO C 341 6.68 -14.41 46.23
CA PRO C 341 7.60 -14.98 47.24
C PRO C 341 6.79 -15.78 48.24
N THR C 342 5.63 -15.22 48.46
CA THR C 342 4.63 -15.72 49.35
C THR C 342 3.92 -16.97 48.88
N ASP C 343 3.74 -17.11 47.57
CA ASP C 343 3.05 -18.28 47.02
C ASP C 343 3.72 -19.59 47.47
N THR C 344 2.98 -20.71 47.40
CA THR C 344 3.50 -22.01 47.78
C THR C 344 3.44 -22.92 46.57
N LEU C 345 3.23 -22.29 45.42
CA LEU C 345 3.18 -23.00 44.15
C LEU C 345 3.74 -22.02 43.13
N ALA C 346 4.65 -22.48 42.27
CA ALA C 346 5.20 -21.58 41.26
C ALA C 346 4.17 -21.48 40.14
N THR C 347 4.08 -20.31 39.56
CA THR C 347 3.08 -20.15 38.55
C THR C 347 3.51 -19.35 37.31
N LEU C 348 3.08 -19.88 36.17
CA LEU C 348 3.36 -19.34 34.85
C LEU C 348 2.03 -18.85 34.26
N ILE C 349 1.96 -17.60 33.84
CA ILE C 349 0.71 -17.12 33.28
C ILE C 349 0.86 -16.70 31.82
N GLY C 350 -0.12 -17.02 31.00
CA GLY C 350 -0.03 -16.65 29.59
C GLY C 350 -1.25 -15.88 29.11
N PHE C 351 -1.05 -15.01 28.11
CA PHE C 351 -2.16 -14.22 27.60
C PHE C 351 -2.35 -14.46 26.11
N ILE C 352 -3.55 -14.84 25.73
CA ILE C 352 -3.88 -15.12 24.34
C ILE C 352 -4.98 -14.16 23.93
N GLY C 353 -4.73 -13.35 22.90
CA GLY C 353 -5.74 -12.41 22.47
C GLY C 353 -5.99 -12.26 20.99
N GLY C 354 -7.00 -11.46 20.66
CA GLY C 354 -7.35 -11.23 19.28
C GLY C 354 -7.62 -12.49 18.49
N SER C 355 -7.06 -12.52 17.29
CA SER C 355 -7.20 -13.63 16.37
C SER C 355 -6.62 -14.90 17.00
N ASN C 356 -5.67 -14.72 17.91
CA ASN C 356 -5.10 -15.85 18.60
C ASN C 356 -6.15 -16.40 19.55
N TYR C 357 -6.95 -15.52 20.14
CA TYR C 357 -8.04 -15.97 20.99
C TYR C 357 -9.02 -16.68 20.06
N ASP C 358 -9.45 -15.99 19.02
CA ASP C 358 -10.36 -16.58 18.07
C ASP C 358 -9.99 -18.02 17.76
N ARG C 359 -8.71 -18.22 17.45
CA ARG C 359 -8.20 -19.55 17.10
C ARG C 359 -8.52 -20.68 18.05
N TRP C 360 -8.22 -20.44 19.32
CA TRP C 360 -8.39 -21.44 20.34
C TRP C 360 -9.77 -21.60 20.91
N ALA C 361 -10.50 -20.50 20.95
CA ALA C 361 -11.86 -20.52 21.47
C ALA C 361 -12.62 -21.49 20.60
N ALA C 362 -12.07 -21.72 19.40
CA ALA C 362 -12.67 -22.63 18.43
C ALA C 362 -12.34 -24.07 18.73
N HIS C 363 -11.40 -24.29 19.62
CA HIS C 363 -11.03 -25.64 19.99
C HIS C 363 -11.77 -25.97 21.28
N THR C 364 -11.56 -27.19 21.76
CA THR C 364 -12.21 -27.61 22.98
C THR C 364 -11.35 -27.23 24.16
N PRO C 365 -11.97 -27.11 25.33
CA PRO C 365 -11.27 -26.75 26.55
C PRO C 365 -9.98 -27.53 26.73
N GLN C 366 -10.08 -28.85 26.55
CA GLN C 366 -8.93 -29.74 26.69
C GLN C 366 -7.91 -29.51 25.57
N GLU C 367 -8.38 -29.39 24.33
CA GLU C 367 -7.46 -29.12 23.24
C GLU C 367 -6.63 -27.89 23.59
N ARG C 368 -7.29 -26.85 24.07
CA ARG C 368 -6.63 -25.61 24.48
C ARG C 368 -5.57 -25.90 25.53
N GLU C 369 -5.99 -26.53 26.61
CA GLU C 369 -5.06 -26.82 27.65
C GLU C 369 -3.85 -27.61 27.16
N ARG C 370 -4.11 -28.63 26.35
CA ARG C 370 -3.03 -29.46 25.82
C ARG C 370 -2.05 -28.58 25.02
N ALA C 371 -2.61 -27.78 24.12
CA ALA C 371 -1.80 -26.91 23.29
C ALA C 371 -0.92 -25.98 24.14
N PHE C 372 -1.52 -25.40 25.18
CA PHE C 372 -0.81 -24.48 26.06
C PHE C 372 0.31 -25.17 26.80
N LEU C 373 -0.01 -26.33 27.36
CA LEU C 373 0.95 -27.12 28.11
C LEU C 373 2.07 -27.59 27.17
N ASP C 374 1.70 -28.01 25.96
CA ASP C 374 2.68 -28.43 24.97
C ASP C 374 3.75 -27.33 24.86
N LEU C 375 3.30 -26.11 24.57
CA LEU C 375 4.17 -24.94 24.43
C LEU C 375 5.09 -24.78 25.63
N LEU C 376 4.48 -24.72 26.82
CA LEU C 376 5.25 -24.57 28.03
C LEU C 376 6.35 -25.61 28.03
N VAL C 377 6.01 -26.83 27.64
CA VAL C 377 7.01 -27.89 27.59
C VAL C 377 8.12 -27.61 26.57
N LYS C 378 7.74 -27.19 25.37
CA LYS C 378 8.73 -26.88 24.35
C LYS C 378 9.69 -25.82 24.83
N ALA C 379 9.21 -24.92 25.67
CA ALA C 379 10.03 -23.84 26.17
C ALA C 379 10.81 -24.17 27.42
N PHE C 380 10.16 -24.86 28.36
CA PHE C 380 10.80 -25.13 29.63
C PHE C 380 11.02 -26.55 30.07
N GLY C 381 10.69 -27.51 29.22
CA GLY C 381 10.93 -28.88 29.61
C GLY C 381 9.70 -29.66 30.02
N PRO C 382 9.83 -30.98 30.12
CA PRO C 382 8.76 -31.89 30.50
C PRO C 382 8.10 -31.66 31.84
N GLN C 383 8.75 -30.94 32.74
CA GLN C 383 8.10 -30.68 34.03
C GLN C 383 6.81 -29.86 33.81
N ALA C 384 6.74 -29.12 32.73
CA ALA C 384 5.56 -28.32 32.47
C ALA C 384 4.41 -29.23 32.07
N ALA C 385 4.77 -30.37 31.49
CA ALA C 385 3.79 -31.34 31.02
C ALA C 385 2.66 -31.64 31.99
N ASP C 386 2.88 -31.50 33.28
CA ASP C 386 1.81 -31.83 34.21
C ASP C 386 1.64 -30.89 35.42
N PRO C 387 0.85 -29.82 35.27
CA PRO C 387 0.64 -28.85 36.35
C PRO C 387 -0.20 -29.30 37.54
N SER C 388 0.04 -28.68 38.69
CA SER C 388 -0.69 -28.95 39.92
C SER C 388 -2.06 -28.28 39.77
N TYR C 389 -2.09 -27.19 39.01
CA TYR C 389 -3.31 -26.43 38.83
C TYR C 389 -3.29 -25.70 37.48
N PHE C 390 -4.44 -25.69 36.84
CA PHE C 390 -4.57 -25.02 35.56
C PHE C 390 -5.89 -24.27 35.56
N HIS C 391 -5.91 -23.06 35.00
CA HIS C 391 -7.13 -22.27 34.94
C HIS C 391 -7.10 -21.40 33.73
N GLU C 392 -8.28 -21.20 33.17
CA GLU C 392 -8.43 -20.39 31.98
C GLU C 392 -9.57 -19.46 32.28
N THR C 393 -9.45 -18.22 31.84
CA THR C 393 -10.53 -17.31 32.09
C THR C 393 -10.70 -16.51 30.79
N ASP C 394 -11.85 -16.75 30.17
CA ASP C 394 -12.25 -16.18 28.89
C ASP C 394 -12.87 -14.83 29.15
N TRP C 395 -12.13 -13.77 28.89
CA TRP C 395 -12.67 -12.45 29.11
C TRP C 395 -13.60 -11.99 28.03
N THR C 396 -13.42 -12.50 26.83
CA THR C 396 -14.31 -12.08 25.78
C THR C 396 -15.75 -12.50 26.14
N GLN C 397 -15.91 -13.48 27.01
CA GLN C 397 -17.27 -13.79 27.38
C GLN C 397 -17.74 -13.48 28.80
N GLN C 398 -17.05 -12.57 29.49
CA GLN C 398 -17.46 -12.17 30.81
C GLN C 398 -18.63 -11.19 30.62
N GLU C 399 -19.69 -11.40 31.38
CA GLU C 399 -20.88 -10.57 31.27
C GLU C 399 -20.72 -9.05 31.31
N TRP C 400 -20.00 -8.52 32.29
CA TRP C 400 -19.90 -7.07 32.36
C TRP C 400 -18.67 -6.43 31.79
N ALA C 401 -17.64 -7.21 31.54
CA ALA C 401 -16.45 -6.63 30.97
C ALA C 401 -16.62 -6.67 29.47
N LYS C 402 -17.31 -7.73 29.01
CA LYS C 402 -17.57 -7.95 27.59
C LYS C 402 -16.32 -8.12 26.72
N GLY C 403 -15.20 -8.54 27.29
CA GLY C 403 -14.04 -8.72 26.44
C GLY C 403 -12.65 -8.33 26.91
N GLY C 404 -11.71 -8.53 25.93
CA GLY C 404 -10.25 -8.31 25.90
C GLY C 404 -9.63 -7.69 27.10
N PRO C 405 -8.38 -7.21 27.04
CA PRO C 405 -7.89 -6.59 28.30
C PRO C 405 -8.26 -5.11 28.29
N VAL C 406 -8.24 -4.55 27.08
CA VAL C 406 -8.52 -3.13 26.89
C VAL C 406 -9.54 -2.86 25.79
N THR C 407 -9.76 -1.57 25.53
CA THR C 407 -10.64 -1.13 24.46
C THR C 407 -9.73 -0.91 23.24
N TYR C 408 -10.29 -1.02 22.04
CA TYR C 408 -9.50 -0.74 20.84
C TYR C 408 -10.46 -0.06 19.87
N MET C 409 -9.93 0.51 18.80
CA MET C 409 -10.79 1.18 17.84
C MET C 409 -10.43 0.83 16.40
N PRO C 410 -11.45 0.76 15.53
CA PRO C 410 -11.21 0.45 14.13
C PRO C 410 -10.88 1.78 13.45
N PRO C 411 -10.47 1.73 12.19
CA PRO C 411 -10.15 2.96 11.49
C PRO C 411 -11.43 3.80 11.46
N GLY C 412 -11.29 5.12 11.45
CA GLY C 412 -12.44 5.98 11.40
C GLY C 412 -13.00 6.59 12.67
N VAL C 413 -12.61 6.09 13.83
CA VAL C 413 -13.18 6.67 15.04
C VAL C 413 -12.30 7.62 15.87
N LEU C 414 -11.20 7.14 16.44
CA LEU C 414 -10.34 7.99 17.28
C LEU C 414 -10.14 9.42 16.77
N ALA C 415 -9.92 9.56 15.47
CA ALA C 415 -9.66 10.87 14.89
C ALA C 415 -10.87 11.73 14.73
N ASN C 416 -12.05 11.15 14.79
CA ASN C 416 -13.31 11.88 14.62
C ASN C 416 -14.09 12.13 15.92
N PHE C 417 -13.89 11.32 16.95
CA PHE C 417 -14.63 11.51 18.20
C PHE C 417 -13.75 11.31 19.42
N GLY C 418 -12.46 11.14 19.20
CA GLY C 418 -11.53 10.91 20.28
C GLY C 418 -11.81 11.72 21.53
N ALA C 419 -11.96 13.04 21.37
CA ALA C 419 -12.22 13.88 22.52
C ALA C 419 -13.42 13.42 23.36
N ALA C 420 -14.36 12.71 22.76
CA ALA C 420 -15.53 12.24 23.47
C ALA C 420 -15.15 11.34 24.64
N LEU C 421 -13.93 10.81 24.59
CA LEU C 421 -13.43 9.94 25.62
C LEU C 421 -13.32 10.64 26.95
N ARG C 422 -13.13 11.95 26.91
CA ARG C 422 -12.92 12.71 28.14
C ARG C 422 -13.95 13.77 28.49
N ASP C 423 -14.46 14.45 27.48
CA ASP C 423 -15.41 15.52 27.71
C ASP C 423 -16.68 15.05 28.38
N PRO C 424 -17.10 15.77 29.43
CA PRO C 424 -18.33 15.44 30.18
C PRO C 424 -19.50 15.88 29.33
N VAL C 425 -20.65 15.29 29.58
CA VAL C 425 -21.87 15.68 28.87
C VAL C 425 -22.74 16.23 29.99
N GLY C 426 -22.66 17.54 30.20
CA GLY C 426 -23.44 18.18 31.24
C GLY C 426 -22.98 17.79 32.63
N LYS C 427 -23.87 17.16 33.38
CA LYS C 427 -23.57 16.75 34.75
C LYS C 427 -22.95 15.35 34.81
N VAL C 428 -22.96 14.63 33.68
CA VAL C 428 -22.39 13.29 33.68
C VAL C 428 -20.92 13.44 33.25
N HIS C 429 -20.05 12.80 34.03
CA HIS C 429 -18.61 12.85 33.79
C HIS C 429 -18.08 11.48 33.50
N PHE C 430 -16.97 11.41 32.78
CA PHE C 430 -16.41 10.11 32.44
C PHE C 430 -15.09 9.70 33.10
N ALA C 431 -15.11 8.52 33.70
CA ALA C 431 -13.94 7.95 34.32
C ALA C 431 -13.71 6.65 33.55
N GLY C 432 -13.09 5.67 34.16
CA GLY C 432 -12.79 4.47 33.39
C GLY C 432 -11.44 4.76 32.75
N THR C 433 -10.57 3.77 32.71
CA THR C 433 -9.24 3.93 32.20
C THR C 433 -9.18 4.60 30.84
N GLU C 434 -10.14 4.27 29.99
CA GLU C 434 -10.16 4.83 28.65
C GLU C 434 -10.15 6.36 28.61
N ALA C 435 -10.50 6.98 29.73
CA ALA C 435 -10.57 8.44 29.83
C ALA C 435 -9.31 9.06 30.40
N SER C 436 -8.30 8.24 30.66
CA SER C 436 -7.07 8.78 31.19
C SER C 436 -6.27 9.41 30.05
N PHE C 437 -5.43 10.39 30.38
CA PHE C 437 -4.61 10.99 29.36
C PHE C 437 -3.59 9.95 28.96
N GLN C 438 -2.83 9.48 29.94
CA GLN C 438 -1.83 8.44 29.74
C GLN C 438 -2.12 7.21 30.57
N TRP C 439 -1.60 6.09 30.10
CA TRP C 439 -1.79 4.80 30.74
C TRP C 439 -3.26 4.30 30.70
N SER C 440 -3.95 4.73 29.65
CA SER C 440 -5.33 4.35 29.38
C SER C 440 -5.19 2.94 28.90
N GLY C 441 -5.90 2.01 29.53
CA GLY C 441 -5.82 0.61 29.17
C GLY C 441 -5.23 -0.16 30.33
N TYR C 442 -4.79 0.57 31.34
CA TYR C 442 -4.17 -0.02 32.51
C TYR C 442 -4.81 0.48 33.81
N MET C 443 -4.53 -0.20 34.92
CA MET C 443 -5.08 0.20 36.20
C MET C 443 -4.62 1.63 36.50
N GLU C 444 -3.37 1.93 36.22
CA GLU C 444 -2.88 3.28 36.45
C GLU C 444 -3.84 4.28 35.83
N GLY C 445 -4.17 4.06 34.57
CA GLY C 445 -5.09 4.94 33.87
C GLY C 445 -6.42 4.97 34.60
N GLY C 446 -6.91 3.81 34.98
CA GLY C 446 -8.17 3.79 35.71
C GLY C 446 -8.12 4.70 36.92
N VAL C 447 -7.07 4.53 37.72
CA VAL C 447 -6.92 5.36 38.89
C VAL C 447 -6.88 6.85 38.54
N ARG C 448 -6.08 7.20 37.54
CA ARG C 448 -5.98 8.60 37.16
C ARG C 448 -7.29 9.19 36.64
N ALA C 449 -7.99 8.46 35.79
CA ALA C 449 -9.24 8.91 35.21
C ALA C 449 -10.25 9.17 36.33
N GLY C 450 -10.25 8.28 37.31
CA GLY C 450 -11.17 8.42 38.42
C GLY C 450 -10.89 9.68 39.22
N GLN C 451 -9.64 9.85 39.62
CA GLN C 451 -9.28 11.03 40.40
C GLN C 451 -9.51 12.34 39.63
N LYS C 452 -9.27 12.33 38.32
CA LYS C 452 -9.47 13.58 37.62
C LYS C 452 -10.95 13.85 37.51
N ALA C 453 -11.74 12.81 37.34
CA ALA C 453 -13.19 13.00 37.24
C ALA C 453 -13.66 13.59 38.57
N ALA C 454 -13.15 13.01 39.66
CA ALA C 454 -13.51 13.43 41.00
C ALA C 454 -13.21 14.90 41.21
N ALA C 455 -12.00 15.33 40.84
CA ALA C 455 -11.59 16.72 40.98
C ALA C 455 -12.52 17.64 40.18
N ALA C 456 -12.74 17.31 38.91
CA ALA C 456 -13.66 18.09 38.09
C ALA C 456 -14.95 18.29 38.85
N ILE C 457 -15.57 17.20 39.28
CA ILE C 457 -16.82 17.28 40.00
C ILE C 457 -16.66 18.08 41.30
N ALA C 458 -15.56 17.85 42.03
CA ALA C 458 -15.33 18.56 43.27
C ALA C 458 -15.45 20.04 43.01
N GLU C 459 -14.73 20.48 41.98
CA GLU C 459 -14.72 21.87 41.56
C GLU C 459 -16.08 22.44 41.19
N GLU C 460 -17.00 21.59 40.75
CA GLU C 460 -18.32 22.05 40.39
C GLU C 460 -19.20 22.26 41.60
N LEU C 461 -18.68 22.01 42.78
CA LEU C 461 -19.45 22.20 43.99
C LEU C 461 -18.86 23.26 44.93
N PRO D 13 54.02 2.79 -20.61
CA PRO D 13 52.92 3.58 -19.99
C PRO D 13 53.24 5.04 -20.18
N ASP D 14 52.49 5.71 -21.05
CA ASP D 14 52.68 7.11 -21.35
C ASP D 14 52.73 7.99 -20.13
N VAL D 15 51.91 7.69 -19.14
CA VAL D 15 51.87 8.54 -17.98
C VAL D 15 51.42 7.71 -16.78
N ASP D 16 51.52 8.29 -15.59
CA ASP D 16 51.15 7.61 -14.37
C ASP D 16 49.67 7.29 -14.32
N VAL D 17 48.89 8.36 -14.39
CA VAL D 17 47.44 8.30 -14.32
C VAL D 17 46.76 9.05 -15.48
N ILE D 18 45.75 8.43 -16.07
CA ILE D 18 44.98 9.10 -17.10
C ILE D 18 43.59 9.23 -16.51
N ILE D 19 43.09 10.46 -16.43
CA ILE D 19 41.76 10.69 -15.88
C ILE D 19 40.81 10.83 -17.05
N ILE D 20 39.79 9.96 -17.10
CA ILE D 20 38.80 10.04 -18.16
C ILE D 20 37.66 10.93 -17.66
N GLY D 21 37.41 12.02 -18.35
CA GLY D 21 36.37 12.94 -17.95
C GLY D 21 36.90 14.27 -17.46
N ALA D 22 36.58 15.36 -18.16
CA ALA D 22 37.09 16.63 -17.71
C ALA D 22 36.07 17.48 -16.99
N GLY D 23 35.36 16.91 -16.02
CA GLY D 23 34.40 17.70 -15.27
C GLY D 23 35.11 18.20 -14.02
N ILE D 24 34.35 18.81 -13.11
CA ILE D 24 34.88 19.30 -11.84
C ILE D 24 35.66 18.14 -11.23
N SER D 25 35.01 16.99 -11.18
CA SER D 25 35.58 15.79 -10.57
C SER D 25 36.87 15.31 -11.23
N GLY D 26 36.80 15.00 -12.52
CA GLY D 26 38.00 14.54 -13.19
C GLY D 26 39.09 15.57 -13.01
N SER D 27 38.72 16.85 -13.15
CA SER D 27 39.67 17.93 -13.01
C SER D 27 40.26 18.01 -11.62
N ALA D 28 39.42 17.93 -10.59
CA ALA D 28 39.90 17.98 -9.23
C ALA D 28 40.88 16.82 -9.03
N ALA D 29 40.55 15.67 -9.58
CA ALA D 29 41.40 14.50 -9.46
C ALA D 29 42.78 14.73 -10.06
N ALA D 30 42.80 15.35 -11.24
CA ALA D 30 44.06 15.62 -11.91
C ALA D 30 44.88 16.67 -11.20
N LYS D 31 44.21 17.65 -10.58
CA LYS D 31 44.97 18.69 -9.86
C LYS D 31 45.69 18.03 -8.70
N ALA D 32 44.95 17.23 -7.94
CA ALA D 32 45.49 16.52 -6.81
C ALA D 32 46.64 15.62 -7.21
N LEU D 33 46.38 14.69 -8.13
CA LEU D 33 47.42 13.80 -8.59
C LEU D 33 48.64 14.61 -9.07
N HIS D 34 48.38 15.64 -9.86
CA HIS D 34 49.45 16.49 -10.37
C HIS D 34 50.26 17.12 -9.25
N ASP D 35 49.60 17.85 -8.37
CA ASP D 35 50.30 18.49 -7.26
C ASP D 35 51.12 17.48 -6.45
N GLN D 36 50.67 16.23 -6.39
CA GLN D 36 51.39 15.25 -5.59
C GLN D 36 52.62 14.72 -6.36
N GLY D 37 52.80 15.16 -7.59
CA GLY D 37 53.96 14.71 -8.34
C GLY D 37 53.77 13.66 -9.42
N ALA D 38 52.59 13.10 -9.57
CA ALA D 38 52.39 12.06 -10.58
C ALA D 38 52.24 12.68 -11.94
N SER D 39 52.62 11.92 -12.98
CA SER D 39 52.45 12.39 -14.34
C SER D 39 50.96 12.15 -14.66
N VAL D 40 50.32 13.13 -15.24
CA VAL D 40 48.91 13.01 -15.46
C VAL D 40 48.40 13.46 -16.82
N LEU D 41 47.32 12.83 -17.25
CA LEU D 41 46.68 13.13 -18.51
C LEU D 41 45.15 13.09 -18.31
N VAL D 42 44.44 14.05 -18.90
CA VAL D 42 42.97 14.07 -18.79
C VAL D 42 42.43 13.93 -20.20
N VAL D 43 41.69 12.86 -20.41
CA VAL D 43 41.16 12.56 -21.72
C VAL D 43 39.65 12.91 -21.70
N GLU D 44 39.22 13.83 -22.58
CA GLU D 44 37.83 14.31 -22.60
C GLU D 44 37.05 14.13 -23.91
N ALA D 45 35.88 13.50 -23.81
CA ALA D 45 35.01 13.19 -24.95
C ALA D 45 34.63 14.33 -25.87
N ASN D 46 34.06 15.42 -25.37
CA ASN D 46 33.75 16.42 -26.36
C ASN D 46 34.70 17.59 -26.38
N ASP D 47 34.28 18.69 -26.97
CA ASP D 47 35.20 19.80 -27.13
C ASP D 47 35.18 20.94 -26.12
N ARG D 48 34.76 20.68 -24.89
CA ARG D 48 34.76 21.73 -23.86
C ARG D 48 35.15 21.16 -22.50
N ILE D 49 35.91 21.93 -21.73
CA ILE D 49 36.41 21.50 -20.42
C ILE D 49 35.36 21.48 -19.35
N GLY D 50 34.29 22.24 -19.48
CA GLY D 50 33.33 22.13 -18.38
C GLY D 50 32.75 20.71 -18.15
N GLY D 51 32.12 20.48 -17.01
CA GLY D 51 31.49 19.17 -16.83
C GLY D 51 30.01 19.34 -17.16
N ARG D 52 29.16 19.19 -16.15
CA ARG D 52 27.72 19.43 -16.23
C ARG D 52 27.76 20.85 -15.65
N THR D 53 28.96 21.42 -15.68
CA THR D 53 29.26 22.81 -15.32
C THR D 53 29.57 23.26 -16.74
N TRP D 54 28.73 24.15 -17.27
CA TRP D 54 28.88 24.60 -18.63
C TRP D 54 28.70 26.09 -18.55
N THR D 55 29.76 26.82 -18.91
CA THR D 55 29.73 28.27 -18.81
C THR D 55 30.07 29.01 -20.09
N GLU D 56 29.34 30.09 -20.36
CA GLU D 56 29.62 30.92 -21.51
C GLU D 56 29.73 32.32 -20.92
N GLN D 57 30.98 32.75 -20.71
CA GLN D 57 31.26 34.05 -20.10
C GLN D 57 30.84 35.26 -20.97
N GLU D 58 31.12 35.22 -22.27
CA GLU D 58 30.74 36.34 -23.12
C GLU D 58 29.57 35.98 -24.02
N GLY D 59 29.19 34.71 -24.02
CA GLY D 59 28.08 34.31 -24.83
C GLY D 59 26.90 35.28 -24.75
N ALA D 60 25.97 34.99 -23.84
CA ALA D 60 24.75 35.78 -23.67
C ALA D 60 24.88 37.17 -23.02
N PRO D 61 23.84 38.00 -23.21
CA PRO D 61 23.73 39.36 -22.69
C PRO D 61 23.35 39.41 -21.23
N GLY D 62 23.86 40.40 -20.53
CA GLY D 62 23.56 40.57 -19.13
C GLY D 62 24.73 40.14 -18.27
N GLY D 63 25.46 39.15 -18.76
CA GLY D 63 26.60 38.68 -18.02
C GLY D 63 26.82 37.23 -18.33
N PRO D 64 27.81 36.60 -17.67
CA PRO D 64 28.14 35.19 -17.89
C PRO D 64 26.93 34.38 -17.57
N ILE D 65 26.75 33.27 -18.27
CA ILE D 65 25.61 32.40 -18.05
C ILE D 65 26.07 30.96 -17.83
N ASP D 66 25.41 30.25 -16.91
CA ASP D 66 25.72 28.84 -16.62
C ASP D 66 24.56 27.98 -17.07
N TYR D 67 24.83 26.98 -17.90
CA TYR D 67 23.78 26.10 -18.38
C TYR D 67 23.66 24.88 -17.48
N GLY D 68 24.68 24.65 -16.66
CA GLY D 68 24.64 23.51 -15.79
C GLY D 68 24.62 23.93 -14.34
N GLY D 69 25.42 23.24 -13.53
CA GLY D 69 25.52 23.53 -12.12
C GLY D 69 26.11 24.88 -11.87
N MET D 70 25.63 25.56 -10.83
CA MET D 70 26.15 26.88 -10.53
C MET D 70 26.06 27.25 -9.04
N PHE D 71 25.22 26.54 -8.28
CA PHE D 71 25.10 26.87 -6.88
C PHE D 71 26.09 26.17 -5.97
N ILE D 72 26.77 26.94 -5.12
CA ILE D 72 27.73 26.39 -4.13
C ILE D 72 27.00 26.34 -2.80
N GLY D 73 26.99 25.19 -2.13
CA GLY D 73 26.32 25.08 -0.85
C GLY D 73 27.15 25.64 0.29
N GLU D 74 26.50 26.11 1.36
CA GLU D 74 27.26 26.68 2.47
C GLU D 74 28.23 25.73 3.10
N THR D 75 28.00 24.43 2.94
CA THR D 75 28.94 23.47 3.52
C THR D 75 29.77 22.76 2.46
N HIS D 76 29.77 23.28 1.23
CA HIS D 76 30.54 22.66 0.15
C HIS D 76 32.02 23.04 0.28
N THR D 77 32.55 22.64 1.41
CA THR D 77 33.91 22.88 1.80
C THR D 77 35.00 22.62 0.76
N HIS D 78 35.02 21.45 0.14
CA HIS D 78 36.06 21.21 -0.83
C HIS D 78 35.92 22.11 -2.05
N LEU D 79 34.68 22.34 -2.48
CA LEU D 79 34.48 23.19 -3.65
C LEU D 79 35.00 24.60 -3.35
N ILE D 80 34.63 25.12 -2.19
CA ILE D 80 35.06 26.45 -1.80
C ILE D 80 36.56 26.58 -1.67
N GLU D 81 37.21 25.57 -1.10
CA GLU D 81 38.64 25.60 -0.92
C GLU D 81 39.34 25.64 -2.31
N LEU D 82 39.00 24.67 -3.14
CA LEU D 82 39.55 24.52 -4.49
C LEU D 82 39.28 25.74 -5.33
N GLY D 83 38.05 26.25 -5.25
CA GLY D 83 37.73 27.42 -6.04
C GLY D 83 38.63 28.56 -5.62
N THR D 84 38.69 28.77 -4.33
CA THR D 84 39.49 29.82 -3.76
C THR D 84 40.95 29.70 -4.14
N SER D 85 41.52 28.51 -3.95
CA SER D 85 42.91 28.29 -4.28
C SER D 85 43.22 28.62 -5.73
N LEU D 86 42.20 28.53 -6.58
CA LEU D 86 42.33 28.82 -8.00
C LEU D 86 42.13 30.31 -8.26
N GLY D 87 41.87 31.05 -7.18
CA GLY D 87 41.68 32.48 -7.29
C GLY D 87 40.30 32.97 -7.68
N LEU D 88 39.29 32.10 -7.66
CA LEU D 88 37.95 32.51 -8.02
C LEU D 88 37.31 33.18 -6.80
N GLU D 89 36.30 34.01 -7.02
CA GLU D 89 35.64 34.69 -5.92
C GLU D 89 34.14 34.32 -5.87
N MET D 90 33.59 34.23 -4.67
CA MET D 90 32.19 33.87 -4.53
C MET D 90 31.28 35.06 -4.22
N THR D 91 30.01 34.97 -4.60
CA THR D 91 29.03 36.00 -4.28
C THR D 91 27.75 35.28 -3.84
N PRO D 92 27.08 35.81 -2.81
CA PRO D 92 25.83 35.26 -2.25
C PRO D 92 24.76 35.01 -3.31
N SER D 93 24.18 33.82 -3.30
CA SER D 93 23.12 33.49 -4.24
C SER D 93 21.79 34.08 -3.74
N GLY D 94 21.60 34.11 -2.43
CA GLY D 94 20.36 34.61 -1.86
C GLY D 94 19.88 36.01 -2.26
N LYS D 95 18.56 36.24 -2.09
CA LYS D 95 17.91 37.53 -2.35
C LYS D 95 16.87 37.76 -1.28
N PRO D 96 16.69 39.01 -0.87
CA PRO D 96 15.71 39.35 0.17
C PRO D 96 14.30 39.37 -0.35
N GLY D 97 13.37 38.90 0.46
CA GLY D 97 11.99 38.90 0.03
C GLY D 97 11.28 37.61 0.38
N ASP D 98 9.99 37.59 0.14
CA ASP D 98 9.22 36.41 0.44
C ASP D 98 9.37 35.39 -0.66
N ASP D 99 9.35 34.12 -0.29
CA ASP D 99 9.45 33.03 -1.25
C ASP D 99 8.03 32.81 -1.74
N THR D 100 7.88 32.10 -2.85
CA THR D 100 6.56 31.90 -3.40
C THR D 100 6.19 30.45 -3.71
N TYR D 101 4.98 30.04 -3.34
CA TYR D 101 4.52 28.70 -3.67
C TYR D 101 3.30 28.84 -4.57
N ILE D 102 3.26 28.10 -5.67
CA ILE D 102 2.06 28.10 -6.49
C ILE D 102 1.50 26.70 -6.26
N VAL D 103 0.48 26.63 -5.41
CA VAL D 103 -0.16 25.36 -5.09
C VAL D 103 -1.59 25.35 -5.63
N ALA D 104 -1.98 24.26 -6.28
CA ALA D 104 -3.31 24.17 -6.84
C ALA D 104 -3.62 25.36 -7.74
N GLY D 105 -2.59 26.00 -8.27
CA GLY D 105 -2.82 27.13 -9.16
C GLY D 105 -2.85 28.48 -8.48
N ASN D 106 -2.98 28.47 -7.15
CA ASN D 106 -3.04 29.72 -6.41
C ASN D 106 -1.67 30.15 -5.96
N VAL D 107 -1.46 31.45 -5.97
CA VAL D 107 -0.18 32.00 -5.56
C VAL D 107 -0.17 32.24 -4.06
N LEU D 108 0.80 31.64 -3.37
CA LEU D 108 0.96 31.79 -1.93
C LEU D 108 2.35 32.35 -1.64
N ARG D 109 2.45 33.29 -0.71
CA ARG D 109 3.76 33.84 -0.38
C ARG D 109 4.19 33.29 0.96
N ALA D 110 5.49 33.14 1.16
CA ALA D 110 5.92 32.59 2.41
C ALA D 110 7.12 33.32 2.98
N PRO D 111 6.89 34.24 3.93
CA PRO D 111 7.91 35.04 4.61
C PRO D 111 8.87 34.12 5.33
N ASP D 112 10.06 33.95 4.77
CA ASP D 112 11.10 33.09 5.32
C ASP D 112 10.64 31.66 5.23
N ASP D 113 10.20 31.28 4.02
CA ASP D 113 9.71 29.95 3.72
C ASP D 113 8.80 29.46 4.81
N GLN D 114 7.96 30.38 5.32
CA GLN D 114 7.00 30.06 6.36
C GLN D 114 5.61 30.31 5.77
N LEU D 115 4.96 29.25 5.29
CA LEU D 115 3.61 29.36 4.71
C LEU D 115 2.56 29.58 5.80
N ASP D 116 1.48 30.28 5.47
CA ASP D 116 0.41 30.50 6.44
C ASP D 116 0.03 29.15 7.04
N PRO D 117 0.22 28.97 8.36
CA PRO D 117 -0.07 27.77 9.15
C PRO D 117 -1.51 27.32 9.00
N ASN D 118 -2.39 28.26 8.72
CA ASN D 118 -3.80 27.95 8.55
C ASN D 118 -4.11 27.33 7.20
N LEU D 119 -3.15 27.35 6.30
CA LEU D 119 -3.37 26.72 5.02
C LEU D 119 -3.63 25.27 5.39
N PRO D 120 -4.70 24.67 4.83
CA PRO D 120 -5.00 23.28 5.15
C PRO D 120 -3.90 22.24 4.94
N PHE D 121 -3.14 22.34 3.85
CA PHE D 121 -2.08 21.38 3.59
C PHE D 121 -0.80 21.55 4.41
N VAL D 122 -0.58 22.73 4.96
CA VAL D 122 0.66 22.97 5.68
C VAL D 122 1.09 22.02 6.80
N PRO D 123 0.26 21.84 7.83
CA PRO D 123 0.73 20.92 8.87
C PRO D 123 1.16 19.50 8.45
N GLU D 124 0.40 18.86 7.56
CA GLU D 124 0.79 17.50 7.16
C GLU D 124 2.00 17.55 6.26
N PHE D 125 2.20 18.68 5.58
CA PHE D 125 3.36 18.86 4.72
C PHE D 125 4.59 18.87 5.62
N LEU D 126 4.55 19.70 6.66
CA LEU D 126 5.66 19.77 7.60
C LEU D 126 5.90 18.38 8.19
N SER D 127 4.82 17.78 8.67
CA SER D 127 4.85 16.47 9.26
C SER D 127 5.51 15.47 8.30
N SER D 128 5.06 15.43 7.05
CA SER D 128 5.62 14.49 6.07
C SER D 128 7.08 14.79 5.82
N LEU D 129 7.42 16.08 5.80
CA LEU D 129 8.80 16.51 5.60
C LEU D 129 9.68 15.90 6.71
N LYS D 130 9.22 16.01 7.96
CA LYS D 130 9.93 15.45 9.10
C LYS D 130 10.03 13.93 8.97
N ALA D 131 9.01 13.34 8.34
CA ALA D 131 8.97 11.90 8.12
C ALA D 131 10.13 11.55 7.20
N LEU D 132 10.20 12.25 6.07
CA LEU D 132 11.25 12.03 5.11
C LEU D 132 12.64 12.10 5.76
N ASP D 133 12.89 13.15 6.56
CA ASP D 133 14.18 13.27 7.20
C ASP D 133 14.46 12.08 8.09
N GLU D 134 13.46 11.62 8.82
CA GLU D 134 13.65 10.47 9.70
C GLU D 134 13.99 9.21 8.91
N LEU D 135 13.31 9.03 7.78
CA LEU D 135 13.56 7.89 6.95
C LEU D 135 14.98 8.00 6.40
N ALA D 136 15.41 9.23 6.12
CA ALA D 136 16.75 9.46 5.59
C ALA D 136 17.79 9.10 6.66
N ASP D 137 17.43 9.17 7.92
CA ASP D 137 18.41 8.79 8.90
C ASP D 137 18.42 7.27 9.11
N SER D 138 17.32 6.57 8.90
CA SER D 138 17.33 5.13 9.11
C SER D 138 18.34 4.46 8.18
N VAL D 139 18.39 4.92 6.93
CA VAL D 139 19.36 4.41 5.97
C VAL D 139 20.38 5.55 6.06
N GLY D 140 21.64 5.35 5.74
CA GLY D 140 22.53 6.51 5.89
C GLY D 140 23.14 7.06 4.62
N TRP D 141 24.36 7.58 4.68
CA TRP D 141 25.01 8.06 3.47
C TRP D 141 26.17 7.11 3.14
N ASP D 142 26.74 6.53 4.18
CA ASP D 142 27.87 5.64 4.03
C ASP D 142 27.58 4.23 3.51
N GLN D 143 26.52 3.59 3.98
CA GLN D 143 26.21 2.26 3.51
C GLN D 143 24.71 1.99 3.47
N PRO D 144 23.98 2.83 2.73
CA PRO D 144 22.53 2.71 2.60
C PRO D 144 22.10 1.25 2.42
N TRP D 145 22.85 0.56 1.58
CA TRP D 145 22.54 -0.81 1.26
C TRP D 145 22.62 -1.75 2.44
N ALA D 146 23.43 -1.39 3.41
CA ALA D 146 23.60 -2.21 4.61
C ALA D 146 22.60 -1.86 5.71
N SER D 147 21.77 -0.87 5.48
CA SER D 147 20.78 -0.49 6.47
C SER D 147 19.76 -1.61 6.69
N PRO D 148 19.24 -1.73 7.91
CA PRO D 148 18.26 -2.74 8.28
C PRO D 148 17.00 -2.69 7.45
N ASN D 149 16.59 -1.51 7.04
CA ASN D 149 15.37 -1.46 6.26
C ASN D 149 15.63 -1.31 4.77
N ALA D 150 16.88 -1.52 4.40
CA ALA D 150 17.30 -1.40 3.02
C ALA D 150 16.43 -2.26 2.10
N ALA D 151 16.26 -3.52 2.45
CA ALA D 151 15.47 -4.41 1.60
C ALA D 151 14.05 -3.91 1.40
N ALA D 152 13.40 -3.48 2.46
CA ALA D 152 12.03 -3.00 2.33
C ALA D 152 11.97 -1.66 1.56
N LEU D 153 12.90 -0.78 1.86
CA LEU D 153 12.89 0.51 1.22
C LEU D 153 13.21 0.45 -0.27
N ASP D 154 14.26 -0.28 -0.64
CA ASP D 154 14.70 -0.38 -2.03
C ASP D 154 13.77 -1.25 -2.90
N SER D 155 12.73 -1.82 -2.29
CA SER D 155 11.73 -2.67 -2.99
C SER D 155 10.47 -1.95 -3.50
N LYS D 156 10.37 -0.64 -3.27
CA LYS D 156 9.19 0.10 -3.68
C LYS D 156 9.59 1.47 -4.19
N THR D 157 8.68 2.16 -4.87
CA THR D 157 8.99 3.48 -5.40
C THR D 157 8.59 4.55 -4.41
N VAL D 158 9.08 5.77 -4.63
CA VAL D 158 8.78 6.92 -3.78
C VAL D 158 7.32 7.26 -3.97
N ALA D 159 6.85 6.96 -5.17
CA ALA D 159 5.47 7.16 -5.54
C ALA D 159 4.59 6.29 -4.63
N THR D 160 4.88 5.00 -4.54
CA THR D 160 4.02 4.22 -3.69
C THR D 160 4.16 4.66 -2.23
N TRP D 161 5.31 5.18 -1.82
CA TRP D 161 5.44 5.64 -0.45
C TRP D 161 4.59 6.87 -0.14
N LEU D 162 4.49 7.81 -1.09
CA LEU D 162 3.67 9.00 -0.87
C LEU D 162 2.17 8.62 -0.76
N ALA D 163 1.74 7.66 -1.57
CA ALA D 163 0.36 7.19 -1.58
C ALA D 163 -0.03 6.51 -0.27
N GLU D 164 0.91 5.77 0.31
CA GLU D 164 0.64 5.05 1.54
C GLU D 164 0.77 5.89 2.79
N THR D 165 1.58 6.94 2.72
CA THR D 165 1.87 7.79 3.87
C THR D 165 1.08 9.09 4.02
N ILE D 166 0.81 9.75 2.91
CA ILE D 166 0.17 11.05 2.94
C ILE D 166 -1.27 11.13 2.55
N GLU D 167 -1.99 11.96 3.29
CA GLU D 167 -3.40 12.14 3.07
C GLU D 167 -3.73 13.20 2.04
N SER D 168 -3.24 14.41 2.29
CA SER D 168 -3.45 15.56 1.43
C SER D 168 -2.94 15.43 0.00
N GLU D 169 -3.82 15.60 -0.98
CA GLU D 169 -3.39 15.53 -2.35
C GLU D 169 -2.31 16.58 -2.58
N GLU D 170 -2.48 17.75 -1.97
CA GLU D 170 -1.51 18.84 -2.12
C GLU D 170 -0.13 18.52 -1.54
N VAL D 171 -0.08 17.84 -0.40
CA VAL D 171 1.22 17.46 0.16
C VAL D 171 1.90 16.52 -0.85
N ARG D 172 1.15 15.54 -1.35
CA ARG D 172 1.63 14.59 -2.34
C ARG D 172 2.19 15.36 -3.55
N ARG D 173 1.49 16.39 -3.97
CA ARG D 173 1.96 17.13 -5.11
C ARG D 173 3.22 17.93 -4.82
N LEU D 174 3.36 18.42 -3.58
CA LEU D 174 4.57 19.16 -3.22
C LEU D 174 5.79 18.21 -3.25
N HIS D 175 5.65 17.06 -2.60
CA HIS D 175 6.72 16.08 -2.58
C HIS D 175 7.13 15.73 -4.02
N THR D 176 6.15 15.44 -4.86
CA THR D 176 6.44 15.10 -6.23
C THR D 176 7.29 16.13 -7.02
N VAL D 177 6.98 17.43 -6.94
CA VAL D 177 7.83 18.40 -7.65
C VAL D 177 9.22 18.39 -7.05
N ILE D 178 9.26 18.29 -5.73
CA ILE D 178 10.53 18.28 -5.05
C ILE D 178 11.39 17.13 -5.58
N VAL D 179 10.83 15.94 -5.66
CA VAL D 179 11.61 14.81 -6.16
C VAL D 179 11.91 14.98 -7.66
N ASN D 180 10.91 15.46 -8.41
CA ASN D 180 11.07 15.64 -9.84
C ASN D 180 12.13 16.66 -10.17
N THR D 181 12.38 17.56 -9.22
CA THR D 181 13.34 18.62 -9.45
C THR D 181 14.74 18.37 -8.90
N LEU D 182 14.85 17.71 -7.76
CA LEU D 182 16.17 17.45 -7.19
C LEU D 182 16.90 16.34 -7.96
N LEU D 183 16.13 15.37 -8.43
CA LEU D 183 16.61 14.27 -9.26
C LEU D 183 15.94 14.71 -10.56
N GLY D 184 16.14 14.05 -11.67
CA GLY D 184 15.40 14.55 -12.83
C GLY D 184 14.31 13.55 -13.11
N ALA D 185 13.86 12.90 -12.04
CA ALA D 185 12.88 11.84 -12.13
C ALA D 185 11.66 12.03 -11.26
N ASP D 186 10.60 11.30 -11.59
CA ASP D 186 9.36 11.33 -10.83
C ASP D 186 9.35 10.23 -9.75
N PRO D 187 8.66 10.48 -8.64
CA PRO D 187 8.61 9.43 -7.62
C PRO D 187 8.19 8.07 -8.18
N TYR D 188 7.49 8.05 -9.31
CA TYR D 188 7.04 6.78 -9.90
C TYR D 188 8.16 5.91 -10.50
N GLU D 189 9.37 6.45 -10.60
CA GLU D 189 10.44 5.66 -11.17
C GLU D 189 11.68 5.66 -10.30
N VAL D 190 11.55 6.13 -9.07
CA VAL D 190 12.69 6.18 -8.17
C VAL D 190 12.51 5.30 -6.96
N SER D 191 13.56 4.57 -6.61
CA SER D 191 13.54 3.72 -5.42
C SER D 191 13.44 4.58 -4.14
N LEU D 192 12.61 4.14 -3.20
CA LEU D 192 12.45 4.85 -1.95
C LEU D 192 13.78 4.85 -1.21
N LEU D 193 14.43 3.68 -1.13
CA LEU D 193 15.71 3.62 -0.45
C LEU D 193 16.64 4.64 -1.06
N TYR D 194 16.64 4.70 -2.39
CA TYR D 194 17.51 5.65 -3.07
C TYR D 194 17.26 7.09 -2.67
N TRP D 195 16.01 7.49 -2.51
CA TRP D 195 15.78 8.87 -2.17
C TRP D 195 16.09 9.15 -0.70
N ALA D 196 15.74 8.20 0.18
CA ALA D 196 16.05 8.38 1.59
C ALA D 196 17.57 8.64 1.67
N TYR D 197 18.30 7.82 0.92
CA TYR D 197 19.75 7.91 0.83
C TYR D 197 20.17 9.31 0.39
N TYR D 198 19.60 9.76 -0.73
CA TYR D 198 19.93 11.06 -1.27
C TYR D 198 19.72 12.18 -0.25
N VAL D 199 18.55 12.19 0.40
CA VAL D 199 18.25 13.21 1.39
C VAL D 199 19.27 13.10 2.49
N SER D 200 19.57 11.87 2.87
CA SER D 200 20.56 11.70 3.91
C SER D 200 21.94 12.23 3.52
N GLU D 201 22.41 11.82 2.35
CA GLU D 201 23.74 12.23 1.91
C GLU D 201 23.94 13.68 1.50
N CYS D 202 22.86 14.46 1.49
CA CYS D 202 22.98 15.88 1.16
C CYS D 202 22.55 16.73 2.35
N GLU D 203 22.49 16.07 3.50
CA GLU D 203 22.15 16.70 4.78
C GLU D 203 20.70 17.09 5.07
N GLY D 204 19.74 16.36 4.49
CA GLY D 204 18.32 16.61 4.74
C GLY D 204 17.63 17.50 3.73
N ILE D 205 16.30 17.41 3.56
CA ILE D 205 15.63 18.28 2.58
C ILE D 205 15.75 19.71 3.01
N GLN D 206 15.97 19.97 4.29
CA GLN D 206 16.07 21.37 4.63
C GLN D 206 17.22 22.00 3.86
N SER D 207 18.40 21.38 3.85
CA SER D 207 19.48 22.01 3.09
C SER D 207 19.27 21.79 1.60
N LEU D 208 18.77 20.61 1.24
CA LEU D 208 18.51 20.25 -0.15
C LEU D 208 17.61 21.28 -0.80
N MET D 209 16.67 21.79 -0.01
CA MET D 209 15.67 22.75 -0.44
C MET D 209 15.89 24.23 -0.07
N GLY D 210 17.07 24.57 0.43
CA GLY D 210 17.29 25.97 0.80
C GLY D 210 17.04 26.97 -0.33
N THR D 211 16.81 28.23 0.02
CA THR D 211 16.62 29.25 -1.01
C THR D 211 17.67 30.33 -0.87
N ARG D 212 18.17 30.54 0.34
CA ARG D 212 19.19 31.55 0.52
C ARG D 212 20.38 30.98 1.28
N ASP D 213 20.30 29.69 1.57
CA ASP D 213 21.36 28.96 2.30
C ASP D 213 21.26 27.48 2.00
N GLY D 214 21.97 26.67 2.79
CA GLY D 214 21.96 25.23 2.55
C GLY D 214 22.70 24.97 1.26
N ALA D 215 22.07 24.24 0.34
CA ALA D 215 22.72 23.92 -0.93
C ALA D 215 22.76 25.09 -1.89
N GLN D 216 21.83 26.00 -1.73
CA GLN D 216 21.75 27.14 -2.62
C GLN D 216 22.11 28.42 -1.90
N TRP D 217 23.41 28.66 -1.70
CA TRP D 217 23.80 29.87 -1.01
C TRP D 217 24.81 30.80 -1.72
N ALA D 218 25.59 30.28 -2.67
CA ALA D 218 26.58 31.12 -3.33
C ALA D 218 26.96 30.73 -4.76
N TRP D 219 27.58 31.69 -5.48
CA TRP D 219 28.03 31.50 -6.86
C TRP D 219 29.47 31.97 -7.05
N TRP D 220 30.09 31.56 -8.15
CA TRP D 220 31.44 32.00 -8.48
C TRP D 220 31.23 33.14 -9.50
N PHE D 221 31.85 34.31 -9.30
CA PHE D 221 31.68 35.32 -10.33
C PHE D 221 32.39 34.72 -11.55
N GLY D 222 31.80 34.81 -12.73
CA GLY D 222 32.48 34.27 -13.88
C GLY D 222 32.01 32.92 -14.36
N GLY D 223 31.25 32.19 -13.54
CA GLY D 223 30.75 30.90 -13.97
C GLY D 223 31.36 29.73 -13.28
N ALA D 224 30.56 28.69 -13.07
CA ALA D 224 31.04 27.48 -12.38
C ALA D 224 32.08 26.69 -13.14
N ALA D 225 32.06 26.75 -14.46
CA ALA D 225 33.02 25.99 -15.27
C ALA D 225 34.46 26.44 -15.00
N GLN D 226 34.62 27.57 -14.34
CA GLN D 226 35.95 28.07 -14.08
C GLN D 226 36.88 27.20 -13.27
N VAL D 227 36.36 26.58 -12.21
CA VAL D 227 37.22 25.71 -11.41
C VAL D 227 37.95 24.76 -12.35
N SER D 228 37.23 24.22 -13.32
CA SER D 228 37.85 23.29 -14.26
C SER D 228 38.89 23.92 -15.16
N TRP D 229 38.50 24.99 -15.87
CA TRP D 229 39.39 25.68 -16.80
C TRP D 229 40.67 26.13 -16.13
N ARG D 230 40.50 26.66 -14.93
CA ARG D 230 41.59 27.13 -14.11
C ARG D 230 42.53 25.98 -13.74
N ILE D 231 41.98 24.82 -13.42
CA ILE D 231 42.80 23.64 -13.08
C ILE D 231 43.65 23.41 -14.32
N ALA D 232 42.98 23.18 -15.45
CA ALA D 232 43.67 22.95 -16.71
C ALA D 232 44.80 23.95 -16.90
N ASP D 233 44.52 25.24 -16.71
CA ASP D 233 45.57 26.25 -16.85
C ASP D 233 46.69 25.97 -15.85
N ALA D 234 46.31 25.82 -14.58
CA ALA D 234 47.27 25.55 -13.54
C ALA D 234 48.11 24.30 -13.83
N ILE D 235 47.46 23.20 -14.18
CA ILE D 235 48.13 21.94 -14.44
C ILE D 235 48.89 21.82 -15.78
N GLY D 236 48.49 22.61 -16.78
CA GLY D 236 49.10 22.55 -18.10
C GLY D 236 48.03 22.20 -19.11
N ARG D 237 47.40 23.23 -19.70
CA ARG D 237 46.31 23.01 -20.66
C ARG D 237 46.67 21.88 -21.62
N ASP D 238 47.94 21.80 -22.00
CA ASP D 238 48.42 20.76 -22.91
C ASP D 238 48.12 19.34 -22.42
N LYS D 239 47.84 19.19 -21.11
CA LYS D 239 47.56 17.88 -20.51
C LYS D 239 46.11 17.40 -20.66
N PHE D 240 45.23 18.29 -21.07
CA PHE D 240 43.84 17.94 -21.27
C PHE D 240 43.61 17.67 -22.72
N LEU D 241 43.29 16.43 -23.09
CA LEU D 241 43.03 16.10 -24.47
C LEU D 241 41.55 16.10 -24.84
N LEU D 242 41.06 17.20 -25.40
CA LEU D 242 39.67 17.27 -25.77
C LEU D 242 39.39 16.41 -26.99
N GLU D 243 38.11 16.14 -27.25
CA GLU D 243 37.68 15.30 -28.36
C GLU D 243 38.41 13.97 -28.41
N TRP D 244 38.51 13.31 -27.26
CA TRP D 244 39.18 12.03 -27.16
C TRP D 244 38.26 11.11 -26.36
N PRO D 245 37.13 10.71 -26.96
CA PRO D 245 36.15 9.84 -26.32
C PRO D 245 36.76 8.45 -26.13
N VAL D 246 36.81 7.98 -24.89
CA VAL D 246 37.36 6.66 -24.63
C VAL D 246 36.26 5.66 -24.98
N ASP D 247 36.56 4.65 -25.80
CA ASP D 247 35.55 3.66 -26.14
C ASP D 247 35.85 2.26 -25.68
N ARG D 248 37.10 2.00 -25.32
CA ARG D 248 37.51 0.69 -24.83
C ARG D 248 38.58 0.86 -23.76
N ILE D 249 38.50 0.04 -22.72
CA ILE D 249 39.46 0.10 -21.63
C ILE D 249 40.01 -1.29 -21.36
N GLU D 250 41.28 -1.52 -21.70
CA GLU D 250 41.90 -2.81 -21.46
C GLU D 250 42.71 -2.65 -20.19
N HIS D 251 42.42 -3.46 -19.18
CA HIS D 251 43.11 -3.32 -17.93
C HIS D 251 43.59 -4.63 -17.38
N ASP D 252 44.86 -4.65 -16.96
CA ASP D 252 45.50 -5.83 -16.41
C ASP D 252 46.12 -5.46 -15.09
N GLU D 253 47.08 -6.27 -14.68
CA GLU D 253 47.76 -6.06 -13.42
C GLU D 253 48.80 -4.97 -13.52
N SER D 254 49.30 -4.78 -14.73
CA SER D 254 50.32 -3.78 -14.99
C SER D 254 49.75 -2.38 -15.08
N GLY D 255 48.70 -2.22 -15.86
CA GLY D 255 48.12 -0.91 -15.98
C GLY D 255 46.92 -0.88 -16.86
N VAL D 256 46.67 0.26 -17.45
CA VAL D 256 45.51 0.34 -18.31
C VAL D 256 45.84 0.95 -19.65
N THR D 257 45.08 0.55 -20.65
CA THR D 257 45.24 1.05 -21.99
C THR D 257 43.90 1.52 -22.47
N LEU D 258 43.85 2.80 -22.79
CA LEU D 258 42.64 3.43 -23.28
C LEU D 258 42.66 3.51 -24.80
N PHE D 259 41.48 3.38 -25.39
CA PHE D 259 41.35 3.47 -26.83
C PHE D 259 40.29 4.49 -27.21
N SER D 260 40.64 5.30 -28.21
CA SER D 260 39.73 6.28 -28.74
C SER D 260 39.81 5.94 -30.22
N GLY D 261 38.95 5.02 -30.66
CA GLY D 261 39.00 4.60 -32.04
C GLY D 261 40.33 3.96 -32.23
N GLN D 262 41.08 4.39 -33.23
CA GLN D 262 42.41 3.82 -33.45
C GLN D 262 43.44 4.32 -32.43
N ARG D 263 43.37 5.58 -32.03
CA ARG D 263 44.34 6.10 -31.07
C ARG D 263 44.27 5.38 -29.73
N SER D 264 45.33 5.50 -28.94
CA SER D 264 45.37 4.84 -27.64
C SER D 264 46.46 5.39 -26.71
N LEU D 265 46.25 5.26 -25.41
CA LEU D 265 47.20 5.69 -24.40
C LEU D 265 47.38 4.58 -23.37
N ARG D 266 48.41 4.67 -22.55
CA ARG D 266 48.71 3.65 -21.53
C ARG D 266 49.10 4.34 -20.22
N ALA D 267 48.54 3.86 -19.13
CA ALA D 267 48.83 4.44 -17.83
C ALA D 267 48.96 3.36 -16.79
N ARG D 268 49.46 3.76 -15.63
CA ARG D 268 49.63 2.83 -14.53
C ARG D 268 48.28 2.65 -13.84
N HIS D 269 47.50 3.73 -13.82
CA HIS D 269 46.17 3.76 -13.23
C HIS D 269 45.29 4.70 -14.02
N ILE D 270 43.99 4.58 -13.83
CA ILE D 270 43.04 5.50 -14.47
C ILE D 270 41.93 5.80 -13.46
N VAL D 271 41.28 6.94 -13.63
CA VAL D 271 40.17 7.27 -12.79
C VAL D 271 39.10 7.66 -13.78
N ILE D 272 38.03 6.89 -13.80
CA ILE D 272 36.96 7.23 -14.70
C ILE D 272 36.09 8.15 -13.84
N ALA D 273 36.05 9.43 -14.25
CA ALA D 273 35.32 10.46 -13.52
C ALA D 273 34.10 10.95 -14.27
N MET D 274 33.07 10.10 -14.32
CA MET D 274 31.81 10.43 -14.99
C MET D 274 30.70 9.65 -14.31
N SER D 275 29.47 9.85 -14.76
CA SER D 275 28.32 9.14 -14.18
C SER D 275 28.36 7.67 -14.53
N PRO D 276 27.74 6.82 -13.69
CA PRO D 276 27.74 5.38 -13.97
C PRO D 276 27.19 5.15 -15.37
N LEU D 277 26.08 5.81 -15.70
CA LEU D 277 25.48 5.66 -17.04
C LEU D 277 26.47 5.96 -18.15
N ALA D 278 27.18 7.06 -17.99
CA ALA D 278 28.15 7.50 -18.97
C ALA D 278 29.32 6.52 -19.14
N ALA D 279 29.74 5.92 -18.03
CA ALA D 279 30.87 4.99 -18.02
C ALA D 279 30.44 3.68 -18.65
N ASN D 280 29.13 3.42 -18.59
CA ASN D 280 28.58 2.20 -19.12
C ASN D 280 28.60 2.19 -20.64
N GLN D 281 29.00 3.30 -21.24
CA GLN D 281 29.05 3.38 -22.69
C GLN D 281 30.44 3.03 -23.19
N ILE D 282 31.29 2.57 -22.29
CA ILE D 282 32.66 2.19 -22.62
C ILE D 282 32.83 0.67 -22.49
N ARG D 283 33.58 0.04 -23.40
CA ARG D 283 33.81 -1.40 -23.34
C ARG D 283 35.01 -1.66 -22.44
N PHE D 284 34.89 -2.69 -21.59
CA PHE D 284 35.94 -3.08 -20.64
C PHE D 284 36.41 -4.52 -20.88
N GLU D 285 37.67 -4.70 -21.22
CA GLU D 285 38.25 -6.04 -21.39
C GLU D 285 39.34 -6.11 -20.34
N PRO D 286 39.18 -7.00 -19.35
CA PRO D 286 38.07 -7.93 -19.16
C PRO D 286 36.81 -7.23 -18.70
N ALA D 287 35.69 -7.92 -18.85
CA ALA D 287 34.39 -7.40 -18.46
C ALA D 287 34.38 -7.05 -16.99
N LEU D 288 33.69 -5.97 -16.64
CA LEU D 288 33.62 -5.53 -15.25
C LEU D 288 32.94 -6.55 -14.38
N PRO D 289 33.32 -6.61 -13.11
CA PRO D 289 32.68 -7.57 -12.22
C PRO D 289 31.16 -7.30 -12.29
N THR D 290 30.34 -8.30 -11.98
CA THR D 290 28.91 -8.12 -12.18
C THR D 290 28.07 -7.10 -11.36
N SER D 291 28.55 -6.69 -10.20
CA SER D 291 27.79 -5.71 -9.41
C SER D 291 27.97 -4.32 -9.98
N ARG D 292 29.17 -4.00 -10.43
CA ARG D 292 29.45 -2.70 -11.00
C ARG D 292 28.79 -2.66 -12.37
N ALA D 293 28.80 -3.82 -13.03
CA ALA D 293 28.19 -3.97 -14.35
C ALA D 293 26.70 -3.63 -14.28
N GLN D 294 25.99 -4.26 -13.33
CA GLN D 294 24.57 -3.98 -13.09
C GLN D 294 24.39 -2.48 -12.72
N LEU D 295 25.13 -2.04 -11.71
CA LEU D 295 25.06 -0.66 -11.27
C LEU D 295 25.07 0.33 -12.43
N GLN D 296 26.09 0.23 -13.29
CA GLN D 296 26.20 1.14 -14.42
C GLN D 296 25.04 1.04 -15.39
N ALA D 297 24.64 -0.18 -15.68
CA ALA D 297 23.56 -0.39 -16.63
C ALA D 297 22.20 -0.03 -16.07
N ARG D 298 22.10 0.06 -14.75
CA ARG D 298 20.82 0.34 -14.19
C ARG D 298 20.66 1.64 -13.43
N ALA D 299 21.63 2.54 -13.53
CA ALA D 299 21.49 3.82 -12.82
C ALA D 299 21.43 4.96 -13.85
N PRO D 300 20.21 5.30 -14.28
CA PRO D 300 19.89 6.34 -15.25
C PRO D 300 20.16 7.78 -14.77
N MET D 301 20.06 8.73 -15.72
CA MET D 301 20.23 10.15 -15.46
C MET D 301 18.82 10.75 -15.51
N GLY D 302 18.59 11.90 -14.89
CA GLY D 302 17.27 12.52 -14.89
C GLY D 302 16.88 13.07 -16.25
N ARG D 303 15.68 13.64 -16.37
CA ARG D 303 15.19 14.24 -17.61
C ARG D 303 15.02 15.67 -17.10
N TYR D 304 15.79 16.61 -17.65
CA TYR D 304 15.83 18.02 -17.16
C TYR D 304 15.90 19.17 -18.16
N TYR D 305 15.35 20.32 -17.76
CA TYR D 305 15.38 21.55 -18.57
C TYR D 305 15.92 22.65 -17.65
N LYS D 306 16.83 23.48 -18.13
CA LYS D 306 17.23 24.61 -17.30
C LYS D 306 16.86 25.83 -18.12
N VAL D 307 15.83 26.54 -17.67
CA VAL D 307 15.35 27.72 -18.35
C VAL D 307 15.92 28.96 -17.69
N GLN D 308 16.14 29.98 -18.50
CA GLN D 308 16.70 31.23 -18.02
C GLN D 308 16.05 32.46 -18.70
N ALA D 309 15.58 33.42 -17.91
CA ALA D 309 14.96 34.60 -18.47
C ALA D 309 15.55 35.86 -17.85
N ARG D 310 16.14 36.73 -18.68
CA ARG D 310 16.75 37.96 -18.18
C ARG D 310 15.95 39.22 -18.49
N TYR D 311 15.98 40.15 -17.55
CA TYR D 311 15.23 41.38 -17.70
C TYR D 311 16.10 42.53 -17.30
N PRO D 312 15.67 43.75 -17.59
CA PRO D 312 16.41 44.95 -17.25
C PRO D 312 16.48 45.25 -15.76
N SER D 313 15.57 44.71 -14.97
CA SER D 313 15.62 44.96 -13.53
C SER D 313 15.03 43.81 -12.76
N SER D 314 15.41 43.68 -11.49
CA SER D 314 14.88 42.62 -10.64
C SER D 314 13.50 43.00 -10.15
N PHE D 315 12.52 43.17 -11.05
CA PHE D 315 11.20 43.55 -10.58
C PHE D 315 10.67 42.65 -9.46
N TRP D 316 11.01 41.36 -9.49
CA TRP D 316 10.56 40.48 -8.41
C TRP D 316 11.11 40.95 -7.06
N VAL D 317 12.42 41.18 -6.97
CA VAL D 317 12.96 41.66 -5.72
C VAL D 317 12.39 43.03 -5.40
N GLU D 318 12.33 43.91 -6.40
CA GLU D 318 11.83 45.27 -6.21
C GLU D 318 10.41 45.25 -5.57
N GLN D 319 9.63 44.21 -5.84
CA GLN D 319 8.29 44.09 -5.27
C GLN D 319 8.22 43.31 -3.97
N GLY D 320 9.36 42.99 -3.36
CA GLY D 320 9.31 42.25 -2.11
C GLY D 320 9.40 40.74 -2.18
N TYR D 321 9.65 40.22 -3.38
CA TYR D 321 9.76 38.78 -3.58
C TYR D 321 11.21 38.42 -3.83
N SER D 322 11.62 37.27 -3.30
CA SER D 322 13.00 36.81 -3.46
C SER D 322 13.26 36.23 -4.84
N GLY D 323 12.19 35.93 -5.57
CA GLY D 323 12.37 35.32 -6.88
C GLY D 323 12.38 33.82 -6.73
N ALA D 324 12.50 33.31 -5.51
CA ALA D 324 12.46 31.86 -5.27
C ALA D 324 10.98 31.44 -5.30
N LEU D 325 10.71 30.38 -6.07
CA LEU D 325 9.34 29.90 -6.23
C LEU D 325 9.20 28.39 -6.47
N LEU D 326 8.11 27.81 -5.96
CA LEU D 326 7.84 26.38 -6.11
C LEU D 326 6.43 26.23 -6.65
N ASP D 327 6.29 25.54 -7.77
CA ASP D 327 4.98 25.37 -8.41
C ASP D 327 4.64 23.91 -8.60
N THR D 328 3.53 23.47 -8.06
CA THR D 328 3.18 22.08 -8.20
C THR D 328 2.45 21.68 -9.49
N GLU D 329 1.80 22.62 -10.17
CA GLU D 329 1.06 22.24 -11.38
C GLU D 329 1.02 23.14 -12.60
N ASP D 330 1.26 24.44 -12.44
CA ASP D 330 1.18 25.28 -13.61
C ASP D 330 2.18 24.75 -14.63
N VAL D 331 3.43 24.63 -14.21
CA VAL D 331 4.47 24.10 -15.06
C VAL D 331 5.09 22.85 -14.42
N GLY D 332 5.41 22.96 -13.13
CA GLY D 332 6.03 21.88 -12.39
C GLY D 332 7.49 22.26 -12.33
N VAL D 333 7.79 23.25 -11.49
CA VAL D 333 9.14 23.75 -11.45
C VAL D 333 9.54 24.48 -10.18
N PHE D 334 10.85 24.62 -10.00
CA PHE D 334 11.47 25.32 -8.88
C PHE D 334 12.12 26.51 -9.61
N LEU D 335 11.82 27.73 -9.14
CA LEU D 335 12.36 29.00 -9.70
C LEU D 335 13.36 29.53 -8.70
N LEU D 336 14.31 30.33 -9.17
CA LEU D 336 15.32 30.86 -8.27
C LEU D 336 15.98 32.09 -8.91
N ASP D 337 16.30 33.08 -8.09
CA ASP D 337 16.95 34.27 -8.62
C ASP D 337 18.37 33.93 -8.96
N GLY D 338 18.82 34.41 -10.11
CA GLY D 338 20.18 34.13 -10.52
C GLY D 338 20.90 35.39 -10.91
N THR D 339 20.72 36.45 -10.13
CA THR D 339 21.35 37.70 -10.49
C THR D 339 22.61 38.06 -9.71
N LYS D 340 23.72 38.14 -10.44
CA LYS D 340 25.00 38.52 -9.84
C LYS D 340 25.07 40.04 -9.76
N PRO D 341 25.74 40.57 -8.75
CA PRO D 341 25.91 42.02 -8.50
C PRO D 341 26.50 42.64 -9.74
N THR D 342 27.36 41.84 -10.32
CA THR D 342 28.11 42.14 -11.50
C THR D 342 27.29 42.16 -12.79
N ASP D 343 26.25 41.31 -12.87
CA ASP D 343 25.42 41.25 -14.06
C ASP D 343 24.84 42.64 -14.42
N THR D 344 24.41 42.81 -15.66
CA THR D 344 23.83 44.07 -16.12
C THR D 344 22.42 43.77 -16.60
N LEU D 345 21.93 42.59 -16.24
CA LEU D 345 20.59 42.18 -16.58
C LEU D 345 20.16 41.29 -15.41
N ALA D 346 18.94 41.50 -14.90
CA ALA D 346 18.46 40.67 -13.79
C ALA D 346 18.00 39.36 -14.41
N THR D 347 18.23 38.28 -13.68
CA THR D 347 17.86 37.01 -14.24
C THR D 347 17.19 36.02 -13.27
N LEU D 348 16.16 35.37 -13.81
CA LEU D 348 15.36 34.39 -13.09
C LEU D 348 15.59 33.04 -13.75
N ILE D 349 15.99 32.04 -12.99
CA ILE D 349 16.22 30.73 -13.59
C ILE D 349 15.27 29.67 -13.04
N GLY D 350 14.78 28.80 -13.91
CA GLY D 350 13.87 27.76 -13.46
C GLY D 350 14.32 26.36 -13.85
N PHE D 351 13.96 25.37 -13.05
CA PHE D 351 14.36 24.00 -13.35
C PHE D 351 13.15 23.10 -13.48
N ILE D 352 13.03 22.42 -14.61
CA ILE D 352 11.91 21.53 -14.88
C ILE D 352 12.48 20.14 -15.09
N GLY D 353 12.04 19.18 -14.27
CA GLY D 353 12.56 17.83 -14.42
C GLY D 353 11.58 16.68 -14.36
N GLY D 354 12.10 15.49 -14.61
CA GLY D 354 11.27 14.30 -14.58
C GLY D 354 10.05 14.36 -15.48
N SER D 355 8.93 13.93 -14.92
CA SER D 355 7.67 13.91 -15.62
C SER D 355 7.27 15.32 -16.04
N ASN D 356 7.75 16.30 -15.29
CA ASN D 356 7.49 17.69 -15.63
C ASN D 356 8.26 18.02 -16.90
N TYR D 357 9.46 17.45 -17.04
CA TYR D 357 10.22 17.65 -18.24
C TYR D 357 9.45 16.93 -19.35
N ASP D 358 9.15 15.66 -19.12
CA ASP D 358 8.39 14.89 -20.10
C ASP D 358 7.24 15.72 -20.67
N ARG D 359 6.47 16.34 -19.77
CA ARG D 359 5.32 17.12 -20.16
C ARG D 359 5.54 18.18 -21.22
N TRP D 360 6.55 19.00 -20.98
CA TRP D 360 6.85 20.12 -21.85
C TRP D 360 7.66 19.82 -23.09
N ALA D 361 8.52 18.82 -22.99
CA ALA D 361 9.35 18.44 -24.10
C ALA D 361 8.39 18.02 -25.19
N ALA D 362 7.17 17.69 -24.78
CA ALA D 362 6.13 17.26 -25.69
C ALA D 362 5.45 18.43 -26.37
N HIS D 363 5.73 19.63 -25.89
CA HIS D 363 5.14 20.82 -26.47
C HIS D 363 6.19 21.40 -27.39
N THR D 364 5.84 22.50 -28.05
CA THR D 364 6.76 23.15 -28.95
C THR D 364 7.60 24.16 -28.19
N PRO D 365 8.77 24.47 -28.74
CA PRO D 365 9.67 25.42 -28.10
C PRO D 365 8.96 26.65 -27.61
N GLN D 366 8.15 27.24 -28.48
CA GLN D 366 7.38 28.45 -28.16
C GLN D 366 6.31 28.17 -27.11
N GLU D 367 5.58 27.07 -27.25
CA GLU D 367 4.58 26.74 -26.25
C GLU D 367 5.26 26.72 -24.87
N ARG D 368 6.42 26.07 -24.80
CA ARG D 368 7.19 26.00 -23.56
C ARG D 368 7.49 27.39 -23.04
N GLU D 369 8.13 28.18 -23.88
CA GLU D 369 8.47 29.51 -23.45
C GLU D 369 7.25 30.30 -22.96
N ARG D 370 6.16 30.23 -23.70
CA ARG D 370 4.94 30.94 -23.32
C ARG D 370 4.49 30.48 -21.93
N ALA D 371 4.41 29.17 -21.75
CA ALA D 371 3.99 28.60 -20.49
C ALA D 371 4.86 29.09 -19.33
N PHE D 372 6.18 29.09 -19.55
CA PHE D 372 7.12 29.51 -18.53
C PHE D 372 6.96 30.97 -18.17
N LEU D 373 6.85 31.80 -19.21
CA LEU D 373 6.69 33.22 -19.04
C LEU D 373 5.33 33.51 -18.37
N ASP D 374 4.30 32.79 -18.78
CA ASP D 374 2.98 32.94 -18.17
C ASP D 374 3.14 32.82 -16.65
N LEU D 375 3.75 31.73 -16.20
CA LEU D 375 3.99 31.45 -14.79
C LEU D 375 4.70 32.61 -14.11
N LEU D 376 5.85 32.99 -14.67
CA LEU D 376 6.62 34.09 -14.12
C LEU D 376 5.69 35.26 -13.91
N VAL D 377 4.83 35.52 -14.89
CA VAL D 377 3.90 36.62 -14.77
C VAL D 377 2.89 36.43 -13.63
N LYS D 378 2.33 35.23 -13.52
CA LYS D 378 1.38 34.96 -12.46
C LYS D 378 2.02 35.18 -11.10
N ALA D 379 3.32 34.95 -11.02
CA ALA D 379 4.02 35.10 -9.76
C ALA D 379 4.56 36.49 -9.49
N PHE D 380 5.10 37.10 -10.54
CA PHE D 380 5.73 38.40 -10.36
C PHE D 380 5.22 39.60 -11.12
N GLY D 381 4.15 39.42 -11.87
CA GLY D 381 3.63 40.57 -12.59
C GLY D 381 3.92 40.59 -14.07
N PRO D 382 3.24 41.46 -14.80
CA PRO D 382 3.37 41.63 -16.24
C PRO D 382 4.76 41.98 -16.76
N GLN D 383 5.63 42.50 -15.91
CA GLN D 383 6.97 42.80 -16.40
C GLN D 383 7.68 41.52 -16.86
N ALA D 384 7.27 40.38 -16.33
CA ALA D 384 7.89 39.13 -16.73
C ALA D 384 7.46 38.76 -18.13
N ALA D 385 6.28 39.24 -18.50
CA ALA D 385 5.70 38.96 -19.80
C ALA D 385 6.66 39.11 -20.98
N ASP D 386 7.66 39.97 -20.88
CA ASP D 386 8.55 40.15 -22.01
C ASP D 386 10.05 40.29 -21.70
N PRO D 387 10.78 39.17 -21.62
CA PRO D 387 12.21 39.19 -21.31
C PRO D 387 13.15 39.74 -22.37
N SER D 388 14.30 40.23 -21.92
CA SER D 388 15.35 40.76 -22.80
C SER D 388 16.03 39.55 -23.42
N TYR D 389 16.06 38.44 -22.68
CA TYR D 389 16.72 37.24 -23.12
C TYR D 389 16.08 36.00 -22.51
N PHE D 390 15.96 34.96 -23.32
CA PHE D 390 15.39 33.72 -22.85
C PHE D 390 16.23 32.58 -23.42
N HIS D 391 16.45 31.55 -22.61
CA HIS D 391 17.25 30.41 -23.05
C HIS D 391 16.78 29.17 -22.36
N GLU D 392 16.84 28.07 -23.07
CA GLU D 392 16.42 26.79 -22.56
C GLU D 392 17.53 25.85 -22.89
N THR D 393 17.82 24.95 -21.98
CA THR D 393 18.87 24.00 -22.26
C THR D 393 18.35 22.65 -21.75
N ASP D 394 18.12 21.77 -22.73
CA ASP D 394 17.59 20.42 -22.54
C ASP D 394 18.73 19.50 -22.21
N TRP D 395 18.85 19.13 -20.94
CA TRP D 395 19.92 18.26 -20.57
C TRP D 395 19.64 16.81 -20.88
N THR D 396 18.38 16.44 -20.93
CA THR D 396 18.08 15.07 -21.23
C THR D 396 18.61 14.74 -22.65
N GLN D 397 18.80 15.75 -23.48
CA GLN D 397 19.37 15.42 -24.77
C GLN D 397 20.78 15.88 -25.09
N GLN D 398 21.57 16.17 -24.07
CA GLN D 398 22.95 16.55 -24.29
C GLN D 398 23.72 15.25 -24.56
N GLU D 399 24.54 15.28 -25.61
CA GLU D 399 25.29 14.10 -25.99
C GLU D 399 26.10 13.35 -24.94
N TRP D 400 26.92 14.06 -24.16
CA TRP D 400 27.72 13.36 -23.18
C TRP D 400 27.23 13.30 -21.77
N ALA D 401 26.28 14.14 -21.43
CA ALA D 401 25.77 14.10 -20.08
C ALA D 401 24.64 13.09 -20.07
N LYS D 402 23.93 13.03 -21.20
CA LYS D 402 22.81 12.12 -21.38
C LYS D 402 21.63 12.34 -20.42
N GLY D 403 21.48 13.55 -19.88
CA GLY D 403 20.35 13.74 -18.99
C GLY D 403 20.46 14.57 -17.73
N GLY D 404 19.30 14.57 -17.02
CA GLY D 404 18.91 15.23 -15.74
C GLY D 404 19.98 15.97 -15.01
N PRO D 405 19.80 16.34 -13.74
CA PRO D 405 20.94 17.05 -13.13
C PRO D 405 21.85 16.02 -12.49
N VAL D 406 21.23 14.96 -11.98
CA VAL D 406 21.93 13.89 -11.30
C VAL D 406 21.58 12.49 -11.79
N THR D 407 22.14 11.49 -11.13
CA THR D 407 21.85 10.10 -11.42
C THR D 407 20.73 9.71 -10.44
N TYR D 408 19.93 8.72 -10.80
CA TYR D 408 18.90 8.24 -9.88
C TYR D 408 18.84 6.73 -10.10
N MET D 409 18.15 6.03 -9.20
CA MET D 409 18.06 4.58 -9.35
C MET D 409 16.65 4.06 -9.11
N PRO D 410 16.26 3.02 -9.85
CA PRO D 410 14.93 2.44 -9.70
C PRO D 410 15.03 1.45 -8.55
N PRO D 411 13.88 0.92 -8.11
CA PRO D 411 13.92 -0.05 -7.02
C PRO D 411 14.77 -1.23 -7.48
N GLY D 412 15.45 -1.89 -6.55
CA GLY D 412 16.25 -3.04 -6.90
C GLY D 412 17.74 -2.88 -7.09
N VAL D 413 18.24 -1.67 -7.24
CA VAL D 413 19.68 -1.54 -7.45
C VAL D 413 20.54 -1.08 -6.27
N LEU D 414 20.36 0.15 -5.79
CA LEU D 414 21.19 0.66 -4.70
C LEU D 414 21.52 -0.35 -3.60
N ALA D 415 20.52 -1.12 -3.19
CA ALA D 415 20.70 -2.07 -2.10
C ALA D 415 21.45 -3.32 -2.48
N ASN D 416 21.56 -3.60 -3.77
CA ASN D 416 22.24 -4.80 -4.27
C ASN D 416 23.64 -4.55 -4.86
N PHE D 417 23.93 -3.34 -5.32
CA PHE D 417 25.23 -3.06 -5.92
C PHE D 417 25.77 -1.71 -5.50
N GLY D 418 25.09 -1.04 -4.58
CA GLY D 418 25.50 0.26 -4.13
C GLY D 418 26.99 0.43 -3.99
N ALA D 419 27.64 -0.48 -3.27
CA ALA D 419 29.08 -0.38 -3.08
C ALA D 419 29.86 -0.23 -4.38
N ALA D 420 29.31 -0.73 -5.48
CA ALA D 420 29.99 -0.66 -6.76
C ALA D 420 30.27 0.78 -7.16
N LEU D 421 29.55 1.71 -6.54
CA LEU D 421 29.71 3.12 -6.81
C LEU D 421 31.08 3.62 -6.45
N ARG D 422 31.70 2.96 -5.48
CA ARG D 422 32.99 3.42 -4.98
C ARG D 422 34.18 2.48 -5.16
N ASP D 423 33.94 1.19 -5.02
CA ASP D 423 35.02 0.23 -5.11
C ASP D 423 35.69 0.22 -6.46
N PRO D 424 37.03 0.25 -6.46
CA PRO D 424 37.82 0.22 -7.70
C PRO D 424 37.79 -1.18 -8.24
N VAL D 425 38.04 -1.32 -9.52
CA VAL D 425 38.11 -2.64 -10.14
C VAL D 425 39.55 -2.73 -10.61
N GLY D 426 40.40 -3.28 -9.74
CA GLY D 426 41.81 -3.41 -10.07
C GLY D 426 42.52 -2.08 -10.12
N LYS D 427 43.05 -1.73 -11.28
CA LYS D 427 43.77 -0.48 -11.46
C LYS D 427 42.85 0.67 -11.85
N VAL D 428 41.60 0.37 -12.19
CA VAL D 428 40.68 1.42 -12.57
C VAL D 428 39.96 1.87 -11.31
N HIS D 429 39.92 3.18 -11.11
CA HIS D 429 39.29 3.79 -9.94
C HIS D 429 38.14 4.66 -10.36
N PHE D 430 37.20 4.86 -9.45
CA PHE D 430 36.04 5.68 -9.78
C PHE D 430 35.89 7.04 -9.09
N ALA D 431 35.72 8.06 -9.92
CA ALA D 431 35.50 9.40 -9.44
C ALA D 431 34.12 9.77 -9.98
N GLY D 432 33.85 11.04 -10.18
CA GLY D 432 32.51 11.39 -10.61
C GLY D 432 31.73 11.56 -9.29
N THR D 433 30.87 12.56 -9.25
CA THR D 433 30.12 12.87 -8.05
C THR D 433 29.43 11.67 -7.44
N GLU D 434 28.91 10.81 -8.29
CA GLU D 434 28.18 9.64 -7.82
C GLU D 434 28.99 8.76 -6.86
N ALA D 435 30.31 8.93 -6.86
CA ALA D 435 31.20 8.14 -6.01
C ALA D 435 31.57 8.84 -4.71
N SER D 436 30.98 10.01 -4.47
CA SER D 436 31.29 10.69 -3.24
C SER D 436 30.49 10.07 -2.11
N PHE D 437 31.02 10.19 -0.89
CA PHE D 437 30.29 9.65 0.25
C PHE D 437 29.07 10.53 0.44
N GLN D 438 29.33 11.83 0.61
CA GLN D 438 28.28 12.83 0.77
C GLN D 438 28.34 13.88 -0.32
N TRP D 439 27.20 14.50 -0.56
CA TRP D 439 27.05 15.52 -1.59
C TRP D 439 27.23 14.97 -3.02
N SER D 440 26.88 13.70 -3.17
CA SER D 440 26.91 12.99 -4.44
C SER D 440 25.71 13.56 -5.17
N GLY D 441 25.93 14.09 -6.37
CA GLY D 441 24.86 14.70 -7.14
C GLY D 441 25.14 16.17 -7.29
N TYR D 442 26.18 16.63 -6.61
CA TYR D 442 26.56 18.03 -6.62
C TYR D 442 28.04 18.21 -6.96
N MET D 443 28.44 19.44 -7.29
CA MET D 443 29.82 19.72 -7.61
C MET D 443 30.68 19.35 -6.41
N GLU D 444 30.22 19.68 -5.22
CA GLU D 444 30.97 19.36 -4.02
C GLU D 444 31.36 17.89 -4.07
N GLY D 445 30.38 17.04 -4.32
CA GLY D 445 30.62 15.61 -4.41
C GLY D 445 31.63 15.33 -5.50
N GLY D 446 31.45 15.95 -6.65
CA GLY D 446 32.40 15.72 -7.72
C GLY D 446 33.82 16.01 -7.25
N VAL D 447 34.01 17.17 -6.63
CA VAL D 447 35.32 17.52 -6.14
C VAL D 447 35.85 16.49 -5.14
N ARG D 448 35.01 16.11 -4.18
CA ARG D 448 35.44 15.13 -3.20
C ARG D 448 35.80 13.76 -3.78
N ALA D 449 34.96 13.27 -4.68
CA ALA D 449 35.17 11.97 -5.31
C ALA D 449 36.51 11.97 -6.04
N GLY D 450 36.79 13.08 -6.72
CA GLY D 450 38.01 13.21 -7.46
C GLY D 450 39.22 13.16 -6.56
N GLN D 451 39.23 13.99 -5.52
CA GLN D 451 40.34 14.01 -4.59
C GLN D 451 40.55 12.67 -3.88
N LYS D 452 39.45 11.98 -3.54
CA LYS D 452 39.66 10.73 -2.85
C LYS D 452 40.20 9.71 -3.81
N ALA D 453 39.75 9.76 -5.06
CA ALA D 453 40.27 8.81 -6.04
C ALA D 453 41.77 9.05 -6.19
N ALA D 454 42.13 10.33 -6.28
CA ALA D 454 43.50 10.74 -6.45
C ALA D 454 44.38 10.21 -5.32
N ALA D 455 43.93 10.40 -4.08
CA ALA D 455 44.66 9.93 -2.91
C ALA D 455 44.85 8.41 -2.96
N ALA D 456 43.75 7.69 -3.20
CA ALA D 456 43.85 6.24 -3.33
C ALA D 456 44.98 5.89 -4.30
N ILE D 457 44.90 6.44 -5.50
CA ILE D 457 45.92 6.17 -6.50
C ILE D 457 47.31 6.62 -6.02
N ALA D 458 47.38 7.80 -5.40
CA ALA D 458 48.65 8.30 -4.92
C ALA D 458 49.29 7.24 -4.06
N GLU D 459 48.51 6.75 -3.12
CA GLU D 459 48.94 5.72 -2.19
C GLU D 459 49.40 4.42 -2.85
N GLU D 460 48.91 4.13 -4.04
CA GLU D 460 49.30 2.92 -4.73
C GLU D 460 50.64 3.08 -5.42
N LEU D 461 51.25 4.25 -5.30
CA LEU D 461 52.54 4.49 -5.93
C LEU D 461 53.66 4.80 -4.91
PA FAD E . 19.08 -12.75 -29.41
O1A FAD E . 19.55 -12.10 -28.18
O2A FAD E . 18.81 -14.21 -29.46
O5B FAD E . 20.13 -12.39 -30.62
C5B FAD E . 20.62 -11.07 -30.85
C4B FAD E . 21.91 -11.20 -31.68
O4B FAD E . 22.53 -9.90 -31.80
C3B FAD E . 22.96 -12.10 -31.05
O3B FAD E . 23.39 -13.10 -31.92
C2B FAD E . 24.04 -11.14 -30.63
O2B FAD E . 25.32 -11.68 -30.47
C1B FAD E . 23.93 -10.04 -31.69
N9A FAD E . 24.49 -8.71 -31.30
C8A FAD E . 24.42 -8.09 -30.07
N7A FAD E . 25.05 -6.90 -30.05
C5A FAD E . 25.55 -6.74 -31.33
C6A FAD E . 26.31 -5.69 -31.95
N6A FAD E . 26.71 -4.58 -31.35
N1A FAD E . 26.64 -5.85 -33.27
C2A FAD E . 26.26 -6.98 -33.95
N3A FAD E . 25.54 -8.02 -33.42
C4A FAD E . 25.21 -7.85 -32.11
N1 FAD E . 12.46 -18.68 -25.49
C2 FAD E . 11.50 -19.56 -25.88
O2 FAD E . 10.70 -19.28 -26.77
N3 FAD E . 11.47 -20.81 -25.26
C4 FAD E . 12.33 -21.21 -24.27
O4 FAD E . 12.22 -22.36 -23.77
C4X FAD E . 13.32 -20.28 -23.87
N5 FAD E . 14.27 -20.60 -22.90
C5X FAD E . 15.28 -19.73 -22.58
C6 FAD E . 16.27 -20.08 -21.67
C7 FAD E . 17.36 -19.25 -21.36
C7M FAD E . 18.39 -19.71 -20.37
C8 FAD E . 17.44 -17.98 -22.00
C8M FAD E . 18.60 -17.05 -21.74
C9 FAD E . 16.45 -17.59 -22.93
C9A FAD E . 15.35 -18.46 -23.24
N10 FAD E . 14.35 -18.11 -24.19
C10 FAD E . 13.35 -19.03 -24.52
C1' FAD E . 14.36 -16.79 -24.89
C2' FAD E . 14.74 -16.85 -26.34
O2' FAD E . 15.98 -17.53 -26.44
C3' FAD E . 14.84 -15.42 -26.85
O3' FAD E . 13.58 -14.77 -26.75
C4' FAD E . 15.23 -15.26 -28.29
O4' FAD E . 16.34 -16.08 -28.64
C5' FAD E . 15.56 -13.82 -28.58
O5' FAD E . 15.94 -13.79 -29.95
P FAD E . 16.47 -12.51 -30.63
O1P FAD E . 16.81 -12.86 -32.03
O2P FAD E . 15.49 -11.37 -30.48
O3P FAD E . 17.71 -12.05 -29.75
C1 CYH F . 11.70 -20.37 -19.84
O1 CYH F . 11.54 -19.57 -20.78
C2 CYH F . 12.10 -21.82 -20.08
C3 CYH F . 11.13 -22.78 -19.34
C4 CYH F . 10.77 -22.36 -17.89
C5 CYH F . 10.41 -20.88 -17.77
C6 CYH F . 11.48 -19.98 -18.39
PA FAD G . -36.04 -0.74 9.81
O1A FAD G . -34.89 -0.10 10.46
O2A FAD G . -36.76 -0.09 8.69
O5B FAD G . -37.16 -1.10 10.96
C5B FAD G . -36.80 -1.74 12.20
C4B FAD G . -37.94 -1.47 13.20
O4B FAD G . -37.56 -1.95 14.49
C3B FAD G . -38.27 -0.01 13.37
O3B FAD G . -39.63 0.27 13.16
C2B FAD G . -37.78 0.30 14.76
O2B FAD G . -38.38 1.41 15.39
C1B FAD G . -38.00 -1.05 15.47
N9A FAD G . -37.18 -1.25 16.71
C8A FAD G . -35.87 -0.88 16.92
N7A FAD G . -35.43 -1.21 18.15
C5A FAD G . -36.51 -1.82 18.76
C6A FAD G . -36.69 -2.38 20.07
N6A FAD G . -35.77 -2.42 21.02
N1A FAD G . -37.93 -2.92 20.37
C2A FAD G . -38.92 -2.90 19.42
N3A FAD G . -38.82 -2.38 18.16
C4A FAD G . -37.60 -1.85 17.88
N1 FAD G . -33.92 1.43 0.58
C2 FAD G . -34.38 1.17 -0.68
O2 FAD G . -34.65 0.04 -1.02
N3 FAD G . -34.55 2.24 -1.54
C4 FAD G . -34.26 3.56 -1.24
O4 FAD G . -34.45 4.45 -2.09
C4X FAD G . -33.80 3.81 0.08
N5 FAD G . -33.51 5.11 0.51
C5X FAD G . -33.14 5.36 1.81
C6 FAD G . -32.94 6.66 2.24
C7 FAD G . -32.62 6.97 3.58
C7M FAD G . -32.43 8.41 3.99
C8 FAD G . -32.49 5.91 4.50
C8M FAD G . -32.16 6.16 5.96
C9 FAD G . -32.67 4.57 4.08
C9A FAD G . -33.00 4.27 2.72
N10 FAD G . -33.24 2.94 2.26
C10 FAD G . -33.64 2.72 0.95
C1' FAD G . -33.09 1.76 3.18
C2' FAD G . -34.38 1.12 3.58
O2' FAD G . -35.21 2.11 4.11
C3' FAD G . -34.05 0.05 4.60
O3' FAD G . -33.22 -0.96 4.03
C4' FAD G . -35.23 -0.73 5.14
O4' FAD G . -36.29 0.13 5.51
C5' FAD G . -34.79 -1.54 6.34
O5' FAD G . -35.97 -2.19 6.79
P FAD G . -36.00 -3.05 8.07
O1P FAD G . -37.39 -3.53 8.25
O2P FAD G . -34.97 -4.14 8.02
O3P FAD G . -35.49 -2.09 9.23
C1 CYH H . -30.15 5.46 -1.64
O1 CYH H . -30.41 4.34 -1.16
C2 CYH H . -31.23 6.34 -2.22
C3 CYH H . -30.85 6.84 -3.64
C4 CYH H . -29.36 7.28 -3.80
C5 CYH H . -28.37 6.32 -3.16
C6 CYH H . -28.73 6.01 -1.70
PA FAD I . -13.50 -1.96 34.84
O1A FAD I . -13.98 -2.56 33.59
O2A FAD I . -12.42 -2.60 35.64
O5B FAD I . -14.78 -1.71 35.83
C5B FAD I . -16.01 -1.13 35.38
C4B FAD I . -17.10 -1.52 36.40
O4B FAD I . -18.38 -1.09 35.90
C3B FAD I . -17.22 -3.02 36.62
O3B FAD I . -17.14 -3.36 37.97
C2B FAD I . -18.54 -3.36 35.97
O2B FAD I . -19.16 -4.52 36.43
C1B FAD I . -19.35 -2.07 36.18
N9A FAD I . -20.50 -1.88 35.25
C8A FAD I . -20.54 -2.18 33.90
N7A FAD I . -21.74 -1.89 33.35
C5A FAD I . -22.50 -1.38 34.38
C6A FAD I . -23.85 -0.90 34.46
N6A FAD I . -24.69 -0.85 33.44
N1A FAD I . -24.30 -0.45 35.69
C2A FAD I . -23.48 -0.48 36.77
N3A FAD I . -22.18 -0.93 36.78
C4A FAD I . -21.74 -1.37 35.57
N1 FAD I . -3.98 -3.50 33.62
C2 FAD I . -2.81 -3.21 34.23
O2 FAD I . -2.55 -2.07 34.60
N3 FAD I . -1.89 -4.24 34.42
C4 FAD I . -2.09 -5.54 34.03
O4 FAD I . -1.22 -6.41 34.27
C4X FAD I . -3.33 -5.84 33.41
N5 FAD I . -3.65 -7.14 33.01
C5X FAD I . -4.89 -7.43 32.49
C6 FAD I . -5.22 -8.74 32.17
C7 FAD I . -6.49 -9.10 31.68
C7M FAD I . -6.80 -10.54 31.38
C8 FAD I . -7.46 -8.07 31.51
C8M FAD I . -8.86 -8.39 31.03
C9 FAD I . -7.14 -6.73 31.81
C9A FAD I . -5.84 -6.38 32.31
N10 FAD I . -5.49 -5.05 32.67
C10 FAD I . -4.25 -4.79 33.23
C1' FAD I . -6.45 -3.92 32.49
C2' FAD I . -7.02 -3.37 33.77
O2' FAD I . -7.58 -4.44 34.48
C3' FAD I . -8.07 -2.33 33.38
O3' FAD I . -7.47 -1.26 32.67
C4' FAD I . -8.78 -1.67 34.54
O4' FAD I . -9.21 -2.61 35.51
C5' FAD I . -9.96 -0.90 34.02
O5' FAD I . -10.58 -0.35 35.19
P FAD I . -11.91 0.45 35.12
O1P FAD I . -12.25 0.83 36.50
O2P FAD I . -11.80 1.60 34.15
O3P FAD I . -12.94 -0.54 34.43
C1 CYH J . -1.14 -7.16 29.90
O1 CYH J . -1.72 -6.09 30.16
C2 CYH J . -0.63 -8.09 30.98
C3 CYH J . 0.84 -8.47 30.72
C4 CYH J . 1.19 -8.82 29.24
C5 CYH J . 0.60 -7.83 28.24
C6 CYH J . -0.90 -7.62 28.46
PA FAD K . 30.34 15.51 -15.33
O1A FAD K . 29.21 14.80 -15.93
O2A FAD K . 30.26 16.96 -14.97
O5B FAD K . 31.66 15.30 -16.27
C5B FAD K . 32.04 14.02 -16.81
C4B FAD K . 32.95 14.29 -18.01
O4B FAD K . 33.23 13.04 -18.68
C3B FAD K . 32.35 15.20 -19.06
O3B FAD K . 33.19 16.28 -19.37
C2B FAD K . 32.09 14.27 -20.22
O2B FAD K . 32.01 14.88 -21.48
C1B FAD K . 33.22 13.24 -20.07
N9A FAD K . 32.98 11.93 -20.74
C8A FAD K . 31.80 11.23 -20.80
N7A FAD K . 31.92 10.07 -21.49
C5A FAD K . 33.24 10.02 -21.88
C6A FAD K . 34.01 9.07 -22.64
N6A FAD K . 33.52 7.93 -23.14
N1A FAD K . 35.34 9.33 -22.85
C2A FAD K . 35.89 10.48 -22.35
N3A FAD K . 35.22 11.43 -21.63
C4A FAD K . 33.92 11.17 -21.42
N1 FAD K . 25.45 20.78 -8.77
C2 FAD K . 25.70 21.63 -7.75
O2 FAD K . 26.53 21.36 -6.89
N3 FAD K . 24.98 22.82 -7.71
C4 FAD K . 24.04 23.21 -8.63
O4 FAD K . 23.46 24.31 -8.51
C4X FAD K . 23.80 22.31 -9.71
N5 FAD K . 22.88 22.62 -10.72
C5X FAD K . 22.73 21.78 -11.80
C6 FAD K . 21.87 22.13 -12.84
C7 FAD K . 21.72 21.34 -14.00
C7M FAD K . 20.80 21.79 -15.08
C8 FAD K . 22.47 20.13 -14.09
C8M FAD K . 22.37 19.25 -15.30
C9 FAD K . 23.33 19.74 -13.03
C9A FAD K . 23.48 20.56 -11.86
N10 FAD K . 24.37 20.23 -10.80
C10 FAD K . 24.54 21.11 -9.74
C1' FAD K . 25.15 18.96 -10.82
C2' FAD K . 26.62 19.15 -11.07
O2' FAD K . 26.77 19.89 -12.26
C3' FAD K . 27.24 17.76 -11.19
O3' FAD K . 27.09 17.03 -9.98
C4' FAD K . 28.73 17.72 -11.45
O4' FAD K . 29.10 18.63 -12.49
C5' FAD K . 29.13 16.33 -11.83
O5' FAD K . 30.53 16.41 -12.10
P FAD K . 31.35 15.20 -12.63
O1P FAD K . 32.74 15.67 -12.81
O2P FAD K . 31.20 14.01 -11.72
O3P FAD K . 30.62 14.76 -13.96
C1 CYH L . 19.65 22.03 -8.45
O1 CYH L . 20.62 21.29 -8.24
C2 CYH L . 19.82 23.51 -8.74
C3 CYH L . 18.92 24.36 -7.81
C4 CYH L . 17.48 23.83 -7.59
C5 CYH L . 17.44 22.33 -7.32
C6 CYH L . 18.21 21.53 -8.37
#